data_8WZ5
#
_entry.id   8WZ5
#
loop_
_entity.id
_entity.type
_entity.pdbx_description
1 polymer 'RSV Fusion glycoprotein'
2 polymer '5B11 Fab Heavy Chain'
3 polymer '5B11 Fab Light Chain'
#
loop_
_entity_poly.entity_id
_entity_poly.type
_entity_poly.pdbx_seq_one_letter_code
_entity_poly.pdbx_strand_id
1 'polypeptide(L)'
;SSQNITEEFYQSTCSAVSRGYFGALRTGWYTSVITIELSNIKEIKCNGTDTKVKLIKQELDKYKNAVTDLQLLMQNPAAN
NRARREAPQYMNYTINTIKNLNVSISKKRKRRFLGFLLGVGSAICSGIAVCKVLHLEGEVNKIKNALLSTNKAVVSLSNG
VSVLTFKVLDLKNYINNRLLPILNQQSCRIPNIETVIEFQQMNSRLLEITREFSVNAGVTTPLSTYMLTNSELLSLINDM
PITNDQKKLMSSNVQIVRQQSYSIMCIIKEEVLAYVVQLPIYGVIDTPCWKLHTSPLCTTNIKEGSNICLTRTDRGWYCD
NAGSVSFFPQADTCKVQSNRVFCDTMNSLTLPSEVSLCNTDIFNSKYDCKIMTSKTDISSSVITSLGAIVSCYGKTKCTA
SNKNRGIIKTFSNGCDYVSNKGVDTVSVGNTLYCVNKLEGQNLYVKGEPIINYYDPLVFPSDEFDASISQVNEKINQSLA
FIRRSDELLSAI
;
A,B,C
2 'polypeptide(L)'
;QIQLVQSGPELKKPGASVKISCKASGYTFTDYSMHWLKQAPGKGLKWMGWITTETGEPTYADDFKGRFAFSLDTSASTAY
LQISSLKAEDTGVYFCARYYYGPFYWGQGTLVTVSS
;
H,D,E
3 'polypeptide(L)'
;DIQMTQSPSSLSASVGDRVTITCRSSGNIHNFLTWYQQKPGKSPQFLVYNAKTLADGVPSRFSGSGSGTQFTLTISSLQP
EDFGIYYCQHFWTTPYTFGGGTKVEIK
;
L,F,G
#
# COMPACT_ATOMS: atom_id res chain seq x y z
N SER A 1 -5.01 27.51 -24.78
CA SER A 1 -5.80 27.73 -23.58
C SER A 1 -4.98 28.41 -22.48
N SER A 2 -4.91 29.73 -22.53
CA SER A 2 -4.17 30.47 -21.51
C SER A 2 -4.85 30.34 -20.16
N GLN A 3 -4.04 30.22 -19.10
CA GLN A 3 -4.54 30.04 -17.74
C GLN A 3 -4.90 31.40 -17.16
N ASN A 4 -6.09 31.88 -17.52
CA ASN A 4 -6.58 33.17 -17.04
C ASN A 4 -7.50 32.96 -15.82
N ILE A 5 -6.91 32.46 -14.75
CA ILE A 5 -7.64 32.23 -13.51
C ILE A 5 -7.82 33.55 -12.79
N THR A 6 -9.06 33.86 -12.42
CA THR A 6 -9.40 35.12 -11.75
C THR A 6 -10.11 34.79 -10.44
N GLU A 7 -9.42 34.93 -9.33
CA GLU A 7 -9.99 34.69 -8.02
C GLU A 7 -10.48 36.00 -7.42
N GLU A 8 -11.66 35.97 -6.81
CA GLU A 8 -12.25 37.13 -6.15
C GLU A 8 -12.51 36.79 -4.69
N PHE A 9 -11.69 37.34 -3.80
CA PHE A 9 -11.89 37.16 -2.38
C PHE A 9 -12.99 38.10 -1.88
N TYR A 10 -13.81 37.61 -0.95
CA TYR A 10 -14.90 38.38 -0.38
C TYR A 10 -14.64 38.59 1.11
N GLN A 11 -15.02 39.75 1.61
CA GLN A 11 -14.98 40.02 3.05
C GLN A 11 -16.33 39.83 3.72
N SER A 12 -17.39 39.59 2.95
CA SER A 12 -18.70 39.35 3.54
C SER A 12 -18.74 37.99 4.24
N THR A 13 -18.51 36.92 3.50
CA THR A 13 -18.46 35.58 4.04
C THR A 13 -17.03 35.03 4.11
N CYS A 14 -16.03 35.82 3.74
CA CYS A 14 -14.63 35.42 3.76
C CYS A 14 -14.43 34.08 3.04
N SER A 15 -15.08 33.96 1.89
CA SER A 15 -14.94 32.81 1.01
C SER A 15 -14.43 33.28 -0.34
N ALA A 16 -13.35 32.68 -0.81
CA ALA A 16 -12.68 33.10 -2.04
C ALA A 16 -13.01 32.09 -3.14
N VAL A 17 -13.66 32.58 -4.19
CA VAL A 17 -14.10 31.73 -5.30
C VAL A 17 -13.20 31.95 -6.50
N SER A 18 -12.53 30.89 -6.93
CA SER A 18 -11.74 30.96 -8.16
C SER A 18 -12.66 30.96 -9.37
N ARG A 19 -12.08 31.23 -10.54
CA ARG A 19 -12.82 31.26 -11.79
C ARG A 19 -11.90 30.86 -12.92
N GLY A 20 -12.46 30.78 -14.13
CA GLY A 20 -11.67 30.50 -15.31
C GLY A 20 -11.33 29.04 -15.53
N TYR A 21 -11.86 28.13 -14.72
CA TYR A 21 -11.58 26.71 -14.85
C TYR A 21 -12.63 26.07 -15.74
N PHE A 22 -12.19 25.43 -16.82
CA PHE A 22 -13.09 24.76 -17.76
C PHE A 22 -13.13 23.27 -17.41
N GLY A 23 -14.23 22.86 -16.77
CA GLY A 23 -14.35 21.49 -16.31
C GLY A 23 -14.85 20.53 -17.36
N ALA A 24 -14.95 19.27 -16.95
CA ALA A 24 -15.42 18.21 -17.84
C ALA A 24 -16.06 17.13 -16.96
N LEU A 25 -17.39 17.14 -16.90
CA LEU A 25 -18.12 16.21 -16.05
C LEU A 25 -18.28 14.86 -16.74
N ARG A 26 -18.32 13.81 -15.93
CA ARG A 26 -18.54 12.45 -16.41
C ARG A 26 -19.95 12.00 -16.01
N THR A 27 -20.72 11.55 -16.98
CA THR A 27 -22.10 11.15 -16.75
C THR A 27 -22.35 9.65 -16.91
N GLY A 28 -21.37 8.88 -17.36
CA GLY A 28 -21.57 7.46 -17.54
C GLY A 28 -20.24 6.75 -17.73
N TRP A 29 -20.34 5.42 -17.82
CA TRP A 29 -19.19 4.55 -17.99
C TRP A 29 -19.23 3.90 -19.37
N TYR A 30 -18.13 3.21 -19.70
CA TYR A 30 -18.03 2.44 -20.95
C TYR A 30 -17.31 1.14 -20.60
N THR A 31 -18.09 0.10 -20.32
CA THR A 31 -17.53 -1.18 -19.92
C THR A 31 -16.98 -1.93 -21.13
N SER A 32 -15.71 -2.31 -21.05
CA SER A 32 -15.07 -3.11 -22.07
C SER A 32 -14.44 -4.34 -21.43
N VAL A 33 -14.44 -5.44 -22.18
CA VAL A 33 -14.01 -6.73 -21.66
C VAL A 33 -12.56 -6.96 -22.08
N ILE A 34 -11.70 -7.22 -21.10
CA ILE A 34 -10.29 -7.51 -21.33
C ILE A 34 -10.03 -8.94 -20.86
N THR A 35 -9.56 -9.79 -21.76
CA THR A 35 -9.41 -11.22 -21.50
C THR A 35 -7.94 -11.61 -21.52
N ILE A 36 -7.53 -12.40 -20.53
CA ILE A 36 -6.21 -13.02 -20.48
C ILE A 36 -6.40 -14.51 -20.66
N GLU A 37 -5.78 -15.07 -21.70
CA GLU A 37 -5.97 -16.48 -22.05
C GLU A 37 -5.06 -17.32 -21.17
N LEU A 38 -5.61 -17.79 -20.05
CA LEU A 38 -4.87 -18.67 -19.16
C LEU A 38 -4.79 -20.07 -19.76
N SER A 39 -3.88 -20.87 -19.21
CA SER A 39 -3.71 -22.26 -19.60
C SER A 39 -3.78 -23.13 -18.36
N ASN A 40 -4.63 -24.15 -18.40
CA ASN A 40 -4.78 -25.09 -17.28
C ASN A 40 -3.83 -26.25 -17.53
N ILE A 41 -2.60 -26.11 -17.02
CA ILE A 41 -1.55 -27.10 -17.21
C ILE A 41 -1.50 -28.00 -15.99
N LYS A 42 -1.53 -29.31 -16.21
CA LYS A 42 -1.46 -30.26 -15.12
C LYS A 42 -0.04 -30.33 -14.56
N GLU A 43 0.08 -30.85 -13.35
CA GLU A 43 1.37 -30.99 -12.68
C GLU A 43 2.29 -31.87 -13.51
N ILE A 44 3.38 -31.29 -14.02
CA ILE A 44 4.28 -32.02 -14.90
C ILE A 44 5.00 -33.11 -14.12
N LYS A 45 5.33 -34.20 -14.82
CA LYS A 45 6.07 -35.31 -14.24
C LYS A 45 7.55 -35.17 -14.58
N CYS A 46 8.16 -34.12 -14.04
CA CYS A 46 9.56 -33.81 -14.27
C CYS A 46 10.36 -34.08 -13.01
N ASN A 47 11.48 -34.79 -13.17
CA ASN A 47 12.35 -35.15 -12.04
C ASN A 47 13.75 -34.59 -12.19
N GLY A 48 13.92 -33.54 -12.99
CA GLY A 48 15.23 -32.93 -13.13
C GLY A 48 15.66 -32.20 -11.88
N THR A 49 16.98 -32.09 -11.71
CA THR A 49 17.55 -31.45 -10.54
C THR A 49 18.34 -30.18 -10.88
N ASP A 50 18.31 -29.75 -12.14
CA ASP A 50 19.05 -28.57 -12.54
C ASP A 50 18.39 -27.31 -11.97
N THR A 51 19.20 -26.26 -11.85
CA THR A 51 18.71 -25.00 -11.29
C THR A 51 17.65 -24.36 -12.19
N LYS A 52 17.87 -24.38 -13.51
CA LYS A 52 16.92 -23.74 -14.42
C LYS A 52 15.59 -24.49 -14.44
N VAL A 53 15.64 -25.83 -14.49
CA VAL A 53 14.41 -26.61 -14.46
C VAL A 53 13.67 -26.38 -13.17
N LYS A 54 14.39 -26.36 -12.04
CA LYS A 54 13.75 -26.09 -10.77
C LYS A 54 13.08 -24.72 -10.75
N LEU A 55 13.79 -23.70 -11.26
CA LEU A 55 13.25 -22.34 -11.26
C LEU A 55 11.99 -22.26 -12.09
N ILE A 56 11.99 -22.92 -13.25
CA ILE A 56 10.77 -23.03 -14.05
C ILE A 56 9.69 -23.73 -13.24
N LYS A 57 10.08 -24.69 -12.40
CA LYS A 57 9.08 -25.41 -11.60
C LYS A 57 8.42 -24.50 -10.58
N GLN A 58 9.19 -23.73 -9.80
CA GLN A 58 8.47 -22.83 -8.88
C GLN A 58 7.75 -21.72 -9.62
N GLU A 59 8.21 -21.30 -10.81
CA GLU A 59 7.45 -20.29 -11.54
C GLU A 59 6.11 -20.83 -12.00
N LEU A 60 6.08 -22.07 -12.50
CA LEU A 60 4.82 -22.71 -12.85
C LEU A 60 3.95 -22.93 -11.62
N ASP A 61 4.56 -23.25 -10.48
CA ASP A 61 3.80 -23.38 -9.24
C ASP A 61 3.17 -22.05 -8.84
N LYS A 62 3.91 -20.95 -9.00
CA LYS A 62 3.36 -19.62 -8.74
C LYS A 62 2.19 -19.33 -9.68
N TYR A 63 2.34 -19.68 -10.96
CA TYR A 63 1.25 -19.46 -11.91
C TYR A 63 0.01 -20.26 -11.53
N LYS A 64 0.19 -21.52 -11.14
CA LYS A 64 -0.94 -22.36 -10.74
C LYS A 64 -1.59 -21.82 -9.47
N ASN A 65 -0.78 -21.36 -8.51
CA ASN A 65 -1.34 -20.77 -7.30
C ASN A 65 -2.13 -19.51 -7.60
N ALA A 66 -1.63 -18.70 -8.53
CA ALA A 66 -2.35 -17.50 -8.94
C ALA A 66 -3.69 -17.86 -9.58
N VAL A 67 -3.70 -18.88 -10.44
CA VAL A 67 -4.94 -19.31 -11.07
C VAL A 67 -5.93 -19.81 -10.02
N THR A 68 -5.45 -20.61 -9.07
CA THR A 68 -6.32 -21.13 -8.03
C THR A 68 -6.87 -20.00 -7.16
N ASP A 69 -6.04 -19.00 -6.86
CA ASP A 69 -6.50 -17.86 -6.08
C ASP A 69 -7.56 -17.09 -6.84
N LEU A 70 -7.38 -16.93 -8.16
CA LEU A 70 -8.38 -16.25 -8.98
C LEU A 70 -9.70 -17.01 -8.96
N GLN A 71 -9.65 -18.33 -9.07
CA GLN A 71 -10.88 -19.12 -8.93
C GLN A 71 -11.49 -18.94 -7.55
N LEU A 72 -10.64 -18.79 -6.52
CA LEU A 72 -11.15 -18.61 -5.17
C LEU A 72 -11.94 -17.31 -5.05
N LEU A 73 -11.43 -16.22 -5.62
CA LEU A 73 -12.25 -15.00 -5.60
C LEU A 73 -13.47 -15.13 -6.50
N MET A 74 -13.36 -15.89 -7.59
CA MET A 74 -14.53 -16.13 -8.44
C MET A 74 -15.60 -16.95 -7.72
N GLN A 75 -15.24 -17.67 -6.67
CA GLN A 75 -16.22 -18.48 -5.94
C GLN A 75 -17.34 -17.60 -5.36
N ASN A 76 -16.97 -16.48 -4.75
CA ASN A 76 -17.96 -15.57 -4.17
C ASN A 76 -18.14 -14.32 -5.02
N GLY A 121 -22.43 0.52 -5.56
CA GLY A 121 -22.96 1.76 -6.13
C GLY A 121 -22.94 1.67 -7.63
N SER A 122 -23.16 2.77 -8.36
CA SER A 122 -23.06 2.79 -9.85
C SER A 122 -21.57 2.71 -10.16
N ALA A 123 -20.74 2.74 -9.11
CA ALA A 123 -19.30 2.53 -9.23
C ALA A 123 -19.07 1.18 -9.87
N ILE A 124 -19.95 0.22 -9.67
CA ILE A 124 -19.71 -1.15 -10.16
C ILE A 124 -21.00 -1.83 -10.67
N CYS A 125 -22.18 -1.22 -10.87
CA CYS A 125 -23.31 -2.03 -11.32
C CYS A 125 -23.20 -2.38 -12.80
N SER A 126 -22.64 -1.47 -13.62
CA SER A 126 -22.49 -1.79 -15.04
C SER A 126 -21.53 -2.95 -15.24
N GLY A 127 -20.38 -2.93 -14.56
CA GLY A 127 -19.46 -4.05 -14.64
C GLY A 127 -20.06 -5.33 -14.09
N ILE A 128 -20.82 -5.23 -13.01
CA ILE A 128 -21.47 -6.41 -12.44
C ILE A 128 -22.45 -7.01 -13.43
N ALA A 129 -23.24 -6.17 -14.09
CA ALA A 129 -24.19 -6.65 -15.09
C ALA A 129 -23.46 -7.29 -16.27
N VAL A 130 -22.35 -6.70 -16.70
CA VAL A 130 -21.59 -7.31 -17.80
C VAL A 130 -21.03 -8.66 -17.39
N CYS A 131 -20.53 -8.77 -16.14
CA CYS A 131 -20.04 -10.06 -15.66
C CYS A 131 -21.15 -11.09 -15.63
N LYS A 132 -22.33 -10.69 -15.14
CA LYS A 132 -23.45 -11.63 -15.07
C LYS A 132 -23.89 -12.07 -16.47
N VAL A 133 -23.93 -11.14 -17.43
CA VAL A 133 -24.27 -11.51 -18.80
C VAL A 133 -23.24 -12.47 -19.37
N LEU A 134 -21.96 -12.20 -19.11
CA LEU A 134 -20.90 -13.08 -19.61
C LEU A 134 -20.91 -14.43 -18.90
N HIS A 135 -21.54 -14.51 -17.72
CA HIS A 135 -21.69 -15.79 -17.05
C HIS A 135 -22.65 -16.73 -17.75
N LEU A 136 -23.49 -16.20 -18.65
CA LEU A 136 -24.36 -17.05 -19.45
C LEU A 136 -23.52 -17.96 -20.33
N GLU A 137 -23.99 -19.19 -20.53
CA GLU A 137 -23.23 -20.17 -21.29
C GLU A 137 -23.31 -19.84 -22.77
N GLY A 138 -22.14 -19.73 -23.41
CA GLY A 138 -22.03 -19.41 -24.81
C GLY A 138 -21.43 -18.04 -25.09
N GLU A 139 -21.52 -17.11 -24.14
CA GLU A 139 -20.95 -15.78 -24.36
C GLU A 139 -19.43 -15.83 -24.42
N VAL A 140 -18.81 -16.61 -23.54
CA VAL A 140 -17.36 -16.80 -23.60
C VAL A 140 -16.97 -17.43 -24.93
N ASN A 141 -17.79 -18.34 -25.43
CA ASN A 141 -17.53 -18.96 -26.72
C ASN A 141 -17.52 -17.92 -27.83
N LYS A 142 -18.50 -17.02 -27.83
CA LYS A 142 -18.54 -15.97 -28.84
C LYS A 142 -17.36 -15.01 -28.72
N ILE A 143 -16.98 -14.69 -27.48
CA ILE A 143 -15.83 -13.78 -27.28
C ILE A 143 -14.56 -14.42 -27.85
N LYS A 144 -14.33 -15.70 -27.54
CA LYS A 144 -13.16 -16.38 -28.07
C LYS A 144 -13.22 -16.52 -29.58
N ASN A 145 -14.41 -16.79 -30.14
CA ASN A 145 -14.55 -16.88 -31.58
C ASN A 145 -14.20 -15.55 -32.25
N ALA A 146 -14.67 -14.44 -31.68
CA ALA A 146 -14.36 -13.13 -32.24
C ALA A 146 -12.86 -12.82 -32.13
N LEU A 147 -12.26 -13.13 -30.99
CA LEU A 147 -10.85 -12.85 -30.76
C LEU A 147 -9.94 -13.97 -31.22
N LEU A 148 -10.45 -14.89 -32.04
CA LEU A 148 -9.62 -15.99 -32.53
C LEU A 148 -8.45 -15.49 -33.36
N SER A 149 -8.65 -14.48 -34.20
CA SER A 149 -7.62 -14.02 -35.11
C SER A 149 -7.17 -12.58 -34.89
N THR A 150 -7.93 -11.78 -34.15
CA THR A 150 -7.61 -10.37 -33.95
C THR A 150 -7.53 -10.06 -32.46
N ASN A 151 -6.52 -9.27 -32.08
CA ASN A 151 -6.38 -8.84 -30.69
C ASN A 151 -7.48 -7.88 -30.26
N LYS A 152 -8.21 -7.29 -31.19
CA LYS A 152 -9.30 -6.37 -30.88
C LYS A 152 -10.52 -6.75 -31.72
N ALA A 153 -11.70 -6.63 -31.12
CA ALA A 153 -12.94 -6.94 -31.79
C ALA A 153 -14.10 -6.33 -31.02
N VAL A 154 -15.25 -6.27 -31.66
CA VAL A 154 -16.49 -5.78 -31.06
C VAL A 154 -17.48 -6.93 -31.02
N VAL A 155 -18.01 -7.22 -29.83
CA VAL A 155 -18.90 -8.34 -29.61
C VAL A 155 -20.22 -7.80 -29.05
N SER A 156 -21.32 -8.23 -29.66
CA SER A 156 -22.65 -7.88 -29.18
C SER A 156 -23.15 -8.95 -28.22
N LEU A 157 -23.54 -8.52 -27.02
CA LEU A 157 -23.98 -9.47 -26.00
C LEU A 157 -25.39 -9.96 -26.29
N SER A 158 -25.84 -10.93 -25.49
CA SER A 158 -27.17 -11.50 -25.67
C SER A 158 -28.26 -10.46 -25.42
N ASN A 159 -28.09 -9.63 -24.39
CA ASN A 159 -29.12 -8.67 -24.03
C ASN A 159 -29.13 -7.43 -24.91
N GLY A 160 -28.09 -7.22 -25.73
CA GLY A 160 -28.05 -6.13 -26.68
C GLY A 160 -26.84 -5.21 -26.57
N VAL A 161 -26.13 -5.23 -25.45
CA VAL A 161 -24.99 -4.35 -25.28
C VAL A 161 -23.82 -4.85 -26.13
N SER A 162 -23.17 -3.93 -26.83
CA SER A 162 -21.98 -4.22 -27.61
C SER A 162 -20.78 -3.67 -26.87
N VAL A 163 -19.80 -4.54 -26.61
CA VAL A 163 -18.63 -4.19 -25.80
C VAL A 163 -17.37 -4.44 -26.61
N LEU A 164 -16.45 -3.48 -26.58
CA LEU A 164 -15.13 -3.68 -27.17
C LEU A 164 -14.35 -4.70 -26.35
N THR A 165 -13.47 -5.43 -27.04
CA THR A 165 -12.74 -6.53 -26.41
C THR A 165 -11.26 -6.40 -26.72
N PHE A 166 -10.45 -6.97 -25.82
CA PHE A 166 -8.99 -6.91 -25.92
C PHE A 166 -8.41 -8.27 -25.57
N LYS A 167 -7.14 -8.46 -25.95
CA LYS A 167 -6.34 -9.61 -25.51
C LYS A 167 -4.98 -9.06 -25.10
N VAL A 168 -4.87 -8.65 -23.84
CA VAL A 168 -3.65 -8.01 -23.38
C VAL A 168 -2.52 -9.01 -23.27
N LEU A 169 -2.79 -10.18 -22.70
CA LEU A 169 -1.75 -11.17 -22.42
C LEU A 169 -2.14 -12.51 -23.03
N ASP A 170 -1.15 -13.19 -23.58
CA ASP A 170 -1.32 -14.52 -24.16
C ASP A 170 -0.41 -15.48 -23.40
N LEU A 171 -0.91 -15.98 -22.27
CA LEU A 171 -0.13 -16.92 -21.47
C LEU A 171 -0.31 -18.35 -21.97
N LYS A 172 -1.50 -18.69 -22.44
CA LYS A 172 -1.76 -20.05 -22.93
C LYS A 172 -0.86 -20.37 -24.12
N ASN A 173 -0.75 -19.45 -25.07
CA ASN A 173 0.08 -19.68 -26.25
C ASN A 173 1.53 -19.90 -25.87
N TYR A 174 2.10 -18.98 -25.08
CA TYR A 174 3.50 -19.10 -24.69
C TYR A 174 3.75 -20.38 -23.92
N ILE A 175 2.89 -20.69 -22.95
CA ILE A 175 3.06 -21.90 -22.16
C ILE A 175 3.04 -23.12 -23.05
N ASN A 176 1.92 -23.34 -23.75
CA ASN A 176 1.74 -24.55 -24.55
C ASN A 176 2.75 -24.66 -25.69
N ASN A 177 3.39 -23.57 -26.10
CA ASN A 177 4.34 -23.64 -27.20
C ASN A 177 5.80 -23.65 -26.77
N ARG A 178 6.12 -23.24 -25.54
CA ARG A 178 7.50 -23.24 -25.10
C ARG A 178 7.74 -24.12 -23.88
N LEU A 179 6.91 -24.01 -22.85
CA LEU A 179 7.18 -24.73 -21.60
C LEU A 179 6.74 -26.18 -21.70
N LEU A 180 5.55 -26.42 -22.23
CA LEU A 180 5.03 -27.78 -22.37
C LEU A 180 5.90 -28.67 -23.25
N PRO A 181 6.32 -28.26 -24.47
CA PRO A 181 7.01 -29.20 -25.37
C PRO A 181 8.28 -29.80 -24.79
N ILE A 182 9.26 -28.96 -24.45
CA ILE A 182 10.53 -29.48 -23.95
C ILE A 182 10.35 -30.13 -22.58
N LEU A 183 9.57 -29.50 -21.71
CA LEU A 183 9.32 -30.01 -20.36
C LEU A 183 8.03 -30.82 -20.34
N ASN A 184 8.03 -31.91 -21.11
CA ASN A 184 6.88 -32.80 -21.20
C ASN A 184 7.19 -34.21 -20.72
N GLN A 185 8.24 -34.84 -21.24
CA GLN A 185 8.54 -36.22 -20.93
C GLN A 185 9.26 -36.33 -19.58
N GLN A 186 9.68 -37.55 -19.25
CA GLN A 186 10.42 -37.77 -18.01
C GLN A 186 11.75 -37.04 -18.03
N SER A 187 12.32 -36.82 -19.21
CA SER A 187 13.55 -36.06 -19.33
C SER A 187 13.23 -34.57 -19.40
N CYS A 188 13.91 -33.78 -18.56
CA CYS A 188 13.69 -32.35 -18.46
C CYS A 188 14.89 -31.61 -19.05
N ARG A 189 14.61 -30.55 -19.80
CA ARG A 189 15.66 -29.81 -20.48
C ARG A 189 15.19 -28.38 -20.74
N ILE A 190 15.91 -27.41 -20.17
CA ILE A 190 15.72 -25.99 -20.50
C ILE A 190 17.11 -25.38 -20.65
N PRO A 191 17.59 -25.18 -21.89
CA PRO A 191 18.95 -24.66 -22.07
C PRO A 191 19.04 -23.15 -22.24
N ASN A 192 17.92 -22.44 -22.25
CA ASN A 192 17.91 -21.00 -22.51
C ASN A 192 17.52 -20.26 -21.24
N ILE A 193 18.47 -19.49 -20.69
CA ILE A 193 18.14 -18.59 -19.59
C ILE A 193 17.23 -17.47 -20.07
N GLU A 194 17.34 -17.10 -21.35
CA GLU A 194 16.45 -16.09 -21.91
C GLU A 194 15.00 -16.53 -21.79
N THR A 195 14.73 -17.83 -22.00
CA THR A 195 13.36 -18.33 -21.93
C THR A 195 12.79 -18.16 -20.53
N VAL A 196 13.55 -18.56 -19.51
CA VAL A 196 13.03 -18.47 -18.14
C VAL A 196 12.90 -17.01 -17.71
N ILE A 197 13.84 -16.15 -18.12
CA ILE A 197 13.73 -14.73 -17.79
C ILE A 197 12.49 -14.12 -18.45
N GLU A 198 12.25 -14.45 -19.71
CA GLU A 198 11.08 -13.94 -20.42
C GLU A 198 9.81 -14.44 -19.75
N PHE A 199 9.78 -15.72 -19.34
CA PHE A 199 8.61 -16.25 -18.66
C PHE A 199 8.38 -15.53 -17.33
N GLN A 200 9.45 -15.26 -16.58
CA GLN A 200 9.30 -14.51 -15.33
C GLN A 200 8.71 -13.14 -15.60
N GLN A 201 9.25 -12.44 -16.60
CA GLN A 201 8.78 -11.09 -16.91
C GLN A 201 7.31 -11.09 -17.32
N MET A 202 6.90 -12.06 -18.13
CA MET A 202 5.53 -12.08 -18.61
C MET A 202 4.56 -12.51 -17.52
N ASN A 203 4.90 -13.54 -16.75
CA ASN A 203 4.06 -13.99 -15.65
C ASN A 203 4.00 -12.97 -14.52
N SER A 204 4.95 -12.02 -14.48
CA SER A 204 4.93 -10.99 -13.45
C SER A 204 3.64 -10.18 -13.51
N ARG A 205 3.18 -9.83 -14.71
CA ARG A 205 1.96 -9.03 -14.83
C ARG A 205 0.77 -9.77 -14.25
N LEU A 206 0.64 -11.06 -14.56
CA LEU A 206 -0.45 -11.85 -13.98
C LEU A 206 -0.32 -11.93 -12.47
N LEU A 207 0.91 -12.04 -11.96
CA LEU A 207 1.10 -12.10 -10.52
C LEU A 207 0.63 -10.82 -9.84
N GLU A 208 1.00 -9.66 -10.40
CA GLU A 208 0.55 -8.40 -9.82
C GLU A 208 -0.97 -8.25 -9.94
N ILE A 209 -1.55 -8.68 -11.06
CA ILE A 209 -3.00 -8.60 -11.20
C ILE A 209 -3.68 -9.42 -10.10
N THR A 210 -3.20 -10.65 -9.89
CA THR A 210 -3.76 -11.49 -8.84
C THR A 210 -3.59 -10.86 -7.47
N ARG A 211 -2.42 -10.28 -7.20
CA ARG A 211 -2.17 -9.65 -5.91
C ARG A 211 -3.12 -8.47 -5.68
N GLU A 212 -3.26 -7.60 -6.68
CA GLU A 212 -4.12 -6.43 -6.53
C GLU A 212 -5.57 -6.84 -6.32
N PHE A 213 -6.03 -7.85 -7.08
CA PHE A 213 -7.41 -8.29 -6.93
C PHE A 213 -7.64 -9.00 -5.60
N SER A 214 -6.62 -9.71 -5.10
CA SER A 214 -6.76 -10.37 -3.81
C SER A 214 -6.84 -9.35 -2.67
N VAL A 215 -5.97 -8.33 -2.70
CA VAL A 215 -6.03 -7.32 -1.64
C VAL A 215 -7.30 -6.49 -1.75
N ASN A 216 -7.70 -6.14 -2.97
CA ASN A 216 -8.87 -5.30 -3.19
C ASN A 216 -10.18 -6.07 -3.27
N ALA A 217 -10.12 -7.40 -3.18
CA ALA A 217 -11.31 -8.25 -3.10
C ALA A 217 -12.18 -8.14 -4.35
N GLY A 218 -11.54 -8.28 -5.52
CA GLY A 218 -12.24 -8.43 -6.78
C GLY A 218 -12.49 -7.15 -7.54
N VAL A 219 -12.41 -5.99 -6.90
CA VAL A 219 -12.64 -4.71 -7.55
C VAL A 219 -11.52 -3.76 -7.14
N THR A 220 -10.80 -3.21 -8.13
CA THR A 220 -9.67 -2.35 -7.87
C THR A 220 -9.92 -0.95 -8.40
N THR A 221 -9.33 0.04 -7.74
CA THR A 221 -9.38 1.44 -8.16
C THR A 221 -8.27 2.18 -7.45
N PRO A 222 -7.53 3.06 -8.13
CA PRO A 222 -7.62 3.42 -9.55
C PRO A 222 -7.07 2.32 -10.46
N LEU A 223 -7.27 2.46 -11.77
CA LEU A 223 -6.79 1.46 -12.72
C LEU A 223 -5.27 1.47 -12.77
N SER A 224 -4.65 0.45 -12.19
CA SER A 224 -3.19 0.39 -12.15
C SER A 224 -2.62 0.15 -13.54
N THR A 225 -1.31 0.41 -13.65
CA THR A 225 -0.63 0.20 -14.93
C THR A 225 -0.64 -1.26 -15.34
N TYR A 226 -0.57 -2.18 -14.37
CA TYR A 226 -0.51 -3.60 -14.67
C TYR A 226 -1.79 -4.08 -15.35
N MET A 227 -2.95 -3.60 -14.89
CA MET A 227 -4.22 -4.03 -15.47
C MET A 227 -4.37 -3.56 -16.91
N LEU A 228 -3.98 -2.33 -17.20
CA LEU A 228 -4.05 -1.79 -18.57
C LEU A 228 -2.87 -0.87 -18.79
N THR A 229 -2.05 -1.19 -19.79
CA THR A 229 -0.88 -0.38 -20.10
C THR A 229 -1.31 0.95 -20.70
N ASN A 230 -0.39 1.91 -20.68
CA ASN A 230 -0.68 3.24 -21.23
C ASN A 230 -0.96 3.16 -22.72
N SER A 231 -0.19 2.36 -23.46
CA SER A 231 -0.43 2.21 -24.90
C SER A 231 -1.78 1.56 -25.17
N GLU A 232 -2.11 0.50 -24.43
CA GLU A 232 -3.40 -0.15 -24.60
C GLU A 232 -4.54 0.78 -24.21
N LEU A 233 -4.35 1.55 -23.14
CA LEU A 233 -5.36 2.52 -22.73
C LEU A 233 -5.59 3.56 -23.82
N LEU A 234 -4.51 4.07 -24.41
CA LEU A 234 -4.64 5.02 -25.50
C LEU A 234 -5.35 4.41 -26.70
N SER A 235 -4.99 3.15 -27.03
CA SER A 235 -5.63 2.47 -28.16
C SER A 235 -7.13 2.32 -27.93
N LEU A 236 -7.54 1.95 -26.71
CA LEU A 236 -8.95 1.85 -26.43
C LEU A 236 -9.62 3.21 -26.44
N ILE A 237 -8.88 4.25 -26.05
CA ILE A 237 -9.41 5.62 -26.10
C ILE A 237 -9.73 6.01 -27.54
N ASN A 238 -8.84 5.65 -28.47
CA ASN A 238 -9.05 6.03 -29.87
C ASN A 238 -10.28 5.35 -30.47
N ASP A 239 -10.72 4.24 -29.89
CA ASP A 239 -11.86 3.49 -30.40
C ASP A 239 -13.14 3.81 -29.66
N MET A 240 -13.15 4.85 -28.84
CA MET A 240 -14.33 5.19 -28.04
C MET A 240 -15.43 5.77 -28.93
N PRO A 241 -16.69 5.49 -28.61
CA PRO A 241 -17.82 6.03 -29.40
C PRO A 241 -18.23 7.43 -28.98
N ILE A 242 -17.32 8.39 -29.22
CA ILE A 242 -17.54 9.79 -28.88
C ILE A 242 -16.91 10.65 -29.97
N THR A 243 -17.18 11.95 -29.90
CA THR A 243 -16.64 12.88 -30.88
C THR A 243 -15.14 13.06 -30.66
N ASN A 244 -14.52 13.85 -31.54
CA ASN A 244 -13.09 14.07 -31.45
C ASN A 244 -12.69 15.02 -30.33
N ASP A 245 -13.61 15.89 -29.88
CA ASP A 245 -13.28 16.80 -28.80
C ASP A 245 -13.07 16.05 -27.48
N GLN A 246 -14.02 15.17 -27.13
CA GLN A 246 -13.87 14.38 -25.91
C GLN A 246 -12.68 13.43 -26.01
N LYS A 247 -12.47 12.84 -27.18
CA LYS A 247 -11.32 11.96 -27.37
C LYS A 247 -10.01 12.70 -27.18
N LYS A 248 -9.90 13.91 -27.74
CA LYS A 248 -8.69 14.70 -27.58
C LYS A 248 -8.48 15.10 -26.13
N LEU A 249 -9.55 15.52 -25.45
CA LEU A 249 -9.42 15.92 -24.05
C LEU A 249 -8.98 14.74 -23.18
N MET A 250 -9.58 13.57 -23.39
CA MET A 250 -9.23 12.40 -22.60
C MET A 250 -7.88 11.81 -22.99
N SER A 251 -7.40 12.11 -24.20
CA SER A 251 -6.06 11.73 -24.61
C SER A 251 -5.00 12.64 -24.01
N SER A 252 -5.31 13.93 -23.86
CA SER A 252 -4.31 14.88 -23.36
C SER A 252 -3.91 14.55 -21.93
N ASN A 253 -4.86 14.18 -21.08
CA ASN A 253 -4.61 13.85 -19.69
C ASN A 253 -5.10 12.42 -19.45
N VAL A 254 -4.17 11.48 -19.29
CA VAL A 254 -4.52 10.07 -19.19
C VAL A 254 -4.45 9.60 -17.74
N GLN A 255 -3.61 10.26 -16.94
CA GLN A 255 -3.55 9.92 -15.52
C GLN A 255 -4.85 10.26 -14.81
N ILE A 256 -5.52 11.33 -15.24
CA ILE A 256 -6.83 11.67 -14.69
C ILE A 256 -7.83 10.55 -14.98
N VAL A 257 -7.82 10.04 -16.21
CA VAL A 257 -8.70 8.95 -16.58
C VAL A 257 -8.39 7.70 -15.76
N ARG A 258 -7.10 7.41 -15.57
CA ARG A 258 -6.72 6.27 -14.74
C ARG A 258 -7.22 6.43 -13.32
N GLN A 259 -7.16 7.66 -12.78
CA GLN A 259 -7.66 7.90 -11.43
C GLN A 259 -9.17 7.68 -11.36
N GLN A 260 -9.91 8.13 -12.37
CA GLN A 260 -11.36 8.08 -12.31
C GLN A 260 -11.97 6.78 -12.83
N SER A 261 -11.16 5.89 -13.41
CA SER A 261 -11.71 4.65 -13.97
C SER A 261 -11.77 3.57 -12.89
N TYR A 262 -12.03 2.34 -13.30
CA TYR A 262 -12.22 1.23 -12.37
C TYR A 262 -11.72 -0.06 -13.01
N SER A 263 -11.95 -1.18 -12.32
CA SER A 263 -11.65 -2.51 -12.83
C SER A 263 -12.40 -3.52 -11.97
N ILE A 264 -12.90 -4.57 -12.61
CA ILE A 264 -13.77 -5.56 -11.99
C ILE A 264 -13.22 -6.95 -12.28
N MET A 265 -13.83 -7.97 -11.67
CA MET A 265 -13.62 -9.37 -11.99
C MET A 265 -14.95 -10.01 -12.36
N CYS A 266 -14.94 -10.82 -13.42
CA CYS A 266 -16.15 -11.48 -13.88
C CYS A 266 -16.08 -13.00 -13.75
N ILE A 267 -15.12 -13.65 -14.39
CA ILE A 267 -15.23 -15.09 -14.63
C ILE A 267 -13.86 -15.63 -15.01
N ILE A 268 -13.56 -16.83 -14.50
CA ILE A 268 -12.40 -17.61 -14.96
C ILE A 268 -12.93 -19.00 -15.32
N LYS A 269 -13.30 -19.18 -16.59
CA LYS A 269 -13.71 -20.49 -17.07
C LYS A 269 -13.42 -20.56 -18.57
N GLU A 270 -13.39 -21.78 -19.08
CA GLU A 270 -13.06 -22.05 -20.48
C GLU A 270 -11.70 -21.47 -20.86
N GLU A 271 -10.75 -21.55 -19.91
CA GLU A 271 -9.38 -21.09 -20.13
C GLU A 271 -9.34 -19.62 -20.55
N VAL A 272 -10.08 -18.79 -19.83
CA VAL A 272 -10.13 -17.36 -20.11
C VAL A 272 -10.33 -16.61 -18.80
N LEU A 273 -9.54 -15.57 -18.59
CA LEU A 273 -9.65 -14.69 -17.44
C LEU A 273 -10.09 -13.33 -17.96
N ALA A 274 -11.35 -12.99 -17.76
CA ALA A 274 -11.93 -11.77 -18.30
C ALA A 274 -12.24 -10.81 -17.16
N TYR A 275 -11.65 -9.62 -17.21
CA TYR A 275 -11.94 -8.56 -16.26
C TYR A 275 -12.36 -7.32 -17.01
N VAL A 276 -13.44 -6.70 -16.56
CA VAL A 276 -14.07 -5.58 -17.26
C VAL A 276 -13.49 -4.27 -16.72
N VAL A 277 -13.02 -3.42 -17.62
CA VAL A 277 -12.44 -2.13 -17.28
C VAL A 277 -13.47 -1.05 -17.58
N GLN A 278 -13.83 -0.26 -16.56
CA GLN A 278 -14.89 0.73 -16.67
C GLN A 278 -14.28 2.11 -16.92
N LEU A 279 -13.85 2.34 -18.15
CA LEU A 279 -13.35 3.65 -18.52
C LEU A 279 -14.52 4.62 -18.69
N PRO A 280 -14.34 5.89 -18.32
CA PRO A 280 -15.45 6.84 -18.34
C PRO A 280 -15.53 7.64 -19.63
N ILE A 281 -16.70 8.25 -19.83
CA ILE A 281 -16.89 9.23 -20.90
C ILE A 281 -17.32 10.55 -20.27
N TYR A 282 -17.08 11.64 -20.99
CA TYR A 282 -17.38 12.98 -20.51
C TYR A 282 -18.40 13.60 -21.46
N GLY A 283 -19.67 13.57 -21.06
CA GLY A 283 -20.73 14.07 -21.91
C GLY A 283 -20.63 15.57 -22.16
N VAL A 284 -20.34 16.35 -21.11
CA VAL A 284 -20.21 17.79 -21.21
C VAL A 284 -18.73 18.15 -21.16
N ILE A 285 -18.33 19.11 -21.98
CA ILE A 285 -16.94 19.46 -22.18
C ILE A 285 -16.79 20.97 -22.00
N ASP A 286 -15.76 21.37 -21.26
CA ASP A 286 -15.35 22.78 -21.14
C ASP A 286 -16.43 23.66 -20.54
N THR A 287 -17.25 23.12 -19.64
CA THR A 287 -18.21 23.93 -18.94
C THR A 287 -17.50 24.86 -17.94
N PRO A 288 -18.01 26.06 -17.73
CA PRO A 288 -17.40 26.96 -16.75
C PRO A 288 -17.53 26.40 -15.34
N CYS A 289 -16.38 26.18 -14.70
CA CYS A 289 -16.32 25.57 -13.38
C CYS A 289 -15.48 26.44 -12.44
N TRP A 290 -15.91 26.53 -11.19
CA TRP A 290 -15.27 27.42 -10.22
C TRP A 290 -15.16 26.74 -8.87
N LYS A 291 -13.97 26.83 -8.26
CA LYS A 291 -13.76 26.39 -6.90
C LYS A 291 -14.34 27.42 -5.93
N LEU A 292 -14.64 26.99 -4.71
CA LEU A 292 -15.39 27.81 -3.77
C LEU A 292 -14.74 27.70 -2.39
N HIS A 293 -13.43 28.00 -2.33
CA HIS A 293 -12.70 27.94 -1.07
C HIS A 293 -13.39 28.79 0.00
N THR A 294 -13.53 28.23 1.19
CA THR A 294 -14.16 28.92 2.31
C THR A 294 -13.22 28.92 3.51
N SER A 295 -13.58 29.71 4.52
CA SER A 295 -12.75 29.86 5.71
C SER A 295 -13.63 30.29 6.87
N PRO A 296 -13.32 29.84 8.08
CA PRO A 296 -14.13 30.25 9.24
C PRO A 296 -13.86 31.69 9.62
N LEU A 297 -14.93 32.49 9.61
CA LEU A 297 -14.85 33.86 10.07
C LEU A 297 -15.50 33.94 11.44
N CYS A 298 -14.77 34.46 12.40
CA CYS A 298 -15.28 34.55 13.76
C CYS A 298 -15.59 36.00 14.11
N THR A 299 -15.96 36.25 15.37
CA THR A 299 -16.61 37.49 15.76
C THR A 299 -15.72 38.71 15.51
N THR A 300 -16.32 39.88 15.66
CA THR A 300 -15.61 41.15 15.47
C THR A 300 -14.43 41.24 16.42
N ASN A 301 -13.22 41.32 15.85
CA ASN A 301 -11.97 41.20 16.61
C ASN A 301 -12.05 39.88 17.37
N ILE A 302 -11.87 39.87 18.69
CA ILE A 302 -12.10 38.68 19.51
C ILE A 302 -12.68 39.14 20.83
N LYS A 303 -13.93 38.75 21.10
CA LYS A 303 -14.51 39.02 22.40
C LYS A 303 -13.91 38.04 23.41
N GLU A 304 -13.38 38.58 24.50
CA GLU A 304 -12.54 37.80 25.40
C GLU A 304 -13.34 36.70 26.09
N GLY A 305 -13.04 35.45 25.76
CA GLY A 305 -13.58 34.30 26.45
C GLY A 305 -14.39 33.35 25.59
N SER A 306 -15.33 33.85 24.79
CA SER A 306 -16.18 32.98 23.97
C SER A 306 -17.03 33.83 23.06
N ASN A 307 -17.33 33.28 21.87
CA ASN A 307 -18.24 33.91 20.92
C ASN A 307 -18.54 32.96 19.77
N ILE A 308 -19.28 33.38 18.70
CA ILE A 308 -19.65 32.58 17.49
C ILE A 308 -18.67 32.53 16.33
N CYS A 309 -18.98 31.79 15.28
CA CYS A 309 -18.23 31.73 14.01
C CYS A 309 -19.12 31.22 12.87
N LEU A 310 -18.86 31.42 11.54
CA LEU A 310 -19.79 30.94 10.46
C LEU A 310 -19.15 30.43 9.18
N THR A 311 -18.48 29.34 9.18
CA THR A 311 -17.86 28.92 7.92
C THR A 311 -18.86 28.40 6.91
N ARG A 312 -18.59 28.35 5.60
CA ARG A 312 -19.55 27.95 4.54
C ARG A 312 -19.60 26.46 4.24
N THR A 313 -20.66 25.74 4.64
CA THR A 313 -20.74 24.29 4.49
C THR A 313 -20.13 23.83 3.17
N ASP A 314 -20.57 24.43 2.07
CA ASP A 314 -20.24 23.91 0.74
C ASP A 314 -18.84 24.37 0.34
N ARG A 315 -18.01 23.40 -0.07
CA ARG A 315 -16.70 23.68 -0.65
C ARG A 315 -16.54 22.79 -1.86
N GLY A 316 -15.32 22.72 -2.39
CA GLY A 316 -15.07 21.92 -3.57
C GLY A 316 -15.55 22.59 -4.84
N TRP A 317 -15.39 21.87 -5.94
CA TRP A 317 -15.66 22.44 -7.25
C TRP A 317 -17.16 22.57 -7.52
N TYR A 318 -17.49 23.50 -8.41
CA TYR A 318 -18.83 23.66 -8.95
C TYR A 318 -18.75 23.64 -10.47
N CYS A 319 -19.82 23.21 -11.12
CA CYS A 319 -19.84 23.17 -12.58
C CYS A 319 -21.27 23.38 -13.07
N ASP A 320 -21.38 23.83 -14.32
CA ASP A 320 -22.66 24.06 -14.96
C ASP A 320 -23.00 22.87 -15.86
N ASN A 321 -24.20 22.32 -15.68
CA ASN A 321 -24.64 21.13 -16.41
C ASN A 321 -26.03 21.39 -16.99
N ALA A 322 -26.08 21.67 -18.29
CA ALA A 322 -27.33 21.82 -19.03
C ALA A 322 -28.25 22.85 -18.37
N GLY A 323 -27.68 23.98 -17.97
CA GLY A 323 -28.43 25.04 -17.35
C GLY A 323 -28.65 24.89 -15.86
N SER A 324 -28.23 23.79 -15.27
CA SER A 324 -28.32 23.57 -13.83
C SER A 324 -26.93 23.32 -13.29
N VAL A 325 -26.58 24.03 -12.21
CA VAL A 325 -25.23 23.97 -11.67
C VAL A 325 -25.05 22.68 -10.88
N SER A 326 -23.99 21.94 -11.18
CA SER A 326 -23.65 20.76 -10.42
C SER A 326 -22.75 21.13 -9.25
N PHE A 327 -22.84 20.36 -8.17
CA PHE A 327 -22.11 20.63 -6.94
C PHE A 327 -21.44 19.35 -6.47
N PHE A 328 -20.18 19.46 -6.08
CA PHE A 328 -19.40 18.30 -5.62
C PHE A 328 -18.93 18.55 -4.19
N PRO A 329 -19.47 17.85 -3.20
CA PRO A 329 -19.07 18.11 -1.82
C PRO A 329 -17.74 17.47 -1.43
N GLN A 330 -17.45 16.31 -1.98
CA GLN A 330 -16.27 15.54 -1.58
C GLN A 330 -15.02 16.03 -2.33
N ALA A 331 -13.89 15.95 -1.64
CA ALA A 331 -12.62 16.40 -2.22
C ALA A 331 -12.06 15.40 -3.22
N ASP A 332 -12.35 14.11 -3.06
CA ASP A 332 -11.78 13.09 -3.91
C ASP A 332 -12.52 12.89 -5.22
N THR A 333 -13.63 13.60 -5.44
CA THR A 333 -14.38 13.46 -6.68
C THR A 333 -13.70 14.22 -7.81
N CYS A 334 -13.52 15.53 -7.64
CA CYS A 334 -12.98 16.39 -8.69
C CYS A 334 -11.47 16.53 -8.52
N LYS A 335 -10.74 16.34 -9.62
CA LYS A 335 -9.29 16.45 -9.63
C LYS A 335 -8.87 17.56 -10.58
N VAL A 336 -7.81 18.28 -10.21
CA VAL A 336 -7.35 19.44 -10.95
C VAL A 336 -6.13 19.07 -11.76
N GLN A 337 -6.04 19.62 -12.98
CA GLN A 337 -4.87 19.42 -13.84
C GLN A 337 -4.74 20.64 -14.73
N SER A 338 -3.70 21.43 -14.50
CA SER A 338 -3.43 22.67 -15.25
C SER A 338 -4.59 23.61 -14.98
N ASN A 339 -5.20 24.21 -16.00
CA ASN A 339 -6.29 25.16 -15.81
C ASN A 339 -7.67 24.54 -15.97
N ARG A 340 -7.75 23.22 -16.14
CA ARG A 340 -9.02 22.52 -16.32
C ARG A 340 -9.19 21.47 -15.23
N VAL A 341 -10.41 21.39 -14.70
CA VAL A 341 -10.74 20.44 -13.64
C VAL A 341 -11.53 19.28 -14.26
N PHE A 342 -11.33 18.09 -13.70
CA PHE A 342 -12.07 16.90 -14.09
C PHE A 342 -12.90 16.44 -12.88
N CYS A 343 -14.17 16.13 -13.13
CA CYS A 343 -15.07 15.82 -12.03
C CYS A 343 -15.75 14.47 -12.24
N ASP A 344 -16.74 14.15 -11.41
CA ASP A 344 -17.42 12.86 -11.48
C ASP A 344 -18.81 13.01 -10.88
N THR A 345 -19.83 12.74 -11.69
CA THR A 345 -21.21 12.88 -11.26
C THR A 345 -21.75 11.64 -10.55
N MET A 346 -20.87 10.81 -9.99
CA MET A 346 -21.32 9.62 -9.28
C MET A 346 -22.16 10.00 -8.06
N ASN A 347 -21.75 11.04 -7.33
CA ASN A 347 -22.50 11.50 -6.17
C ASN A 347 -22.63 13.02 -6.15
N SER A 348 -22.55 13.66 -7.32
CA SER A 348 -22.66 15.10 -7.39
C SER A 348 -24.08 15.54 -7.02
N LEU A 349 -24.18 16.53 -6.15
CA LEU A 349 -25.46 17.07 -5.70
C LEU A 349 -25.90 18.13 -6.70
N THR A 350 -26.77 17.77 -7.63
CA THR A 350 -27.25 18.71 -8.62
C THR A 350 -28.04 19.83 -7.96
N LEU A 351 -27.79 21.07 -8.39
CA LEU A 351 -28.38 22.26 -7.82
C LEU A 351 -28.95 23.13 -8.91
N PRO A 352 -29.92 24.00 -8.59
CA PRO A 352 -30.46 24.91 -9.60
C PRO A 352 -29.45 25.96 -10.04
N SER A 353 -29.87 26.84 -10.96
CA SER A 353 -28.97 27.81 -11.56
C SER A 353 -28.66 29.01 -10.65
N GLU A 354 -29.38 29.16 -9.54
CA GLU A 354 -29.24 30.33 -8.67
C GLU A 354 -28.12 30.18 -7.65
N VAL A 355 -27.24 29.18 -7.81
CA VAL A 355 -26.19 28.96 -6.82
C VAL A 355 -25.22 30.14 -6.77
N SER A 356 -24.98 30.80 -7.91
CA SER A 356 -24.06 31.93 -7.94
C SER A 356 -24.54 33.09 -7.09
N LEU A 357 -25.83 33.14 -6.75
CA LEU A 357 -26.34 34.18 -5.87
C LEU A 357 -25.78 34.05 -4.46
N CYS A 358 -25.36 32.86 -4.04
CA CYS A 358 -24.80 32.69 -2.71
C CYS A 358 -23.52 33.50 -2.54
N ASN A 359 -22.67 33.54 -3.57
CA ASN A 359 -21.37 34.19 -3.44
C ASN A 359 -21.52 35.70 -3.32
N THR A 360 -22.23 36.32 -4.26
CA THR A 360 -22.28 37.78 -4.31
C THR A 360 -23.10 38.35 -3.15
N ASP A 361 -24.24 37.75 -2.86
CA ASP A 361 -25.11 38.21 -1.76
C ASP A 361 -25.59 36.99 -1.00
N ILE A 362 -25.01 36.77 0.18
CA ILE A 362 -25.34 35.58 0.98
C ILE A 362 -26.80 35.61 1.41
N PHE A 363 -27.34 36.79 1.71
CA PHE A 363 -28.70 36.93 2.23
C PHE A 363 -29.74 37.09 1.12
N ASN A 364 -29.43 36.66 -0.10
CA ASN A 364 -30.38 36.75 -1.19
C ASN A 364 -31.55 35.79 -0.96
N SER A 365 -32.76 36.25 -1.31
CA SER A 365 -33.95 35.43 -1.18
C SER A 365 -34.24 34.58 -2.42
N LYS A 366 -33.52 34.81 -3.52
CA LYS A 366 -33.72 34.00 -4.72
C LYS A 366 -33.20 32.58 -4.53
N TYR A 367 -32.12 32.42 -3.75
CA TYR A 367 -31.51 31.12 -3.54
C TYR A 367 -31.22 30.94 -2.05
N ASP A 368 -31.12 29.68 -1.64
CA ASP A 368 -30.90 29.32 -0.25
C ASP A 368 -29.44 28.92 -0.05
N CYS A 369 -28.76 29.57 0.88
CA CYS A 369 -27.37 29.29 1.21
C CYS A 369 -27.30 28.43 2.47
N LYS A 370 -26.08 28.23 2.97
CA LYS A 370 -25.88 27.44 4.17
C LYS A 370 -24.52 27.78 4.78
N ILE A 371 -24.49 27.78 6.12
CA ILE A 371 -23.27 28.18 6.85
C ILE A 371 -23.17 27.38 8.16
N MET A 372 -22.12 26.56 8.34
CA MET A 372 -21.92 25.84 9.63
C MET A 372 -21.62 26.86 10.69
N THR A 373 -22.37 26.83 11.79
CA THR A 373 -22.25 27.85 12.85
C THR A 373 -21.63 27.21 14.07
N SER A 374 -20.44 27.66 14.45
CA SER A 374 -19.74 26.96 15.52
C SER A 374 -19.37 27.97 16.60
N LYS A 375 -18.61 27.51 17.60
CA LYS A 375 -18.17 28.36 18.70
C LYS A 375 -16.69 28.20 19.00
N THR A 376 -15.93 27.55 18.11
CA THR A 376 -14.52 27.27 18.35
C THR A 376 -13.65 28.25 17.58
N ASP A 377 -12.73 28.90 18.29
CA ASP A 377 -11.85 29.92 17.71
C ASP A 377 -10.50 29.29 17.42
N ILE A 378 -10.28 28.89 16.17
CA ILE A 378 -9.00 28.34 15.73
C ILE A 378 -8.50 29.21 14.58
N SER A 379 -7.26 29.67 14.70
CA SER A 379 -6.64 30.41 13.61
C SER A 379 -6.26 29.45 12.50
N SER A 380 -6.73 29.73 11.29
CA SER A 380 -6.50 28.84 10.15
C SER A 380 -6.23 29.67 8.91
N SER A 381 -5.61 29.04 7.93
CA SER A 381 -5.28 29.69 6.66
C SER A 381 -5.65 28.73 5.53
N VAL A 382 -6.81 28.93 4.94
CA VAL A 382 -7.23 28.13 3.79
C VAL A 382 -6.51 28.65 2.54
N ILE A 383 -5.54 27.88 2.05
CA ILE A 383 -4.79 28.29 0.88
C ILE A 383 -5.67 28.18 -0.36
N THR A 384 -5.72 29.25 -1.14
CA THR A 384 -6.52 29.30 -2.36
C THR A 384 -5.61 29.27 -3.58
N SER A 385 -6.21 29.43 -4.76
CA SER A 385 -5.45 29.31 -6.00
C SER A 385 -4.51 30.49 -6.22
N LEU A 386 -5.00 31.71 -5.99
CA LEU A 386 -4.22 32.93 -6.21
C LEU A 386 -4.26 33.80 -4.96
N GLY A 387 -4.08 33.18 -3.79
CA GLY A 387 -4.13 33.92 -2.55
C GLY A 387 -4.12 32.97 -1.38
N ALA A 388 -4.37 33.54 -0.20
CA ALA A 388 -4.42 32.74 1.03
C ALA A 388 -5.22 33.50 2.07
N ILE A 389 -6.41 32.99 2.41
CA ILE A 389 -7.16 33.55 3.52
C ILE A 389 -6.43 33.24 4.82
N VAL A 390 -6.53 34.15 5.79
CA VAL A 390 -5.91 33.95 7.10
C VAL A 390 -6.87 34.50 8.14
N SER A 391 -7.40 33.61 8.99
CA SER A 391 -8.29 34.01 10.08
C SER A 391 -7.53 34.08 11.40
N CYS A 392 -6.57 35.01 11.46
CA CYS A 392 -5.80 35.21 12.68
C CYS A 392 -6.70 35.68 13.81
N TYR A 393 -6.84 34.86 14.85
CA TYR A 393 -7.82 35.13 15.89
C TYR A 393 -7.26 34.74 17.25
N GLY A 394 -7.45 35.61 18.24
CA GLY A 394 -7.06 35.32 19.60
C GLY A 394 -5.64 35.69 19.97
N LYS A 395 -5.01 34.83 20.78
CA LYS A 395 -3.66 35.12 21.28
C LYS A 395 -2.61 34.87 20.21
N THR A 396 -2.82 33.90 19.34
CA THR A 396 -1.80 33.50 18.38
C THR A 396 -1.46 34.64 17.43
N LYS A 397 -0.20 34.69 17.01
CA LYS A 397 0.32 35.73 16.13
C LYS A 397 0.56 35.14 14.75
N CYS A 398 0.03 35.81 13.72
CA CYS A 398 0.16 35.36 12.34
C CYS A 398 0.73 36.50 11.51
N THR A 399 1.72 36.18 10.67
CA THR A 399 2.40 37.17 9.86
C THR A 399 2.74 36.58 8.50
N ALA A 400 2.56 37.39 7.45
CA ALA A 400 3.03 37.03 6.13
C ALA A 400 4.55 37.07 6.10
N SER A 401 5.13 36.39 5.12
CA SER A 401 6.59 36.27 5.05
C SER A 401 7.05 36.28 3.60
N ASN A 402 8.31 36.62 3.42
CA ASN A 402 8.99 36.56 2.13
C ASN A 402 10.42 36.09 2.37
N LYS A 403 10.93 35.26 1.46
CA LYS A 403 12.25 34.66 1.66
C LYS A 403 13.34 35.74 1.64
N ASN A 404 13.21 36.73 0.77
CA ASN A 404 14.25 37.76 0.64
C ASN A 404 13.94 39.01 1.47
N ARG A 405 12.68 39.40 1.56
CA ARG A 405 12.30 40.59 2.32
C ARG A 405 11.94 40.30 3.76
N GLY A 406 11.97 39.04 4.19
CA GLY A 406 11.57 38.73 5.55
C GLY A 406 10.08 38.94 5.75
N ILE A 407 9.70 39.24 6.98
CA ILE A 407 8.31 39.51 7.31
C ILE A 407 7.94 40.89 6.80
N ILE A 408 6.89 40.96 5.97
CA ILE A 408 6.47 42.22 5.37
C ILE A 408 5.06 42.62 5.76
N LYS A 409 4.29 41.75 6.41
CA LYS A 409 2.92 42.07 6.78
C LYS A 409 2.57 41.39 8.09
N THR A 410 1.75 42.06 8.88
CA THR A 410 1.24 41.53 10.13
C THR A 410 -0.28 41.56 10.09
N PHE A 411 -0.91 40.44 10.42
CA PHE A 411 -2.36 40.32 10.32
C PHE A 411 -3.01 40.93 11.56
N SER A 412 -4.33 40.80 11.64
CA SER A 412 -5.10 41.32 12.76
C SER A 412 -6.17 40.28 13.11
N ASN A 413 -7.14 40.69 13.93
CA ASN A 413 -8.20 39.80 14.37
C ASN A 413 -9.35 39.82 13.36
N GLY A 414 -9.07 39.23 12.19
CA GLY A 414 -10.06 39.12 11.15
C GLY A 414 -9.54 38.25 10.03
N CYS A 415 -10.49 37.71 9.24
CA CYS A 415 -10.14 36.83 8.13
C CYS A 415 -9.64 37.69 6.96
N ASP A 416 -8.37 38.07 7.02
CA ASP A 416 -7.74 38.86 5.98
C ASP A 416 -7.34 37.97 4.80
N TYR A 417 -6.93 38.62 3.72
CA TYR A 417 -6.57 37.94 2.48
C TYR A 417 -5.26 38.50 1.95
N VAL A 418 -4.40 37.62 1.47
CA VAL A 418 -3.07 37.99 1.00
C VAL A 418 -2.88 37.47 -0.42
N SER A 419 -2.48 38.36 -1.32
CA SER A 419 -2.27 37.99 -2.71
C SER A 419 -0.98 37.18 -2.86
N ASN A 420 -0.85 36.54 -4.02
CA ASN A 420 0.37 35.80 -4.33
C ASN A 420 1.50 36.69 -4.82
N LYS A 421 1.22 37.95 -5.15
CA LYS A 421 2.26 38.88 -5.59
C LYS A 421 2.95 39.49 -4.39
N GLY A 422 4.27 39.35 -4.32
CA GLY A 422 5.05 39.87 -3.23
C GLY A 422 5.06 39.03 -1.98
N VAL A 423 4.35 37.90 -1.98
CA VAL A 423 4.29 37.00 -0.83
C VAL A 423 4.54 35.58 -1.33
N ASP A 424 5.41 34.84 -0.64
CA ASP A 424 5.70 33.46 -0.99
C ASP A 424 5.42 32.48 0.14
N THR A 425 5.43 32.92 1.39
CA THR A 425 5.16 32.04 2.52
C THR A 425 4.32 32.79 3.54
N VAL A 426 3.35 32.10 4.12
CA VAL A 426 2.48 32.65 5.16
C VAL A 426 2.72 31.86 6.43
N SER A 427 3.04 32.58 7.51
CA SER A 427 3.31 31.96 8.81
C SER A 427 2.16 32.29 9.75
N VAL A 428 1.40 31.26 10.13
CA VAL A 428 0.27 31.41 11.03
C VAL A 428 0.46 30.46 12.20
N GLY A 429 0.43 30.99 13.42
CA GLY A 429 0.60 30.19 14.60
C GLY A 429 1.98 29.58 14.72
N ASN A 430 2.08 28.26 14.55
CA ASN A 430 3.35 27.56 14.63
C ASN A 430 3.76 26.89 13.32
N THR A 431 2.93 26.98 12.28
CA THR A 431 3.21 26.32 11.01
C THR A 431 3.24 27.35 9.88
N LEU A 432 3.96 27.01 8.81
CA LEU A 432 4.16 27.89 7.67
C LEU A 432 3.51 27.28 6.44
N TYR A 433 2.63 28.04 5.79
CA TYR A 433 1.89 27.54 4.61
C TYR A 433 2.45 28.22 3.36
N CYS A 434 2.84 27.43 2.35
CA CYS A 434 3.35 28.01 1.09
C CYS A 434 2.20 28.69 0.35
N VAL A 435 2.42 29.91 -0.17
CA VAL A 435 1.37 30.57 -0.98
C VAL A 435 1.66 30.30 -2.45
N ASN A 436 0.69 29.74 -3.18
CA ASN A 436 0.82 29.40 -4.58
C ASN A 436 1.54 30.51 -5.35
N LYS A 437 2.35 30.11 -6.33
CA LYS A 437 3.12 31.03 -7.14
C LYS A 437 2.44 31.36 -8.46
N LEU A 438 1.19 30.92 -8.64
CA LEU A 438 0.46 31.20 -9.87
C LEU A 438 0.13 32.69 -9.98
N GLU A 439 -0.08 33.14 -11.22
CA GLU A 439 -0.39 34.53 -11.51
C GLU A 439 -1.78 34.62 -12.10
N GLY A 440 -2.59 35.55 -11.58
CA GLY A 440 -3.95 35.72 -12.06
C GLY A 440 -4.52 37.04 -11.61
N GLN A 441 -5.66 37.39 -12.21
CA GLN A 441 -6.32 38.67 -11.94
C GLN A 441 -7.03 38.59 -10.59
N ASN A 442 -6.23 38.72 -9.54
CA ASN A 442 -6.79 38.75 -8.19
C ASN A 442 -7.67 39.99 -8.01
N LEU A 443 -8.73 39.83 -7.23
CA LEU A 443 -9.70 40.92 -7.01
C LEU A 443 -10.17 40.85 -5.57
N TYR A 444 -9.71 41.79 -4.75
CA TYR A 444 -10.10 41.87 -3.34
C TYR A 444 -11.44 42.58 -3.26
N VAL A 445 -12.52 41.82 -3.42
CA VAL A 445 -13.88 42.37 -3.38
C VAL A 445 -14.27 42.43 -1.90
N LYS A 446 -13.92 43.55 -1.26
CA LYS A 446 -14.17 43.70 0.16
C LYS A 446 -15.62 44.09 0.43
N GLY A 447 -15.98 44.03 1.70
CA GLY A 447 -17.32 44.40 2.15
C GLY A 447 -17.37 44.56 3.66
N GLU A 448 -18.43 44.08 4.28
CA GLU A 448 -18.50 44.08 5.73
C GLU A 448 -18.80 42.67 6.25
N PRO A 449 -18.25 42.30 7.40
CA PRO A 449 -18.53 40.97 7.94
C PRO A 449 -20.00 40.79 8.27
N ILE A 450 -20.50 39.57 8.05
CA ILE A 450 -21.90 39.26 8.31
C ILE A 450 -22.19 39.01 9.78
N ILE A 451 -21.16 38.96 10.62
CA ILE A 451 -21.35 38.67 12.04
C ILE A 451 -22.08 39.82 12.74
N ASN A 452 -21.80 41.06 12.34
CA ASN A 452 -22.29 42.22 13.08
C ASN A 452 -23.82 42.28 13.12
N TYR A 453 -24.48 41.72 12.10
CA TYR A 453 -25.93 41.76 12.08
C TYR A 453 -26.55 40.83 13.12
N TYR A 454 -25.80 39.80 13.54
CA TYR A 454 -26.33 38.86 14.50
C TYR A 454 -26.47 39.49 15.89
N ASP A 455 -27.41 38.98 16.67
CA ASP A 455 -27.70 39.54 17.98
C ASP A 455 -26.52 39.31 18.92
N PRO A 456 -26.01 40.35 19.58
CA PRO A 456 -24.90 40.18 20.53
C PRO A 456 -25.31 39.68 21.90
N LEU A 457 -26.60 39.71 22.24
CA LEU A 457 -27.03 39.25 23.55
C LEU A 457 -26.78 37.75 23.72
N VAL A 458 -27.01 36.97 22.66
CA VAL A 458 -26.72 35.54 22.67
C VAL A 458 -26.43 35.12 21.24
N PHE A 459 -25.67 34.04 21.08
CA PHE A 459 -25.25 33.54 19.79
C PHE A 459 -25.62 32.07 19.71
N PRO A 460 -26.86 31.75 19.34
CA PRO A 460 -27.33 30.37 19.36
C PRO A 460 -26.83 29.54 18.20
N SER A 461 -27.38 28.32 18.05
CA SER A 461 -27.05 27.41 16.96
C SER A 461 -25.59 26.96 17.02
N ASP A 462 -25.27 26.26 18.10
CA ASP A 462 -23.95 25.66 18.26
C ASP A 462 -23.88 24.35 17.48
N GLU A 463 -22.84 24.21 16.65
CA GLU A 463 -22.57 23.00 15.90
C GLU A 463 -23.77 22.62 15.01
N PHE A 464 -24.07 23.51 14.07
CA PHE A 464 -25.21 23.33 13.16
C PHE A 464 -24.71 23.36 11.73
N ASP A 465 -25.27 22.48 10.91
CA ASP A 465 -24.80 22.25 9.54
C ASP A 465 -25.96 22.22 8.56
N ALA A 466 -26.84 23.22 8.63
CA ALA A 466 -28.02 23.27 7.79
C ALA A 466 -28.01 24.54 6.93
N SER A 467 -29.10 24.75 6.22
CA SER A 467 -29.23 25.88 5.31
C SER A 467 -29.37 27.19 6.09
N ILE A 468 -29.02 28.30 5.41
CA ILE A 468 -29.04 29.60 6.07
C ILE A 468 -30.46 29.96 6.50
N SER A 469 -31.47 29.58 5.73
CA SER A 469 -32.85 29.80 6.14
C SER A 469 -33.17 29.01 7.41
N GLN A 470 -32.64 27.79 7.52
CA GLN A 470 -32.82 27.03 8.75
C GLN A 470 -32.12 27.69 9.93
N VAL A 471 -30.97 28.33 9.69
CA VAL A 471 -30.29 29.05 10.77
C VAL A 471 -31.08 30.29 11.16
N ASN A 472 -31.74 30.94 10.20
CA ASN A 472 -32.65 32.03 10.54
C ASN A 472 -33.80 31.52 11.39
N GLU A 473 -34.32 30.34 11.06
CA GLU A 473 -35.34 29.73 11.91
C GLU A 473 -34.80 29.44 13.30
N LYS A 474 -33.54 29.00 13.39
CA LYS A 474 -32.94 28.69 14.68
C LYS A 474 -32.77 29.94 15.53
N ILE A 475 -32.28 31.03 14.96
CA ILE A 475 -32.15 32.26 15.73
C ILE A 475 -33.53 32.79 16.11
N ASN A 476 -34.50 32.64 15.21
CA ASN A 476 -35.87 33.05 15.53
C ASN A 476 -36.42 32.28 16.72
N GLN A 477 -36.24 30.97 16.74
CA GLN A 477 -36.79 30.17 17.84
C GLN A 477 -35.99 30.36 19.13
N SER A 478 -34.69 30.64 19.03
CA SER A 478 -33.91 30.93 20.23
C SER A 478 -34.33 32.26 20.84
N LEU A 479 -34.54 33.28 20.00
CA LEU A 479 -35.00 34.55 20.57
C LEU A 479 -36.47 34.45 20.98
N ALA A 480 -37.21 33.49 20.41
CA ALA A 480 -38.53 33.16 20.96
C ALA A 480 -38.42 32.57 22.36
N PHE A 481 -37.45 31.66 22.54
CA PHE A 481 -37.14 31.16 23.88
C PHE A 481 -36.89 32.30 24.84
N ILE A 482 -36.03 33.25 24.43
CA ILE A 482 -35.65 34.31 25.35
C ILE A 482 -36.82 35.27 25.59
N ARG A 483 -37.64 35.57 24.57
CA ARG A 483 -38.75 36.47 24.82
C ARG A 483 -39.79 35.81 25.72
N ARG A 484 -40.05 34.51 25.55
CA ARG A 484 -41.02 33.91 26.44
C ARG A 484 -40.48 33.80 27.85
N SER A 485 -39.16 33.59 28.00
CA SER A 485 -38.57 33.60 29.33
C SER A 485 -38.75 34.95 30.01
N ASP A 486 -38.43 36.04 29.31
CA ASP A 486 -38.54 37.35 29.96
C ASP A 486 -39.99 37.76 30.18
N GLU A 487 -40.90 37.39 29.26
CA GLU A 487 -42.31 37.71 29.49
C GLU A 487 -42.90 36.89 30.63
N LEU A 488 -42.46 35.64 30.80
CA LEU A 488 -42.87 34.87 31.96
C LEU A 488 -42.34 35.49 33.24
N LEU A 489 -41.11 35.97 33.22
CA LEU A 489 -40.56 36.65 34.40
C LEU A 489 -41.37 37.90 34.74
N SER A 490 -41.71 38.71 33.73
CA SER A 490 -42.51 39.90 33.99
C SER A 490 -43.90 39.54 34.49
N ALA A 491 -44.51 38.49 33.93
CA ALA A 491 -45.82 38.05 34.40
C ALA A 491 -45.76 37.59 35.85
N ILE A 492 -44.67 36.89 36.22
CA ILE A 492 -44.48 36.52 37.62
C ILE A 492 -44.38 37.78 38.47
N GLN B 1 -5.85 -32.35 -30.16
CA GLN B 1 -5.57 -33.67 -29.59
C GLN B 1 -6.63 -34.06 -28.56
N ILE B 2 -7.70 -33.29 -28.51
CA ILE B 2 -8.79 -33.54 -27.57
C ILE B 2 -9.66 -34.66 -28.11
N GLN B 3 -9.83 -35.72 -27.33
CA GLN B 3 -10.60 -36.90 -27.72
C GLN B 3 -11.79 -37.06 -26.78
N LEU B 4 -13.01 -37.12 -27.31
CA LEU B 4 -14.24 -37.40 -26.52
C LEU B 4 -14.72 -38.80 -26.93
N VAL B 5 -14.87 -39.80 -26.03
CA VAL B 5 -15.26 -41.18 -26.26
C VAL B 5 -16.60 -41.43 -25.58
N GLN B 6 -17.55 -41.98 -26.34
CA GLN B 6 -18.88 -42.30 -25.84
C GLN B 6 -19.00 -43.81 -25.64
N SER B 7 -20.19 -44.24 -25.21
CA SER B 7 -20.46 -45.65 -24.95
C SER B 7 -20.78 -46.36 -26.25
N GLY B 8 -21.29 -47.60 -26.15
CA GLY B 8 -21.60 -48.39 -27.30
C GLY B 8 -23.07 -48.38 -27.66
N PRO B 9 -23.42 -48.98 -28.80
CA PRO B 9 -24.82 -49.02 -29.23
C PRO B 9 -25.64 -49.98 -28.37
N GLU B 10 -26.95 -49.78 -28.40
CA GLU B 10 -27.88 -50.61 -27.66
C GLU B 10 -29.11 -50.92 -28.50
N LEU B 11 -29.72 -52.06 -28.23
CA LEU B 11 -30.97 -52.48 -28.86
C LEU B 11 -31.87 -53.04 -27.77
N LYS B 12 -32.96 -52.34 -27.48
CA LYS B 12 -33.79 -52.66 -26.32
C LYS B 12 -35.25 -52.41 -26.68
N LYS B 13 -36.11 -52.40 -25.67
CA LYS B 13 -37.55 -52.35 -25.84
C LYS B 13 -38.12 -51.11 -25.16
N PRO B 14 -39.27 -50.62 -25.62
CA PRO B 14 -39.86 -49.42 -25.01
C PRO B 14 -40.26 -49.65 -23.56
N GLY B 15 -40.22 -48.57 -22.79
CA GLY B 15 -40.59 -48.59 -21.39
C GLY B 15 -39.44 -48.75 -20.42
N ALA B 16 -38.25 -49.12 -20.89
CA ALA B 16 -37.09 -49.30 -20.03
C ALA B 16 -36.20 -48.07 -20.11
N SER B 17 -34.98 -48.20 -19.60
CA SER B 17 -34.06 -47.07 -19.41
C SER B 17 -32.76 -47.31 -20.17
N VAL B 18 -32.27 -46.25 -20.82
CA VAL B 18 -31.04 -46.29 -21.60
C VAL B 18 -30.00 -45.42 -20.90
N LYS B 19 -28.80 -45.96 -20.72
CA LYS B 19 -27.68 -45.23 -20.15
C LYS B 19 -26.60 -45.09 -21.21
N ILE B 20 -26.33 -43.84 -21.62
CA ILE B 20 -25.30 -43.52 -22.59
C ILE B 20 -24.34 -42.51 -21.96
N SER B 21 -23.05 -42.82 -22.01
CA SER B 21 -22.04 -42.05 -21.30
C SER B 21 -20.97 -41.56 -22.27
N CYS B 22 -20.53 -40.32 -22.06
CA CYS B 22 -19.41 -39.72 -22.79
C CYS B 22 -18.30 -39.37 -21.81
N LYS B 23 -17.07 -39.77 -22.15
CA LYS B 23 -15.90 -39.50 -21.33
C LYS B 23 -14.99 -38.53 -22.06
N ALA B 24 -14.59 -37.46 -21.38
CA ALA B 24 -13.76 -36.41 -21.95
C ALA B 24 -12.34 -36.52 -21.41
N SER B 25 -11.37 -36.62 -22.31
CA SER B 25 -9.96 -36.71 -21.95
C SER B 25 -9.16 -35.74 -22.80
N GLY B 26 -8.24 -35.03 -22.15
CA GLY B 26 -7.40 -34.08 -22.86
C GLY B 26 -7.40 -32.69 -22.24
N TYR B 27 -8.32 -32.46 -21.31
CA TYR B 27 -8.45 -31.17 -20.65
C TYR B 27 -9.10 -31.37 -19.30
N THR B 28 -8.96 -30.36 -18.45
CA THR B 28 -9.61 -30.39 -17.14
C THR B 28 -11.13 -30.29 -17.32
N PHE B 29 -11.85 -31.20 -16.68
CA PHE B 29 -13.28 -31.37 -16.91
C PHE B 29 -14.14 -30.32 -16.23
N THR B 30 -13.57 -29.50 -15.34
CA THR B 30 -14.38 -28.60 -14.55
C THR B 30 -14.97 -27.46 -15.38
N ASP B 31 -14.15 -26.83 -16.22
CA ASP B 31 -14.57 -25.60 -16.89
C ASP B 31 -15.50 -25.89 -18.07
N TYR B 32 -15.02 -26.67 -19.04
CA TYR B 32 -15.80 -26.91 -20.25
C TYR B 32 -17.08 -27.68 -19.93
N SER B 33 -18.19 -27.19 -20.47
CA SER B 33 -19.49 -27.78 -20.21
C SER B 33 -19.82 -28.84 -21.26
N MET B 34 -20.75 -29.72 -20.90
CA MET B 34 -21.17 -30.82 -21.75
C MET B 34 -22.49 -30.48 -22.42
N HIS B 35 -22.55 -30.68 -23.74
CA HIS B 35 -23.75 -30.41 -24.52
C HIS B 35 -24.17 -31.67 -25.25
N TRP B 36 -25.48 -31.90 -25.33
CA TRP B 36 -26.07 -33.12 -25.87
C TRP B 36 -26.93 -32.79 -27.07
N LEU B 37 -26.80 -33.57 -28.14
CA LEU B 37 -27.51 -33.34 -29.38
C LEU B 37 -28.30 -34.57 -29.79
N LYS B 38 -29.38 -34.34 -30.52
CA LYS B 38 -30.22 -35.40 -31.09
C LYS B 38 -30.10 -35.42 -32.60
N GLN B 39 -30.11 -36.62 -33.17
CA GLN B 39 -30.20 -36.82 -34.61
C GLN B 39 -31.36 -37.74 -34.90
N ALA B 40 -32.38 -37.23 -35.58
CA ALA B 40 -33.49 -38.06 -36.00
C ALA B 40 -33.08 -38.88 -37.23
N PRO B 41 -33.69 -40.05 -37.43
CA PRO B 41 -33.30 -40.88 -38.58
C PRO B 41 -33.67 -40.25 -39.91
N GLY B 42 -32.67 -39.75 -40.63
CA GLY B 42 -32.87 -39.11 -41.91
C GLY B 42 -33.17 -37.63 -41.84
N LYS B 43 -33.53 -37.11 -40.66
CA LYS B 43 -33.87 -35.70 -40.50
C LYS B 43 -32.64 -34.92 -40.05
N GLY B 44 -32.84 -33.67 -39.63
CA GLY B 44 -31.76 -32.82 -39.17
C GLY B 44 -31.29 -33.15 -37.77
N LEU B 45 -30.54 -32.25 -37.15
CA LEU B 45 -29.97 -32.46 -35.83
C LEU B 45 -30.66 -31.54 -34.83
N LYS B 46 -31.28 -32.15 -33.81
CA LYS B 46 -31.88 -31.40 -32.71
C LYS B 46 -30.82 -31.03 -31.68
N TRP B 47 -31.23 -30.26 -30.68
CA TRP B 47 -30.36 -29.83 -29.59
C TRP B 47 -31.07 -30.03 -28.27
N MET B 48 -30.53 -30.90 -27.42
CA MET B 48 -31.13 -31.15 -26.11
C MET B 48 -31.00 -29.95 -25.19
N GLY B 49 -29.77 -29.57 -24.89
CA GLY B 49 -29.51 -28.59 -23.84
C GLY B 49 -28.07 -28.70 -23.39
N TRP B 50 -27.83 -28.32 -22.14
CA TRP B 50 -26.49 -28.39 -21.58
C TRP B 50 -26.54 -28.82 -20.12
N ILE B 51 -25.47 -29.49 -19.70
CA ILE B 51 -25.24 -29.80 -18.29
C ILE B 51 -23.86 -29.25 -17.93
N THR B 52 -23.81 -28.45 -16.87
CA THR B 52 -22.56 -27.81 -16.47
C THR B 52 -21.69 -28.79 -15.70
N THR B 53 -20.46 -28.96 -16.18
CA THR B 53 -19.52 -29.89 -15.55
C THR B 53 -18.77 -29.26 -14.38
N GLU B 54 -19.28 -28.16 -13.83
CA GLU B 54 -18.72 -27.54 -12.64
C GLU B 54 -19.64 -27.68 -11.43
N THR B 55 -20.92 -27.38 -11.60
CA THR B 55 -21.90 -27.50 -10.52
C THR B 55 -22.82 -28.70 -10.71
N GLY B 56 -23.48 -28.80 -11.86
CA GLY B 56 -24.37 -29.92 -12.13
C GLY B 56 -25.82 -29.53 -12.32
N GLU B 57 -26.06 -28.32 -12.81
CA GLU B 57 -27.42 -27.84 -13.03
C GLU B 57 -27.72 -27.84 -14.51
N PRO B 58 -28.58 -28.73 -15.00
CA PRO B 58 -28.89 -28.75 -16.44
C PRO B 58 -30.09 -27.88 -16.79
N THR B 59 -30.14 -27.51 -18.07
CA THR B 59 -31.24 -26.74 -18.63
C THR B 59 -31.70 -27.42 -19.91
N TYR B 60 -33.01 -27.57 -20.07
CA TYR B 60 -33.58 -28.42 -21.10
C TYR B 60 -34.37 -27.60 -22.09
N ALA B 61 -34.29 -27.98 -23.37
CA ALA B 61 -35.15 -27.39 -24.38
C ALA B 61 -36.59 -27.84 -24.17
N ASP B 62 -37.53 -26.98 -24.54
CA ASP B 62 -38.94 -27.26 -24.29
C ASP B 62 -39.39 -28.55 -24.97
N ASP B 63 -38.76 -28.91 -26.09
CA ASP B 63 -39.11 -30.15 -26.77
C ASP B 63 -38.71 -31.37 -25.92
N PHE B 64 -37.56 -31.29 -25.25
CA PHE B 64 -36.94 -32.45 -24.61
C PHE B 64 -37.03 -32.38 -23.09
N LYS B 65 -38.16 -31.93 -22.55
CA LYS B 65 -38.38 -31.89 -21.12
C LYS B 65 -39.29 -33.03 -20.68
N GLY B 66 -38.97 -33.62 -19.53
CA GLY B 66 -39.83 -34.62 -18.93
C GLY B 66 -39.27 -36.02 -18.83
N ARG B 67 -38.55 -36.47 -19.86
CA ARG B 67 -38.07 -37.83 -19.93
C ARG B 67 -36.56 -37.99 -19.95
N PHE B 68 -35.81 -36.95 -20.31
CA PHE B 68 -34.36 -37.04 -20.45
C PHE B 68 -33.68 -36.30 -19.30
N ALA B 69 -32.56 -36.84 -18.83
CA ALA B 69 -31.80 -36.23 -17.76
C ALA B 69 -30.34 -36.66 -17.87
N PHE B 70 -29.43 -35.69 -17.80
CA PHE B 70 -28.00 -35.95 -17.79
C PHE B 70 -27.44 -35.79 -16.39
N SER B 71 -26.55 -36.70 -16.02
CA SER B 71 -25.80 -36.60 -14.77
C SER B 71 -24.34 -36.93 -15.06
N LEU B 72 -23.45 -36.38 -14.24
CA LEU B 72 -22.02 -36.51 -14.49
C LEU B 72 -21.29 -36.82 -13.19
N ASP B 73 -20.13 -37.45 -13.34
CA ASP B 73 -19.23 -37.75 -12.23
C ASP B 73 -17.89 -37.11 -12.56
N THR B 74 -17.61 -35.95 -11.94
CA THR B 74 -16.40 -35.23 -12.25
C THR B 74 -15.15 -35.98 -11.84
N SER B 75 -15.26 -36.87 -10.85
CA SER B 75 -14.11 -37.67 -10.43
C SER B 75 -13.65 -38.61 -11.54
N ALA B 76 -14.61 -39.23 -12.23
CA ALA B 76 -14.30 -40.17 -13.30
C ALA B 76 -14.17 -39.51 -14.67
N SER B 77 -14.37 -38.19 -14.74
CA SER B 77 -14.35 -37.45 -16.00
C SER B 77 -15.28 -38.07 -17.03
N THR B 78 -16.47 -38.45 -16.58
CA THR B 78 -17.49 -39.05 -17.43
C THR B 78 -18.84 -38.41 -17.16
N ALA B 79 -19.59 -38.16 -18.24
CA ALA B 79 -20.95 -37.65 -18.14
C ALA B 79 -21.87 -38.60 -18.90
N TYR B 80 -22.97 -39.02 -18.26
CA TYR B 80 -23.87 -40.00 -18.84
C TYR B 80 -25.29 -39.49 -18.84
N LEU B 81 -26.06 -39.95 -19.83
CA LEU B 81 -27.46 -39.61 -19.99
C LEU B 81 -28.33 -40.83 -19.71
N GLN B 82 -29.33 -40.65 -18.86
CA GLN B 82 -30.30 -41.69 -18.54
C GLN B 82 -31.63 -41.36 -19.21
N ILE B 83 -32.12 -42.29 -20.00
CA ILE B 83 -33.32 -42.07 -20.82
C ILE B 83 -34.38 -43.04 -20.34
N SER B 84 -35.24 -42.59 -19.43
CA SER B 84 -36.35 -43.38 -18.94
C SER B 84 -37.60 -43.09 -19.76
N SER B 85 -38.57 -44.00 -19.66
CA SER B 85 -39.83 -43.92 -20.39
C SER B 85 -39.56 -43.84 -21.90
N LEU B 86 -38.99 -44.92 -22.42
CA LEU B 86 -38.58 -44.98 -23.81
C LEU B 86 -39.80 -44.99 -24.73
N LYS B 87 -39.76 -44.14 -25.76
CA LYS B 87 -40.75 -44.13 -26.83
C LYS B 87 -40.11 -44.61 -28.13
N ALA B 88 -40.98 -44.99 -29.08
CA ALA B 88 -40.50 -45.45 -30.37
C ALA B 88 -39.77 -44.35 -31.15
N GLU B 89 -39.98 -43.09 -30.78
CA GLU B 89 -39.30 -41.98 -31.43
C GLU B 89 -37.85 -41.85 -30.99
N ASP B 90 -37.41 -42.63 -30.01
CA ASP B 90 -36.04 -42.53 -29.51
C ASP B 90 -35.00 -43.05 -30.49
N THR B 91 -35.41 -43.68 -31.58
CA THR B 91 -34.46 -44.16 -32.58
C THR B 91 -33.66 -43.00 -33.16
N GLY B 92 -32.36 -43.22 -33.29
CA GLY B 92 -31.47 -42.21 -33.82
C GLY B 92 -30.08 -42.37 -33.24
N VAL B 93 -29.35 -41.24 -33.20
CA VAL B 93 -27.98 -41.21 -32.71
C VAL B 93 -27.86 -40.16 -31.63
N TYR B 94 -26.87 -40.31 -30.78
CA TYR B 94 -26.61 -39.38 -29.68
C TYR B 94 -25.19 -38.83 -29.79
N PHE B 95 -25.04 -37.54 -29.47
CA PHE B 95 -23.77 -36.86 -29.61
C PHE B 95 -23.47 -36.05 -28.35
N CYS B 96 -22.21 -36.12 -27.91
CA CYS B 96 -21.70 -35.30 -26.82
C CYS B 96 -20.74 -34.28 -27.40
N ALA B 97 -20.91 -33.00 -27.02
CA ALA B 97 -20.20 -31.92 -27.67
C ALA B 97 -19.80 -30.86 -26.65
N ARG B 98 -18.81 -30.06 -27.03
CA ARG B 98 -18.32 -28.94 -26.23
C ARG B 98 -18.03 -27.76 -27.15
N TYR B 99 -17.75 -26.61 -26.53
CA TYR B 99 -17.48 -25.38 -27.26
C TYR B 99 -15.98 -25.27 -27.51
N TYR B 100 -15.58 -25.40 -28.78
CA TYR B 100 -14.16 -25.34 -29.16
C TYR B 100 -13.99 -24.22 -30.19
N TYR B 101 -13.69 -23.02 -29.70
CA TYR B 101 -13.36 -21.87 -30.54
C TYR B 101 -14.44 -21.58 -31.57
N GLY B 102 -15.64 -21.26 -31.07
CA GLY B 102 -16.76 -20.97 -31.93
C GLY B 102 -17.78 -22.08 -31.93
N PRO B 103 -17.78 -22.88 -33.00
CA PRO B 103 -18.77 -23.95 -33.13
C PRO B 103 -18.53 -25.09 -32.15
N PHE B 104 -19.37 -26.13 -32.24
CA PHE B 104 -19.27 -27.29 -31.37
C PHE B 104 -18.19 -28.24 -31.87
N TYR B 105 -17.92 -29.27 -31.07
CA TYR B 105 -16.99 -30.34 -31.40
C TYR B 105 -17.61 -31.63 -30.90
N TRP B 106 -18.07 -32.47 -31.81
CA TRP B 106 -18.79 -33.69 -31.46
C TRP B 106 -17.89 -34.91 -31.61
N GLY B 107 -18.09 -35.87 -30.70
CA GLY B 107 -17.43 -37.16 -30.79
C GLY B 107 -18.20 -38.13 -31.67
N GLN B 108 -17.75 -39.38 -31.66
CA GLN B 108 -18.38 -40.38 -32.50
C GLN B 108 -19.81 -40.68 -32.01
N GLY B 109 -20.64 -41.07 -32.96
CA GLY B 109 -22.04 -41.32 -32.67
C GLY B 109 -22.29 -42.70 -32.07
N THR B 110 -23.39 -42.80 -31.34
CA THR B 110 -23.82 -44.05 -30.72
C THR B 110 -25.24 -44.36 -31.21
N LEU B 111 -25.35 -45.33 -32.11
CA LEU B 111 -26.65 -45.69 -32.65
C LEU B 111 -27.53 -46.32 -31.58
N VAL B 112 -28.74 -45.79 -31.43
CA VAL B 112 -29.73 -46.38 -30.51
C VAL B 112 -30.85 -46.94 -31.41
N THR B 113 -31.24 -48.23 -31.25
CA THR B 113 -32.30 -48.91 -31.99
C THR B 113 -33.38 -49.38 -31.03
N VAL B 114 -34.63 -49.20 -31.43
CA VAL B 114 -35.79 -49.58 -30.62
C VAL B 114 -36.51 -50.72 -31.32
N SER B 115 -36.65 -51.85 -30.64
CA SER B 115 -37.32 -53.02 -31.16
C SER B 115 -38.66 -53.20 -30.45
N SER B 116 -39.37 -54.26 -30.83
CA SER B 116 -40.66 -54.56 -30.23
C SER B 116 -40.84 -56.07 -30.03
N ASP C 1 -36.72 -18.08 -30.54
CA ASP C 1 -35.99 -19.03 -31.37
C ASP C 1 -35.74 -18.45 -32.76
N ILE C 2 -34.61 -18.81 -33.35
CA ILE C 2 -34.24 -18.35 -34.69
C ILE C 2 -34.19 -19.58 -35.59
N GLN C 3 -35.10 -19.63 -36.57
CA GLN C 3 -35.16 -20.75 -37.49
C GLN C 3 -34.22 -20.51 -38.66
N MET C 4 -33.50 -21.56 -39.05
CA MET C 4 -32.49 -21.47 -40.10
C MET C 4 -32.78 -22.53 -41.16
N THR C 5 -32.89 -22.11 -42.41
CA THR C 5 -33.21 -22.99 -43.52
C THR C 5 -32.18 -22.84 -44.62
N GLN C 6 -32.06 -23.87 -45.44
CA GLN C 6 -31.13 -23.90 -46.57
C GLN C 6 -31.90 -24.05 -47.88
N SER C 7 -31.53 -23.24 -48.87
CA SER C 7 -32.22 -23.32 -50.16
C SER C 7 -31.88 -24.59 -50.93
N PRO C 8 -30.59 -24.90 -51.19
CA PRO C 8 -30.32 -26.14 -51.95
C PRO C 8 -30.36 -27.40 -51.07
N SER C 9 -31.58 -27.91 -50.88
CA SER C 9 -31.75 -29.10 -50.05
C SER C 9 -31.04 -30.31 -50.66
N SER C 10 -31.13 -30.47 -51.99
CA SER C 10 -30.45 -31.53 -52.71
C SER C 10 -29.60 -30.91 -53.80
N LEU C 11 -28.32 -31.23 -53.80
CA LEU C 11 -27.37 -30.67 -54.78
C LEU C 11 -26.55 -31.80 -55.39
N SER C 12 -26.33 -31.71 -56.70
CA SER C 12 -25.53 -32.69 -57.43
C SER C 12 -24.68 -31.94 -58.44
N ALA C 13 -23.36 -31.97 -58.26
CA ALA C 13 -22.43 -31.23 -59.10
C ALA C 13 -21.38 -32.17 -59.67
N SER C 14 -20.63 -31.65 -60.65
CA SER C 14 -19.57 -32.40 -61.30
C SER C 14 -18.29 -32.28 -60.47
N VAL C 15 -17.17 -32.75 -61.03
CA VAL C 15 -15.89 -32.72 -60.33
C VAL C 15 -15.23 -31.34 -60.39
N GLY C 16 -15.61 -30.51 -61.35
CA GLY C 16 -14.99 -29.20 -61.48
C GLY C 16 -15.98 -28.05 -61.38
N ASP C 17 -16.95 -28.17 -60.49
CA ASP C 17 -17.98 -27.16 -60.30
C ASP C 17 -17.68 -26.28 -59.10
N ARG C 18 -18.16 -25.04 -59.15
CA ARG C 18 -18.06 -24.10 -58.04
C ARG C 18 -19.46 -23.98 -57.45
N VAL C 19 -19.70 -24.70 -56.36
CA VAL C 19 -21.03 -24.81 -55.79
C VAL C 19 -21.20 -23.77 -54.69
N THR C 20 -22.45 -23.36 -54.49
CA THR C 20 -22.75 -22.28 -53.56
C THR C 20 -23.94 -22.67 -52.71
N ILE C 21 -23.80 -22.52 -51.40
CA ILE C 21 -24.84 -22.90 -50.44
C ILE C 21 -25.17 -21.67 -49.58
N THR C 22 -26.45 -21.37 -49.45
CA THR C 22 -26.93 -20.21 -48.71
C THR C 22 -27.79 -20.64 -47.53
N CYS C 23 -27.69 -19.91 -46.42
CA CYS C 23 -28.53 -20.11 -45.25
C CYS C 23 -29.19 -18.79 -44.86
N ARG C 24 -30.45 -18.88 -44.46
CA ARG C 24 -31.22 -17.72 -44.01
C ARG C 24 -31.56 -17.88 -42.53
N SER C 25 -31.89 -16.75 -41.90
CA SER C 25 -32.23 -16.73 -40.48
C SER C 25 -33.48 -15.89 -40.27
N SER C 26 -34.33 -16.34 -39.34
CA SER C 26 -35.52 -15.57 -38.99
C SER C 26 -35.15 -14.24 -38.36
N GLY C 27 -34.13 -14.23 -37.50
CA GLY C 27 -33.65 -13.02 -36.88
C GLY C 27 -32.32 -12.56 -37.44
N ASN C 28 -31.77 -11.54 -36.80
CA ASN C 28 -30.48 -10.96 -37.19
C ASN C 28 -29.41 -11.52 -36.27
N ILE C 29 -28.38 -12.14 -36.85
CA ILE C 29 -27.24 -12.67 -36.11
C ILE C 29 -25.98 -12.07 -36.68
N HIS C 30 -25.20 -11.42 -35.82
CA HIS C 30 -23.93 -10.82 -36.23
C HIS C 30 -22.91 -11.95 -36.39
N ASN C 31 -22.73 -12.41 -37.63
CA ASN C 31 -21.86 -13.55 -37.94
C ASN C 31 -22.42 -14.73 -37.15
N PHE C 32 -21.61 -15.40 -36.33
CA PHE C 32 -22.08 -16.47 -35.43
C PHE C 32 -22.73 -17.61 -36.20
N LEU C 33 -22.20 -17.93 -37.39
CA LEU C 33 -22.72 -19.01 -38.21
C LEU C 33 -21.58 -19.95 -38.60
N THR C 34 -21.87 -21.24 -38.63
CA THR C 34 -20.89 -22.25 -38.99
C THR C 34 -21.56 -23.36 -39.78
N TRP C 35 -20.74 -24.20 -40.39
CA TRP C 35 -21.22 -25.33 -41.18
C TRP C 35 -20.56 -26.61 -40.71
N TYR C 36 -21.16 -27.74 -41.06
CA TYR C 36 -20.64 -29.06 -40.71
C TYR C 36 -20.69 -29.96 -41.93
N GLN C 37 -19.74 -30.88 -42.01
CA GLN C 37 -19.60 -31.81 -43.12
C GLN C 37 -19.89 -33.21 -42.60
N GLN C 38 -21.15 -33.64 -42.73
CA GLN C 38 -21.57 -34.94 -42.23
C GLN C 38 -21.21 -36.02 -43.25
N LYS C 39 -20.31 -36.92 -42.87
CA LYS C 39 -20.06 -38.12 -43.65
C LYS C 39 -21.07 -39.20 -43.27
N PRO C 40 -21.49 -40.02 -44.23
CA PRO C 40 -22.46 -41.08 -43.91
C PRO C 40 -21.87 -42.09 -42.94
N GLY C 41 -22.61 -42.34 -41.85
CA GLY C 41 -22.14 -43.28 -40.85
C GLY C 41 -20.89 -42.85 -40.12
N LYS C 42 -20.78 -41.57 -39.78
CA LYS C 42 -19.62 -41.05 -39.06
C LYS C 42 -20.05 -39.81 -38.30
N SER C 43 -19.08 -39.13 -37.68
CA SER C 43 -19.33 -37.93 -36.88
C SER C 43 -18.83 -36.71 -37.61
N PRO C 44 -19.68 -35.73 -37.89
CA PRO C 44 -19.26 -34.54 -38.63
C PRO C 44 -18.37 -33.64 -37.79
N GLN C 45 -17.61 -32.80 -38.50
CA GLN C 45 -16.70 -31.85 -37.87
C GLN C 45 -16.88 -30.48 -38.53
N PHE C 46 -16.55 -29.44 -37.79
CA PHE C 46 -16.66 -28.09 -38.32
C PHE C 46 -15.57 -27.84 -39.37
N LEU C 47 -15.81 -26.85 -40.22
CA LEU C 47 -14.82 -26.43 -41.21
C LEU C 47 -14.65 -24.93 -41.31
N VAL C 48 -15.60 -24.12 -40.84
CA VAL C 48 -15.49 -22.67 -40.85
C VAL C 48 -15.81 -22.17 -39.44
N TYR C 49 -14.86 -21.47 -38.81
CA TYR C 49 -15.05 -21.03 -37.44
C TYR C 49 -16.20 -20.06 -37.32
N ASN C 50 -16.18 -18.99 -38.12
CA ASN C 50 -17.26 -18.01 -38.16
C ASN C 50 -17.70 -17.83 -39.60
N ALA C 51 -18.47 -16.78 -39.88
CA ALA C 51 -18.98 -16.58 -41.25
C ALA C 51 -17.85 -16.48 -42.27
N LYS C 52 -16.67 -16.02 -41.88
CA LYS C 52 -15.60 -15.82 -42.85
C LYS C 52 -14.23 -16.24 -42.32
N THR C 53 -14.16 -17.27 -41.48
CA THR C 53 -12.90 -17.78 -40.96
C THR C 53 -12.89 -19.31 -41.09
N LEU C 54 -12.17 -19.82 -42.08
CA LEU C 54 -12.06 -21.26 -42.26
C LEU C 54 -11.29 -21.90 -41.11
N ALA C 55 -11.62 -23.16 -40.83
CA ALA C 55 -10.98 -23.88 -39.75
C ALA C 55 -9.64 -24.45 -40.20
N ASP C 56 -8.79 -24.74 -39.21
CA ASP C 56 -7.50 -25.34 -39.49
C ASP C 56 -7.66 -26.78 -39.99
N GLY C 57 -6.84 -27.16 -40.95
CA GLY C 57 -6.90 -28.48 -41.55
C GLY C 57 -7.91 -28.62 -42.67
N VAL C 58 -8.68 -27.58 -42.96
CA VAL C 58 -9.66 -27.61 -44.05
C VAL C 58 -8.99 -27.07 -45.31
N PRO C 59 -9.20 -27.69 -46.47
CA PRO C 59 -8.60 -27.16 -47.71
C PRO C 59 -9.07 -25.74 -47.98
N SER C 60 -8.18 -24.95 -48.60
CA SER C 60 -8.44 -23.54 -48.85
C SER C 60 -9.58 -23.32 -49.83
N ARG C 61 -10.03 -24.37 -50.54
CA ARG C 61 -11.17 -24.23 -51.43
C ARG C 61 -12.43 -23.77 -50.70
N PHE C 62 -12.51 -24.18 -49.43
CA PHE C 62 -13.67 -23.78 -48.62
C PHE C 62 -13.41 -22.37 -48.09
N SER C 63 -14.47 -21.59 -47.93
CA SER C 63 -14.36 -20.21 -47.42
C SER C 63 -15.78 -19.66 -47.37
N GLY C 64 -16.02 -18.60 -46.63
CA GLY C 64 -17.41 -18.12 -46.48
C GLY C 64 -17.49 -16.62 -46.38
N SER C 65 -18.70 -16.09 -46.51
CA SER C 65 -18.90 -14.64 -46.43
C SER C 65 -20.35 -14.38 -46.08
N GLY C 66 -20.60 -13.18 -45.55
CA GLY C 66 -21.95 -12.76 -45.20
C GLY C 66 -22.08 -12.37 -43.75
N SER C 67 -23.02 -11.46 -43.48
CA SER C 67 -23.29 -11.01 -42.12
C SER C 67 -24.75 -10.61 -42.02
N GLY C 68 -25.27 -10.63 -40.79
CA GLY C 68 -26.65 -10.25 -40.57
C GLY C 68 -27.62 -11.41 -40.69
N THR C 69 -28.25 -11.54 -41.84
CA THR C 69 -29.22 -12.61 -42.10
C THR C 69 -28.79 -13.57 -43.20
N GLN C 70 -28.21 -13.06 -44.28
CA GLN C 70 -27.79 -13.89 -45.41
C GLN C 70 -26.34 -14.31 -45.23
N PHE C 71 -26.09 -15.62 -45.28
CA PHE C 71 -24.75 -16.17 -45.20
C PHE C 71 -24.60 -17.24 -46.27
N THR C 72 -23.37 -17.39 -46.76
CA THR C 72 -23.15 -18.18 -47.95
C THR C 72 -21.71 -18.68 -47.98
N LEU C 73 -21.52 -19.94 -48.35
CA LEU C 73 -20.19 -20.51 -48.50
C LEU C 73 -19.65 -20.29 -49.91
N THR C 74 -18.34 -20.49 -50.05
CA THR C 74 -17.65 -20.44 -51.34
C THR C 74 -16.75 -21.66 -51.42
N ILE C 75 -16.94 -22.47 -52.46
CA ILE C 75 -16.10 -23.63 -52.73
C ILE C 75 -15.40 -23.39 -54.06
N SER C 76 -14.06 -23.27 -54.02
CA SER C 76 -13.31 -22.98 -55.23
C SER C 76 -13.41 -24.12 -56.25
N SER C 77 -13.28 -25.36 -55.79
CA SER C 77 -13.32 -26.51 -56.69
C SER C 77 -13.75 -27.74 -55.92
N LEU C 78 -14.72 -28.47 -56.49
CA LEU C 78 -15.15 -29.73 -55.89
C LEU C 78 -14.06 -30.78 -56.02
N GLN C 79 -13.90 -31.59 -54.98
CA GLN C 79 -12.90 -32.64 -54.98
C GLN C 79 -13.61 -33.91 -54.51
N PRO C 80 -13.48 -35.01 -55.26
CA PRO C 80 -14.27 -36.22 -54.94
C PRO C 80 -14.08 -36.75 -53.52
N GLU C 81 -12.97 -36.43 -52.84
CA GLU C 81 -12.85 -36.82 -51.44
C GLU C 81 -13.83 -36.08 -50.54
N ASP C 82 -14.46 -35.01 -51.03
CA ASP C 82 -15.39 -34.20 -50.26
C ASP C 82 -16.80 -34.50 -50.74
N PHE C 83 -17.57 -35.19 -49.90
CA PHE C 83 -18.95 -35.53 -50.23
C PHE C 83 -19.67 -35.91 -48.94
N GLY C 84 -20.94 -35.53 -48.85
CA GLY C 84 -21.72 -35.84 -47.65
C GLY C 84 -22.94 -34.94 -47.55
N ILE C 85 -23.32 -34.65 -46.30
CA ILE C 85 -24.46 -33.78 -46.01
C ILE C 85 -23.94 -32.57 -45.25
N TYR C 86 -24.31 -31.38 -45.70
CA TYR C 86 -23.86 -30.13 -45.11
C TYR C 86 -25.01 -29.48 -44.36
N TYR C 87 -24.76 -29.07 -43.12
CA TYR C 87 -25.74 -28.37 -42.31
C TYR C 87 -25.13 -27.07 -41.79
N CYS C 88 -26.00 -26.10 -41.54
CA CYS C 88 -25.59 -24.81 -41.00
C CYS C 88 -26.34 -24.54 -39.71
N GLN C 89 -25.65 -23.95 -38.73
CA GLN C 89 -26.18 -23.80 -37.39
C GLN C 89 -25.59 -22.55 -36.75
N HIS C 90 -26.46 -21.73 -36.16
CA HIS C 90 -26.02 -20.54 -35.47
C HIS C 90 -25.73 -20.84 -33.99
N PHE C 91 -25.03 -19.92 -33.35
CA PHE C 91 -24.77 -20.00 -31.92
C PHE C 91 -24.94 -18.63 -31.27
N TRP C 92 -25.95 -17.88 -31.71
CA TRP C 92 -26.23 -16.57 -31.11
C TRP C 92 -26.75 -16.72 -29.68
N THR C 93 -27.70 -17.62 -29.48
CA THR C 93 -28.26 -17.85 -28.15
C THR C 93 -29.00 -19.18 -28.14
N THR C 94 -29.25 -19.67 -26.94
CA THR C 94 -30.05 -20.88 -26.79
C THR C 94 -31.52 -20.56 -27.06
N PRO C 95 -32.27 -21.48 -27.67
CA PRO C 95 -31.88 -22.82 -28.11
C PRO C 95 -31.12 -22.80 -29.43
N TYR C 96 -30.49 -23.93 -29.79
CA TYR C 96 -29.62 -24.00 -30.95
C TYR C 96 -30.34 -24.77 -32.06
N THR C 97 -30.38 -24.17 -33.25
CA THR C 97 -31.15 -24.72 -34.37
C THR C 97 -30.24 -24.97 -35.55
N PHE C 98 -30.48 -26.09 -36.23
CA PHE C 98 -29.75 -26.45 -37.44
C PHE C 98 -30.62 -26.24 -38.67
N GLY C 99 -30.01 -26.47 -39.84
CA GLY C 99 -30.70 -26.36 -41.11
C GLY C 99 -31.35 -27.66 -41.52
N GLY C 100 -31.74 -27.71 -42.80
CA GLY C 100 -32.36 -28.89 -43.37
C GLY C 100 -31.41 -29.93 -43.92
N GLY C 101 -30.13 -29.60 -44.07
CA GLY C 101 -29.16 -30.54 -44.59
C GLY C 101 -28.93 -30.42 -46.08
N THR C 102 -27.73 -30.01 -46.48
CA THR C 102 -27.36 -29.91 -47.88
C THR C 102 -26.74 -31.23 -48.31
N LYS C 103 -27.54 -32.08 -48.97
CA LYS C 103 -27.07 -33.38 -49.43
C LYS C 103 -26.39 -33.20 -50.78
N VAL C 104 -25.09 -32.91 -50.76
CA VAL C 104 -24.33 -32.73 -51.98
C VAL C 104 -24.05 -34.10 -52.60
N GLU C 105 -24.12 -34.16 -53.92
CA GLU C 105 -23.94 -35.41 -54.67
C GLU C 105 -22.92 -35.18 -55.79
N ILE C 106 -22.77 -36.20 -56.64
CA ILE C 106 -21.86 -36.16 -57.77
C ILE C 106 -22.70 -36.30 -59.04
N LYS C 107 -22.49 -35.39 -59.99
CA LYS C 107 -23.24 -35.40 -61.24
C LYS C 107 -22.89 -36.63 -62.08
N SER D 1 23.27 5.23 28.75
CA SER D 1 21.95 5.76 29.05
C SER D 1 21.02 4.66 29.56
N SER D 2 21.06 4.40 30.86
CA SER D 2 20.19 3.39 31.46
C SER D 2 18.73 3.84 31.37
N GLN D 3 17.85 2.88 31.10
CA GLN D 3 16.42 3.16 30.95
C GLN D 3 15.78 3.20 32.34
N ASN D 4 15.91 4.35 32.99
CA ASN D 4 15.34 4.56 34.31
C ASN D 4 13.98 5.26 34.20
N ILE D 5 13.03 4.57 33.59
CA ILE D 5 11.69 5.10 33.42
C ILE D 5 10.93 4.95 34.74
N THR D 6 10.35 6.04 35.21
CA THR D 6 9.61 6.07 36.47
C THR D 6 8.21 6.58 36.22
N GLU D 7 7.24 5.69 36.21
CA GLU D 7 5.84 6.04 36.01
C GLU D 7 5.16 6.22 37.36
N GLU D 8 4.34 7.27 37.47
CA GLU D 8 3.58 7.56 38.69
C GLU D 8 2.10 7.60 38.33
N PHE D 9 1.37 6.56 38.73
CA PHE D 9 -0.07 6.54 38.54
C PHE D 9 -0.76 7.38 39.61
N TYR D 10 -1.81 8.08 39.21
CA TYR D 10 -2.59 8.92 40.11
C TYR D 10 -4.00 8.38 40.23
N GLN D 11 -4.58 8.49 41.42
CA GLN D 11 -5.98 8.16 41.63
C GLN D 11 -6.88 9.39 41.60
N SER D 12 -6.31 10.59 41.55
CA SER D 12 -7.14 11.80 41.48
C SER D 12 -7.82 11.90 40.12
N THR D 13 -7.03 11.97 39.05
CA THR D 13 -7.55 12.02 37.70
C THR D 13 -7.36 10.70 36.95
N CYS D 14 -6.82 9.68 37.61
CA CYS D 14 -6.59 8.37 37.00
C CYS D 14 -5.83 8.50 35.67
N SER D 15 -4.81 9.36 35.68
CA SER D 15 -3.91 9.55 34.56
C SER D 15 -2.50 9.22 35.00
N ALA D 16 -1.84 8.33 34.27
CA ALA D 16 -0.51 7.83 34.62
C ALA D 16 0.52 8.50 33.72
N VAL D 17 1.44 9.25 34.33
CA VAL D 17 2.45 10.00 33.58
C VAL D 17 3.79 9.31 33.71
N SER D 18 4.35 8.88 32.58
CA SER D 18 5.68 8.32 32.57
C SER D 18 6.72 9.43 32.74
N ARG D 19 7.97 9.03 32.97
CA ARG D 19 9.06 9.98 33.14
C ARG D 19 10.35 9.33 32.66
N GLY D 20 11.43 10.11 32.70
CA GLY D 20 12.74 9.60 32.34
C GLY D 20 13.04 9.52 30.86
N TYR D 21 12.15 10.02 30.02
CA TYR D 21 12.33 9.97 28.57
C TYR D 21 13.02 11.25 28.12
N PHE D 22 14.16 11.11 27.45
CA PHE D 22 14.93 12.25 26.96
C PHE D 22 14.60 12.45 25.48
N GLY D 23 13.77 13.46 25.20
CA GLY D 23 13.30 13.70 23.86
C GLY D 23 14.26 14.50 23.02
N ALA D 24 13.85 14.72 21.76
CA ALA D 24 14.64 15.49 20.80
C ALA D 24 13.67 16.12 19.81
N LEU D 25 13.37 17.40 20.02
CA LEU D 25 12.41 18.09 19.17
C LEU D 25 13.07 18.58 17.87
N ARG D 26 12.27 18.63 16.81
CA ARG D 26 12.71 19.13 15.51
C ARG D 26 12.07 20.48 15.26
N THR D 27 12.89 21.49 14.95
CA THR D 27 12.41 22.84 14.74
C THR D 27 12.53 23.33 13.31
N GLY D 28 13.16 22.57 12.42
CA GLY D 28 13.32 23.00 11.06
C GLY D 28 13.74 21.86 10.16
N TRP D 29 13.83 22.15 8.87
CA TRP D 29 14.21 21.20 7.85
C TRP D 29 15.56 21.57 7.26
N TYR D 30 16.09 20.67 6.42
CA TYR D 30 17.34 20.90 5.69
C TYR D 30 17.14 20.32 4.29
N THR D 31 16.73 21.19 3.37
CA THR D 31 16.44 20.76 2.01
C THR D 31 17.73 20.55 1.23
N SER D 32 17.89 19.36 0.67
CA SER D 32 19.02 19.03 -0.18
C SER D 32 18.51 18.49 -1.51
N VAL D 33 19.25 18.78 -2.57
CA VAL D 33 18.82 18.45 -3.93
C VAL D 33 19.50 17.15 -4.35
N ILE D 34 18.69 16.18 -4.77
CA ILE D 34 19.18 14.89 -5.25
C ILE D 34 18.77 14.77 -6.71
N THR D 35 19.76 14.60 -7.59
CA THR D 35 19.52 14.61 -9.03
C THR D 35 19.81 13.25 -9.63
N ILE D 36 18.92 12.79 -10.50
CA ILE D 36 19.12 11.58 -11.30
C ILE D 36 19.27 12.02 -12.75
N GLU D 37 20.42 11.69 -13.35
CA GLU D 37 20.73 12.14 -14.71
C GLU D 37 20.03 11.22 -15.70
N LEU D 38 18.84 11.62 -16.12
CA LEU D 38 18.10 10.88 -17.13
C LEU D 38 18.71 11.11 -18.51
N SER D 39 18.34 10.24 -19.44
CA SER D 39 18.77 10.35 -20.83
C SER D 39 17.54 10.33 -21.73
N ASN D 40 17.43 11.32 -22.62
CA ASN D 40 16.32 11.40 -23.55
C ASN D 40 16.74 10.69 -24.83
N ILE D 41 16.47 9.39 -24.89
CA ILE D 41 16.84 8.54 -26.01
C ILE D 41 15.65 8.40 -26.95
N LYS D 42 15.88 8.67 -28.23
CA LYS D 42 14.82 8.54 -29.22
C LYS D 42 14.53 7.07 -29.51
N GLU D 43 13.36 6.82 -30.08
CA GLU D 43 12.94 5.47 -30.43
C GLU D 43 13.93 4.85 -31.41
N ILE D 44 14.61 3.79 -30.97
CA ILE D 44 15.66 3.18 -31.79
C ILE D 44 15.03 2.49 -32.99
N LYS D 45 15.78 2.45 -34.09
CA LYS D 45 15.34 1.79 -35.32
C LYS D 45 15.94 0.40 -35.39
N CYS D 46 15.52 -0.44 -34.45
CA CYS D 46 16.01 -1.81 -34.33
C CYS D 46 14.91 -2.77 -34.76
N ASN D 47 15.27 -3.73 -35.61
CA ASN D 47 14.32 -4.71 -36.14
C ASN D 47 14.71 -6.14 -35.77
N GLY D 48 15.52 -6.32 -34.74
CA GLY D 48 15.90 -7.66 -34.33
C GLY D 48 14.73 -8.41 -33.70
N THR D 49 14.80 -9.74 -33.79
CA THR D 49 13.74 -10.60 -33.27
C THR D 49 14.22 -11.49 -32.12
N ASP D 50 15.45 -11.30 -31.64
CA ASP D 50 15.97 -12.12 -30.57
C ASP D 50 15.28 -11.77 -29.24
N THR D 51 15.31 -12.73 -28.33
CA THR D 51 14.65 -12.53 -27.03
C THR D 51 15.34 -11.44 -26.22
N LYS D 52 16.68 -11.42 -26.22
CA LYS D 52 17.40 -10.42 -25.43
C LYS D 52 17.19 -9.01 -25.97
N VAL D 53 17.25 -8.85 -27.30
CA VAL D 53 17.02 -7.55 -27.90
C VAL D 53 15.60 -7.09 -27.61
N LYS D 54 14.62 -8.00 -27.73
CA LYS D 54 13.25 -7.65 -27.42
C LYS D 54 13.11 -7.20 -25.96
N LEU D 55 13.72 -7.95 -25.04
CA LEU D 55 13.62 -7.63 -23.62
C LEU D 55 14.21 -6.25 -23.33
N ILE D 56 15.36 -5.96 -23.94
CA ILE D 56 15.92 -4.62 -23.85
C ILE D 56 14.94 -3.60 -24.41
N LYS D 57 14.19 -3.99 -25.45
CA LYS D 57 13.23 -3.05 -26.04
C LYS D 57 12.10 -2.71 -25.08
N GLN D 58 11.46 -3.72 -24.46
CA GLN D 58 10.42 -3.31 -23.50
C GLN D 58 11.02 -2.64 -22.27
N GLU D 59 12.26 -2.95 -21.89
CA GLU D 59 12.83 -2.23 -20.75
C GLU D 59 13.05 -0.75 -21.09
N LEU D 60 13.54 -0.47 -22.29
CA LEU D 60 13.67 0.92 -22.73
C LEU D 60 12.30 1.58 -22.86
N ASP D 61 11.29 0.83 -23.29
CA ASP D 61 9.94 1.38 -23.36
C ASP D 61 9.43 1.72 -21.96
N LYS D 62 9.70 0.86 -20.98
CA LYS D 62 9.34 1.16 -19.60
C LYS D 62 10.05 2.42 -19.11
N TYR D 63 11.34 2.55 -19.43
CA TYR D 63 12.08 3.76 -19.03
C TYR D 63 11.48 5.01 -19.66
N LYS D 64 11.14 4.95 -20.94
CA LYS D 64 10.55 6.10 -21.62
C LYS D 64 9.18 6.43 -21.04
N ASN D 65 8.38 5.41 -20.74
CA ASN D 65 7.08 5.65 -20.11
C ASN D 65 7.24 6.28 -18.74
N ALA D 66 8.23 5.84 -17.97
CA ALA D 66 8.49 6.44 -16.67
C ALA D 66 8.88 7.91 -16.81
N VAL D 67 9.74 8.22 -17.79
CA VAL D 67 10.14 9.61 -18.02
C VAL D 67 8.93 10.46 -18.40
N THR D 68 8.09 9.94 -19.31
CA THR D 68 6.91 10.68 -19.73
C THR D 68 5.95 10.89 -18.56
N ASP D 69 5.79 9.89 -17.70
CA ASP D 69 4.92 10.03 -16.54
C ASP D 69 5.49 11.09 -15.59
N LEU D 70 6.81 11.11 -15.41
CA LEU D 70 7.44 12.13 -14.58
C LEU D 70 7.18 13.53 -15.13
N GLN D 71 7.31 13.69 -16.45
CA GLN D 71 6.96 14.97 -17.05
C GLN D 71 5.49 15.30 -16.84
N LEU D 72 4.63 14.27 -16.85
CA LEU D 72 3.21 14.49 -16.63
C LEU D 72 2.94 15.06 -15.24
N LEU D 73 3.58 14.50 -14.22
CA LEU D 73 3.41 15.12 -12.90
C LEU D 73 4.07 16.49 -12.82
N MET D 74 5.17 16.69 -13.55
CA MET D 74 5.79 18.00 -13.59
C MET D 74 4.91 19.04 -14.26
N GLN D 75 3.94 18.60 -15.08
CA GLN D 75 3.06 19.55 -15.75
C GLN D 75 2.27 20.40 -14.74
N ASN D 76 1.73 19.78 -13.71
CA ASN D 76 0.98 20.51 -12.69
C ASN D 76 1.77 20.64 -11.40
N GLY D 121 1.42 22.75 3.90
CA GLY D 121 1.88 23.18 5.23
C GLY D 121 3.36 23.44 5.19
N SER D 122 4.03 23.62 6.33
CA SER D 122 5.52 23.78 6.39
C SER D 122 6.09 22.39 6.11
N ALA D 123 5.21 21.41 5.98
CA ALA D 123 5.58 20.05 5.57
C ALA D 123 6.27 20.13 4.22
N ILE D 124 5.92 21.10 3.40
CA ILE D 124 6.46 21.15 2.03
C ILE D 124 6.72 22.60 1.55
N CYS D 125 6.70 23.69 2.33
CA CYS D 125 6.96 24.98 1.72
C CYS D 125 8.43 25.19 1.40
N SER D 126 9.33 24.67 2.24
CA SER D 126 10.75 24.81 1.95
C SER D 126 11.13 24.09 0.67
N GLY D 127 10.66 22.85 0.50
CA GLY D 127 10.92 22.13 -0.73
C GLY D 127 10.29 22.80 -1.94
N ILE D 128 9.08 23.34 -1.76
CA ILE D 128 8.41 24.03 -2.85
C ILE D 128 9.21 25.26 -3.28
N ALA D 129 9.72 26.02 -2.30
CA ALA D 129 10.53 27.19 -2.61
C ALA D 129 11.83 26.79 -3.32
N VAL D 130 12.44 25.69 -2.87
CA VAL D 130 13.67 25.24 -3.54
C VAL D 130 13.37 24.82 -4.97
N CYS D 131 12.25 24.13 -5.19
CA CYS D 131 11.86 23.75 -6.56
C CYS D 131 11.63 24.98 -7.42
N LYS D 132 10.95 25.99 -6.87
CA LYS D 132 10.68 27.21 -7.64
C LYS D 132 11.98 27.94 -7.97
N VAL D 133 12.90 28.01 -7.02
CA VAL D 133 14.20 28.64 -7.28
C VAL D 133 14.95 27.88 -8.36
N LEU D 134 14.93 26.55 -8.29
CA LEU D 134 15.61 25.74 -9.29
C LEU D 134 14.92 25.81 -10.65
N HIS D 135 13.66 26.24 -10.68
CA HIS D 135 12.96 26.44 -11.95
C HIS D 135 13.50 27.65 -12.71
N LEU D 136 14.22 28.54 -12.04
CA LEU D 136 14.86 29.66 -12.72
C LEU D 136 15.89 29.14 -13.72
N GLU D 137 16.01 29.81 -14.86
CA GLU D 137 16.90 29.34 -15.91
C GLU D 137 18.34 29.63 -15.52
N GLY D 138 19.18 28.59 -15.56
CA GLY D 138 20.58 28.68 -15.21
C GLY D 138 20.94 27.95 -13.94
N GLU D 139 19.98 27.73 -13.04
CA GLU D 139 20.30 27.03 -11.80
C GLU D 139 20.63 25.56 -12.05
N VAL D 140 19.88 24.91 -12.95
CA VAL D 140 20.21 23.54 -13.34
C VAL D 140 21.59 23.49 -13.97
N ASN D 141 21.94 24.52 -14.75
CA ASN D 141 23.26 24.58 -15.36
C ASN D 141 24.35 24.62 -14.29
N LYS D 142 24.16 25.43 -13.26
CA LYS D 142 25.14 25.51 -12.18
C LYS D 142 25.22 24.18 -11.41
N ILE D 143 24.08 23.54 -11.18
CA ILE D 143 24.08 22.27 -10.46
C ILE D 143 24.87 21.22 -11.25
N LYS D 144 24.62 21.13 -12.55
CA LYS D 144 25.35 20.19 -13.39
C LYS D 144 26.84 20.53 -13.46
N ASN D 145 27.17 21.82 -13.54
CA ASN D 145 28.56 22.24 -13.56
C ASN D 145 29.27 21.82 -12.28
N ALA D 146 28.63 22.01 -11.13
CA ALA D 146 29.22 21.62 -9.86
C ALA D 146 29.39 20.10 -9.77
N LEU D 147 28.36 19.34 -10.20
CA LEU D 147 28.39 17.90 -10.12
C LEU D 147 29.02 17.25 -11.36
N LEU D 148 29.74 18.03 -12.16
CA LEU D 148 30.37 17.48 -13.36
C LEU D 148 31.39 16.40 -13.00
N SER D 149 32.18 16.61 -11.95
CA SER D 149 33.26 15.70 -11.61
C SER D 149 33.11 15.01 -10.26
N THR D 150 32.25 15.50 -9.38
CA THR D 150 32.10 14.94 -8.04
C THR D 150 30.64 14.55 -7.79
N ASN D 151 30.44 13.39 -7.16
CA ASN D 151 29.11 12.94 -6.80
C ASN D 151 28.47 13.80 -5.71
N LYS D 152 29.25 14.59 -4.99
CA LYS D 152 28.74 15.46 -3.95
C LYS D 152 29.35 16.85 -4.11
N ALA D 153 28.55 17.87 -3.84
CA ALA D 153 28.99 19.26 -3.95
C ALA D 153 28.01 20.14 -3.22
N VAL D 154 28.44 21.38 -2.97
CA VAL D 154 27.61 22.40 -2.33
C VAL D 154 27.41 23.52 -3.32
N VAL D 155 26.15 23.86 -3.56
CA VAL D 155 25.78 24.87 -4.55
C VAL D 155 24.99 25.97 -3.85
N SER D 156 25.38 27.22 -4.10
CA SER D 156 24.68 28.37 -3.57
C SER D 156 23.64 28.84 -4.60
N LEU D 157 22.40 28.95 -4.16
CA LEU D 157 21.32 29.33 -5.07
C LEU D 157 21.36 30.83 -5.34
N SER D 158 20.49 31.26 -6.27
CA SER D 158 20.44 32.67 -6.63
C SER D 158 19.98 33.54 -5.46
N ASN D 159 19.00 33.07 -4.69
CA ASN D 159 18.45 33.87 -3.61
C ASN D 159 19.31 33.85 -2.35
N GLY D 160 20.29 32.96 -2.26
CA GLY D 160 21.23 32.92 -1.15
C GLY D 160 21.34 31.60 -0.43
N VAL D 161 20.36 30.70 -0.58
CA VAL D 161 20.39 29.43 0.11
C VAL D 161 21.44 28.52 -0.51
N SER D 162 22.24 27.88 0.33
CA SER D 162 23.23 26.90 -0.10
C SER D 162 22.71 25.51 0.24
N VAL D 163 22.64 24.64 -0.76
CA VAL D 163 22.05 23.32 -0.62
C VAL D 163 23.08 22.27 -1.03
N LEU D 164 23.20 21.23 -0.20
CA LEU D 164 24.02 20.08 -0.56
C LEU D 164 23.37 19.32 -1.71
N THR D 165 24.20 18.70 -2.55
CA THR D 165 23.72 18.04 -3.75
C THR D 165 24.29 16.63 -3.84
N PHE D 166 23.56 15.76 -4.53
CA PHE D 166 23.92 14.36 -4.68
C PHE D 166 23.69 13.93 -6.13
N LYS D 167 24.30 12.79 -6.48
CA LYS D 167 24.02 12.11 -7.75
C LYS D 167 23.86 10.63 -7.42
N VAL D 168 22.63 10.24 -7.07
CA VAL D 168 22.39 8.87 -6.62
C VAL D 168 22.49 7.90 -7.78
N LEU D 169 21.89 8.23 -8.92
CA LEU D 169 21.82 7.32 -10.05
C LEU D 169 22.36 7.99 -11.29
N ASP D 170 23.08 7.23 -12.10
CA ASP D 170 23.63 7.71 -13.37
C ASP D 170 23.05 6.82 -14.47
N LEU D 171 21.85 7.18 -14.94
CA LEU D 171 21.21 6.42 -16.00
C LEU D 171 21.69 6.89 -17.38
N LYS D 172 21.94 8.19 -17.53
CA LYS D 172 22.38 8.72 -18.81
C LYS D 172 23.71 8.11 -19.23
N ASN D 173 24.66 8.03 -18.30
CA ASN D 173 25.98 7.47 -18.60
C ASN D 173 25.86 6.02 -19.04
N TYR D 174 25.19 5.19 -18.24
CA TYR D 174 25.05 3.78 -18.57
C TYR D 174 24.35 3.59 -19.90
N ILE D 175 23.24 4.29 -20.11
CA ILE D 175 22.50 4.16 -21.36
C ILE D 175 23.39 4.53 -22.54
N ASN D 176 23.88 5.78 -22.57
CA ASN D 176 24.63 6.27 -23.72
C ASN D 176 25.93 5.49 -23.93
N ASN D 177 26.45 4.79 -22.93
CA ASN D 177 27.70 4.06 -23.10
C ASN D 177 27.54 2.57 -23.34
N ARG D 178 26.39 1.98 -23.02
CA ARG D 178 26.20 0.55 -23.22
C ARG D 178 25.05 0.24 -24.17
N LEU D 179 23.88 0.85 -23.98
CA LEU D 179 22.71 0.47 -24.77
C LEU D 179 22.74 1.13 -26.14
N LEU D 180 23.06 2.42 -26.18
CA LEU D 180 23.10 3.14 -27.45
C LEU D 180 24.14 2.59 -28.43
N PRO D 181 25.41 2.34 -28.04
CA PRO D 181 26.42 1.96 -29.04
C PRO D 181 26.09 0.71 -29.83
N ILE D 182 25.92 -0.43 -29.15
CA ILE D 182 25.67 -1.67 -29.87
C ILE D 182 24.29 -1.64 -30.53
N LEU D 183 23.29 -1.13 -29.82
CA LEU D 183 21.92 -1.05 -30.34
C LEU D 183 21.67 0.32 -30.96
N ASN D 184 22.43 0.61 -32.01
CA ASN D 184 22.32 1.88 -32.73
C ASN D 184 21.91 1.69 -34.18
N GLN D 185 22.61 0.86 -34.93
CA GLN D 185 22.38 0.72 -36.35
C GLN D 185 21.19 -0.20 -36.61
N GLN D 186 20.94 -0.49 -37.89
CA GLN D 186 19.86 -1.40 -38.25
C GLN D 186 20.11 -2.80 -37.72
N SER D 187 21.38 -3.18 -37.54
CA SER D 187 21.71 -4.47 -36.96
C SER D 187 21.70 -4.37 -35.44
N CYS D 188 21.00 -5.29 -34.79
CA CYS D 188 20.86 -5.30 -33.34
C CYS D 188 21.64 -6.47 -32.76
N ARG D 189 22.32 -6.22 -31.65
CA ARG D 189 23.18 -7.23 -31.04
C ARG D 189 23.33 -6.94 -29.56
N ILE D 190 22.90 -7.88 -28.72
CA ILE D 190 23.18 -7.84 -27.29
C ILE D 190 23.57 -9.27 -26.87
N PRO D 191 24.87 -9.54 -26.71
CA PRO D 191 25.29 -10.91 -26.37
C PRO D 191 25.47 -11.19 -24.89
N ASN D 192 25.28 -10.20 -24.02
CA ASN D 192 25.52 -10.35 -22.58
C ASN D 192 24.19 -10.31 -21.84
N ILE D 193 23.82 -11.44 -21.24
CA ILE D 193 22.67 -11.45 -20.34
C ILE D 193 22.97 -10.65 -19.07
N GLU D 194 24.24 -10.58 -18.69
CA GLU D 194 24.63 -9.76 -17.54
C GLU D 194 24.25 -8.30 -17.78
N THR D 195 24.42 -7.82 -19.01
CA THR D 195 24.10 -6.43 -19.32
C THR D 195 22.63 -6.13 -19.11
N VAL D 196 21.76 -7.00 -19.64
CA VAL D 196 20.32 -6.75 -19.53
C VAL D 196 19.86 -6.92 -18.08
N ILE D 197 20.43 -7.89 -17.35
CA ILE D 197 20.08 -8.05 -15.94
C ILE D 197 20.50 -6.81 -15.14
N GLU D 198 21.69 -6.30 -15.39
CA GLU D 198 22.17 -5.11 -14.71
C GLU D 198 21.29 -3.92 -15.03
N PHE D 199 20.90 -3.78 -16.31
CA PHE D 199 20.02 -2.69 -16.68
C PHE D 199 18.67 -2.80 -15.99
N GLN D 200 18.12 -4.01 -15.90
CA GLN D 200 16.86 -4.21 -15.17
C GLN D 200 17.01 -3.78 -13.72
N GLN D 201 18.09 -4.23 -13.07
CA GLN D 201 18.29 -3.92 -11.66
C GLN D 201 18.43 -2.42 -11.44
N MET D 202 19.17 -1.73 -12.31
CA MET D 202 19.39 -0.30 -12.12
C MET D 202 18.14 0.51 -12.45
N ASN D 203 17.45 0.18 -13.54
CA ASN D 203 16.22 0.88 -13.89
C ASN D 203 15.09 0.58 -12.91
N SER D 204 15.23 -0.48 -12.11
CA SER D 204 14.20 -0.80 -11.13
C SER D 204 14.01 0.35 -10.14
N ARG D 205 15.11 0.96 -9.68
CA ARG D 205 15.00 2.04 -8.72
C ARG D 205 14.22 3.21 -9.30
N LEU D 206 14.51 3.59 -10.55
CA LEU D 206 13.76 4.66 -11.18
C LEU D 206 12.29 4.27 -11.33
N LEU D 207 12.01 3.01 -11.64
CA LEU D 207 10.63 2.56 -11.78
C LEU D 207 9.88 2.72 -10.46
N GLU D 208 10.48 2.28 -9.35
CA GLU D 208 9.82 2.44 -8.06
C GLU D 208 9.66 3.91 -7.69
N ILE D 209 10.66 4.75 -8.00
CA ILE D 209 10.53 6.17 -7.71
C ILE D 209 9.34 6.76 -8.46
N THR D 210 9.22 6.43 -9.74
CA THR D 210 8.10 6.92 -10.54
C THR D 210 6.78 6.41 -9.97
N ARG D 211 6.72 5.14 -9.58
CA ARG D 211 5.49 4.58 -9.03
C ARG D 211 5.08 5.29 -7.74
N GLU D 212 6.03 5.47 -6.82
CA GLU D 212 5.72 6.11 -5.55
C GLU D 212 5.27 7.55 -5.76
N PHE D 213 5.93 8.28 -6.66
CA PHE D 213 5.54 9.66 -6.90
C PHE D 213 4.20 9.74 -7.61
N SER D 214 3.89 8.78 -8.49
CA SER D 214 2.60 8.77 -9.16
C SER D 214 1.46 8.50 -8.18
N VAL D 215 1.64 7.52 -7.30
CA VAL D 215 0.58 7.23 -6.32
C VAL D 215 0.46 8.37 -5.32
N ASN D 216 1.58 8.93 -4.88
CA ASN D 216 1.57 9.97 -3.86
C ASN D 216 1.43 11.38 -4.44
N ALA D 217 1.36 11.50 -5.76
CA ALA D 217 1.07 12.78 -6.44
C ALA D 217 2.15 13.82 -6.16
N GLY D 218 3.40 13.43 -6.36
CA GLY D 218 4.52 14.35 -6.36
C GLY D 218 5.22 14.54 -5.03
N VAL D 219 4.59 14.18 -3.92
CA VAL D 219 5.19 14.33 -2.59
C VAL D 219 4.98 13.03 -1.83
N THR D 220 6.07 12.43 -1.36
CA THR D 220 6.02 11.14 -0.68
C THR D 220 6.49 11.28 0.77
N THR D 221 5.93 10.44 1.63
CA THR D 221 6.32 10.37 3.03
C THR D 221 5.81 9.04 3.59
N PRO D 222 6.61 8.32 4.38
CA PRO D 222 7.99 8.60 4.80
C PRO D 222 9.00 8.40 3.66
N LEU D 223 10.25 8.80 3.86
CA LEU D 223 11.28 8.65 2.84
C LEU D 223 11.61 7.17 2.63
N SER D 224 11.15 6.61 1.52
CA SER D 224 11.36 5.20 1.24
C SER D 224 12.84 4.92 0.98
N THR D 225 13.19 3.64 1.04
CA THR D 225 14.57 3.23 0.79
C THR D 225 14.98 3.53 -0.65
N TYR D 226 14.04 3.42 -1.59
CA TYR D 226 14.36 3.63 -3.00
C TYR D 226 14.81 5.07 -3.26
N MET D 227 14.15 6.04 -2.63
CA MET D 227 14.49 7.44 -2.87
C MET D 227 15.87 7.77 -2.34
N LEU D 228 16.22 7.26 -1.15
CA LEU D 228 17.54 7.49 -0.57
C LEU D 228 17.98 6.25 0.18
N THR D 229 19.10 5.67 -0.22
CA THR D 229 19.61 4.48 0.41
C THR D 229 20.12 4.80 1.82
N ASN D 230 20.26 3.76 2.64
CA ASN D 230 20.74 3.95 4.01
C ASN D 230 22.16 4.51 4.02
N SER D 231 23.03 3.99 3.14
CA SER D 231 24.40 4.50 3.08
C SER D 231 24.43 5.96 2.64
N GLU D 232 23.65 6.31 1.61
CA GLU D 232 23.58 7.69 1.16
C GLU D 232 22.99 8.60 2.23
N LEU D 233 21.96 8.10 2.92
CA LEU D 233 21.37 8.88 4.02
C LEU D 233 22.40 9.14 5.11
N LEU D 234 23.17 8.12 5.48
CA LEU D 234 24.22 8.30 6.48
C LEU D 234 25.27 9.29 6.01
N SER D 235 25.67 9.19 4.73
CA SER D 235 26.67 10.11 4.19
C SER D 235 26.17 11.55 4.24
N LEU D 236 24.90 11.77 3.91
CA LEU D 236 24.37 13.13 3.99
C LEU D 236 24.26 13.57 5.44
N ILE D 237 23.99 12.64 6.35
CA ILE D 237 23.94 12.96 7.78
C ILE D 237 25.29 13.46 8.26
N ASN D 238 26.37 12.82 7.81
CA ASN D 238 27.71 13.21 8.26
C ASN D 238 28.08 14.62 7.78
N ASP D 239 27.44 15.11 6.72
CA ASP D 239 27.74 16.42 6.17
C ASP D 239 26.78 17.49 6.64
N MET D 240 25.96 17.21 7.64
CA MET D 240 24.97 18.15 8.12
C MET D 240 25.63 19.29 8.88
N PRO D 241 25.10 20.51 8.77
CA PRO D 241 25.67 21.68 9.49
C PRO D 241 25.17 21.78 10.93
N ILE D 242 25.56 20.80 11.75
CA ILE D 242 25.18 20.75 13.16
C ILE D 242 26.36 20.20 13.96
N THR D 243 26.24 20.26 15.28
CA THR D 243 27.28 19.77 16.16
C THR D 243 27.34 18.24 16.11
N ASN D 244 28.31 17.69 16.83
CA ASN D 244 28.48 16.23 16.84
C ASN D 244 27.44 15.52 17.68
N ASP D 245 26.83 16.20 18.66
CA ASP D 245 25.81 15.56 19.48
C ASP D 245 24.57 15.23 18.66
N GLN D 246 24.05 16.21 17.92
CA GLN D 246 22.89 15.97 17.08
C GLN D 246 23.21 14.97 15.97
N LYS D 247 24.40 15.07 15.39
CA LYS D 247 24.80 14.12 14.36
C LYS D 247 24.85 12.70 14.91
N LYS D 248 25.41 12.51 16.10
CA LYS D 248 25.45 11.19 16.71
C LYS D 248 24.06 10.66 17.02
N LEU D 249 23.20 11.53 17.56
CA LEU D 249 21.84 11.09 17.90
C LEU D 249 21.08 10.68 16.64
N MET D 250 21.18 11.47 15.58
CA MET D 250 20.48 11.16 14.35
C MET D 250 21.11 10.00 13.59
N SER D 251 22.39 9.71 13.84
CA SER D 251 23.02 8.53 13.29
C SER D 251 22.62 7.26 14.02
N SER D 252 22.41 7.35 15.33
CA SER D 252 22.10 6.15 16.11
C SER D 252 20.76 5.55 15.68
N ASN D 253 19.76 6.39 15.42
CA ASN D 253 18.43 5.95 15.01
C ASN D 253 18.13 6.59 13.67
N VAL D 254 18.13 5.79 12.60
CA VAL D 254 17.99 6.32 11.25
C VAL D 254 16.58 6.06 10.72
N GLN D 255 15.94 5.01 11.24
CA GLN D 255 14.56 4.74 10.84
C GLN D 255 13.62 5.84 11.34
N ILE D 256 13.92 6.42 12.51
CA ILE D 256 13.13 7.53 13.01
C ILE D 256 13.24 8.71 12.05
N VAL D 257 14.46 9.00 11.59
CA VAL D 257 14.68 10.09 10.65
C VAL D 257 13.93 9.82 9.34
N ARG D 258 13.98 8.57 8.86
CA ARG D 258 13.24 8.23 7.65
C ARG D 258 11.75 8.44 7.84
N GLN D 259 11.23 8.11 9.02
CA GLN D 259 9.81 8.32 9.29
C GLN D 259 9.46 9.81 9.29
N GLN D 260 10.33 10.64 9.88
CA GLN D 260 10.00 12.05 10.03
C GLN D 260 10.41 12.92 8.85
N SER D 261 11.14 12.38 7.87
CA SER D 261 11.60 13.19 6.74
C SER D 261 10.53 13.21 5.64
N TYR D 262 10.90 13.72 4.48
CA TYR D 262 9.96 13.90 3.38
C TYR D 262 10.69 13.73 2.05
N SER D 263 9.96 13.98 0.96
CA SER D 263 10.53 13.98 -0.39
C SER D 263 9.57 14.71 -1.31
N ILE D 264 10.12 15.47 -2.26
CA ILE D 264 9.35 16.34 -3.13
C ILE D 264 9.75 16.07 -4.58
N MET D 265 9.04 16.70 -5.52
CA MET D 265 9.41 16.76 -6.91
C MET D 265 9.54 18.21 -7.35
N CYS D 266 10.59 18.51 -8.11
CA CYS D 266 10.83 19.87 -8.58
C CYS D 266 10.72 20.00 -10.09
N ILE D 267 11.52 19.27 -10.86
CA ILE D 267 11.75 19.63 -12.26
C ILE D 267 12.38 18.44 -12.98
N ILE D 268 11.94 18.23 -14.22
CA ILE D 268 12.60 17.30 -15.14
C ILE D 268 12.87 18.08 -16.42
N LYS D 269 14.05 18.69 -16.52
CA LYS D 269 14.47 19.38 -17.74
C LYS D 269 15.98 19.36 -17.80
N GLU D 270 16.50 19.61 -19.00
CA GLU D 270 17.95 19.58 -19.25
C GLU D 270 18.56 18.23 -18.87
N GLU D 271 17.81 17.16 -19.11
CA GLU D 271 18.25 15.79 -18.85
C GLU D 271 18.67 15.61 -17.39
N VAL D 272 17.83 16.08 -16.48
CA VAL D 272 18.08 15.98 -15.05
C VAL D 272 16.75 15.83 -14.33
N LEU D 273 16.68 14.86 -13.42
CA LEU D 273 15.52 14.64 -12.57
C LEU D 273 15.95 14.95 -11.14
N ALA D 274 15.52 16.11 -10.63
CA ALA D 274 15.93 16.58 -9.32
C ALA D 274 14.75 16.55 -8.37
N TYR D 275 14.89 15.80 -7.28
CA TYR D 275 13.90 15.75 -6.22
C TYR D 275 14.56 16.12 -4.90
N VAL D 276 13.91 17.01 -4.15
CA VAL D 276 14.48 17.56 -2.93
C VAL D 276 14.05 16.72 -1.74
N VAL D 277 15.01 16.29 -0.93
CA VAL D 277 14.76 15.48 0.25
C VAL D 277 14.87 16.38 1.47
N GLN D 278 13.80 16.43 2.27
CA GLN D 278 13.71 17.34 3.41
C GLN D 278 14.05 16.58 4.70
N LEU D 279 15.34 16.35 4.90
CA LEU D 279 15.78 15.74 6.14
C LEU D 279 15.73 16.76 7.27
N PRO D 280 15.39 16.33 8.49
CA PRO D 280 15.21 17.28 9.59
C PRO D 280 16.46 17.47 10.44
N ILE D 281 16.44 18.55 11.21
CA ILE D 281 17.45 18.79 12.24
C ILE D 281 16.74 18.90 13.59
N TYR D 282 17.49 18.63 14.66
CA TYR D 282 16.96 18.64 16.01
C TYR D 282 17.70 19.71 16.80
N GLY D 283 17.07 20.88 16.94
CA GLY D 283 17.72 21.99 17.63
C GLY D 283 17.97 21.71 19.10
N VAL D 284 16.98 21.14 19.78
CA VAL D 284 17.09 20.82 21.20
C VAL D 284 17.31 19.31 21.34
N ILE D 285 18.19 18.94 22.26
CA ILE D 285 18.63 17.55 22.42
C ILE D 285 18.47 17.15 23.88
N ASP D 286 17.92 15.96 24.10
CA ASP D 286 17.87 15.34 25.43
C ASP D 286 17.08 16.16 26.44
N THR D 287 16.05 16.87 25.99
CA THR D 287 15.17 17.56 26.91
C THR D 287 14.32 16.56 27.69
N PRO D 288 14.01 16.85 28.94
CA PRO D 288 13.15 15.94 29.72
C PRO D 288 11.74 15.90 29.13
N CYS D 289 11.32 14.70 28.73
CA CYS D 289 10.04 14.50 28.08
C CYS D 289 9.26 13.39 28.78
N TRP D 290 7.95 13.57 28.89
CA TRP D 290 7.11 12.65 29.64
C TRP D 290 5.80 12.39 28.91
N LYS D 291 5.42 11.12 28.81
CA LYS D 291 4.12 10.73 28.30
C LYS D 291 3.05 10.97 29.37
N LEU D 292 1.80 11.12 28.94
CA LEU D 292 0.73 11.56 29.83
C LEU D 292 -0.51 10.69 29.59
N HIS D 293 -0.33 9.38 29.70
CA HIS D 293 -1.43 8.44 29.50
C HIS D 293 -2.62 8.80 30.40
N THR D 294 -3.82 8.80 29.82
CA THR D 294 -5.03 9.12 30.55
C THR D 294 -6.04 7.99 30.39
N SER D 295 -7.11 8.06 31.18
CA SER D 295 -8.12 7.00 31.18
C SER D 295 -9.43 7.60 31.68
N PRO D 296 -10.56 7.15 31.15
CA PRO D 296 -11.85 7.67 31.64
C PRO D 296 -12.18 7.13 33.01
N LEU D 297 -12.37 8.05 33.95
CA LEU D 297 -12.82 7.69 35.29
C LEU D 297 -14.28 8.07 35.41
N CYS D 298 -15.11 7.11 35.79
CA CYS D 298 -16.53 7.35 35.90
C CYS D 298 -16.94 7.39 37.37
N THR D 299 -18.24 7.48 37.63
CA THR D 299 -18.76 7.86 38.94
C THR D 299 -18.36 6.86 40.02
N THR D 300 -18.62 7.25 41.27
CA THR D 300 -18.32 6.40 42.42
C THR D 300 -19.04 5.08 42.31
N ASN D 301 -18.27 3.99 42.24
CA ASN D 301 -18.78 2.65 41.91
C ASN D 301 -19.54 2.79 40.60
N ILE D 302 -20.80 2.39 40.51
CA ILE D 302 -21.64 2.64 39.35
C ILE D 302 -23.06 2.90 39.84
N LYS D 303 -23.53 4.12 39.62
CA LYS D 303 -24.92 4.41 39.93
C LYS D 303 -25.80 3.81 38.84
N GLU D 304 -26.78 3.01 39.26
CA GLU D 304 -27.50 2.15 38.34
C GLU D 304 -28.33 2.96 37.35
N GLY D 305 -27.93 2.92 36.08
CA GLY D 305 -28.70 3.48 34.99
C GLY D 305 -28.00 4.57 34.19
N SER D 306 -27.39 5.56 34.84
CA SER D 306 -26.73 6.65 34.14
C SER D 306 -25.98 7.52 35.14
N ASN D 307 -24.87 8.10 34.67
CA ASN D 307 -24.10 9.06 35.46
C ASN D 307 -23.02 9.70 34.60
N ILE D 308 -22.10 10.54 35.15
CA ILE D 308 -20.97 11.24 34.45
C ILE D 308 -19.66 10.50 34.31
N CYS D 309 -18.67 11.10 33.65
CA CYS D 309 -17.29 10.59 33.53
C CYS D 309 -16.32 11.74 33.19
N LEU D 310 -14.97 11.69 33.40
CA LEU D 310 -14.07 12.87 33.09
C LEU D 310 -12.69 12.54 32.53
N THR D 311 -12.57 12.05 31.35
CA THR D 311 -11.21 11.73 30.90
C THR D 311 -10.39 12.97 30.56
N ARG D 312 -9.06 12.93 30.52
CA ARG D 312 -8.18 14.11 30.30
C ARG D 312 -7.90 14.44 28.83
N THR D 313 -8.47 15.50 28.26
CA THR D 313 -8.32 15.82 26.85
C THR D 313 -6.91 15.53 26.35
N ASP D 314 -5.91 16.07 27.04
CA ASP D 314 -4.55 16.05 26.53
C ASP D 314 -3.90 14.69 26.78
N ARG D 315 -3.34 14.10 25.73
CA ARG D 315 -2.54 12.88 25.84
C ARG D 315 -1.31 13.08 24.97
N GLY D 316 -0.56 12.00 24.75
CA GLY D 316 0.65 12.08 23.95
C GLY D 316 1.80 12.67 24.73
N TRP D 317 2.91 12.82 24.04
CA TRP D 317 4.16 13.23 24.68
C TRP D 317 4.14 14.71 25.04
N TYR D 318 4.96 15.07 26.02
CA TYR D 318 5.25 16.44 26.40
C TYR D 318 6.75 16.62 26.42
N CYS D 319 7.20 17.85 26.17
CA CYS D 319 8.64 18.13 26.18
C CYS D 319 8.86 19.58 26.61
N ASP D 320 10.07 19.84 27.10
CA ASP D 320 10.47 21.18 27.54
C ASP D 320 11.29 21.84 26.44
N ASN D 321 10.90 23.05 26.07
CA ASN D 321 11.55 23.79 24.98
C ASN D 321 11.87 25.20 25.44
N ALA D 322 13.14 25.44 25.78
CA ALA D 322 13.65 26.77 26.13
C ALA D 322 12.82 27.40 27.26
N GLY D 323 12.52 26.59 28.28
CA GLY D 323 11.78 27.07 29.42
C GLY D 323 10.27 27.04 29.25
N SER D 324 9.76 26.69 28.08
CA SER D 324 8.34 26.56 27.83
C SER D 324 8.05 25.13 27.37
N VAL D 325 7.05 24.51 27.97
CA VAL D 325 6.76 23.10 27.70
C VAL D 325 6.02 22.97 26.38
N SER D 326 6.52 22.11 25.51
CA SER D 326 5.84 21.81 24.26
C SER D 326 4.85 20.67 24.47
N PHE D 327 3.77 20.69 23.68
CA PHE D 327 2.70 19.72 23.80
C PHE D 327 2.36 19.17 22.42
N PHE D 328 2.20 17.85 22.33
CA PHE D 328 1.90 17.19 21.06
C PHE D 328 0.58 16.44 21.19
N PRO D 329 -0.49 16.89 20.54
CA PRO D 329 -1.78 16.21 20.71
C PRO D 329 -1.91 14.95 19.87
N GLN D 330 -1.31 14.93 18.70
CA GLN D 330 -1.48 13.82 17.76
C GLN D 330 -0.53 12.68 18.08
N ALA D 331 -1.00 11.46 17.82
CA ALA D 331 -0.20 10.27 18.10
C ALA D 331 0.89 10.04 17.07
N ASP D 332 0.69 10.49 15.83
CA ASP D 332 1.63 10.23 14.75
C ASP D 332 2.79 11.22 14.72
N THR D 333 2.80 12.24 15.58
CA THR D 333 3.89 13.20 15.60
C THR D 333 5.12 12.63 16.29
N CYS D 334 4.97 12.23 17.55
CA CYS D 334 6.09 11.76 18.36
C CYS D 334 6.20 10.24 18.28
N LYS D 335 7.41 9.75 18.02
CA LYS D 335 7.68 8.33 17.92
C LYS D 335 8.68 7.93 18.99
N VAL D 336 8.50 6.73 19.54
CA VAL D 336 9.32 6.24 20.65
C VAL D 336 10.34 5.25 20.13
N GLN D 337 11.54 5.29 20.71
CA GLN D 337 12.59 4.34 20.36
C GLN D 337 13.49 4.19 21.58
N SER D 338 13.45 3.02 22.21
CA SER D 338 14.22 2.71 23.42
C SER D 338 13.74 3.65 24.52
N ASN D 339 14.63 4.34 25.23
CA ASN D 339 14.24 5.23 26.31
C ASN D 339 14.15 6.70 25.89
N ARG D 340 14.31 6.99 24.61
CA ARG D 340 14.27 8.36 24.11
C ARG D 340 13.17 8.49 23.06
N VAL D 341 12.43 9.59 23.13
CA VAL D 341 11.35 9.87 22.21
C VAL D 341 11.80 10.90 21.20
N PHE D 342 11.30 10.79 19.97
CA PHE D 342 11.56 11.77 18.91
C PHE D 342 10.23 12.42 18.54
N CYS D 343 10.25 13.75 18.42
CA CYS D 343 9.01 14.48 18.21
C CYS D 343 9.10 15.37 16.98
N ASP D 344 8.10 16.24 16.77
CA ASP D 344 8.06 17.09 15.59
C ASP D 344 7.22 18.32 15.92
N THR D 345 7.83 19.50 15.83
CA THR D 345 7.16 20.74 16.16
C THR D 345 6.37 21.32 14.99
N MET D 346 5.99 20.49 14.02
CA MET D 346 5.21 20.97 12.88
C MET D 346 3.87 21.52 13.33
N ASN D 347 3.21 20.85 14.28
CA ASN D 347 1.94 21.30 14.80
C ASN D 347 1.88 21.20 16.33
N SER D 348 3.04 21.23 16.98
CA SER D 348 3.08 21.14 18.43
C SER D 348 2.46 22.39 19.06
N LEU D 349 1.57 22.18 20.02
CA LEU D 349 0.90 23.29 20.72
C LEU D 349 1.79 23.73 21.87
N THR D 350 2.55 24.80 21.66
CA THR D 350 3.45 25.30 22.70
C THR D 350 2.64 25.79 23.89
N LEU D 351 3.09 25.44 25.09
CA LEU D 351 2.42 25.74 26.34
C LEU D 351 3.39 26.36 27.32
N PRO D 352 2.89 27.12 28.31
CA PRO D 352 3.78 27.69 29.32
C PRO D 352 4.39 26.63 30.23
N SER D 353 5.21 27.06 31.20
CA SER D 353 5.95 26.15 32.05
C SER D 353 5.10 25.52 33.14
N GLU D 354 3.88 26.00 33.37
CA GLU D 354 3.05 25.54 34.48
C GLU D 354 2.24 24.29 34.13
N VAL D 355 2.57 23.60 33.03
CA VAL D 355 1.79 22.45 32.62
C VAL D 355 1.90 21.33 33.65
N SER D 356 3.06 21.19 34.31
CA SER D 356 3.24 20.12 35.29
C SER D 356 2.32 20.27 36.48
N LEU D 357 1.76 21.46 36.71
CA LEU D 357 0.78 21.65 37.77
C LEU D 357 -0.50 20.87 37.53
N CYS D 358 -0.82 20.57 36.27
CA CYS D 358 -2.03 19.81 35.97
C CYS D 358 -1.98 18.41 36.59
N ASN D 359 -0.81 17.77 36.53
CA ASN D 359 -0.71 16.38 36.99
C ASN D 359 -0.87 16.28 38.51
N THR D 360 -0.07 17.05 39.26
CA THR D 360 -0.05 16.90 40.71
C THR D 360 -1.33 17.40 41.35
N ASP D 361 -1.82 18.55 40.91
CA ASP D 361 -3.06 19.14 41.45
C ASP D 361 -3.89 19.65 40.29
N ILE D 362 -4.95 18.91 39.94
CA ILE D 362 -5.78 19.26 38.79
C ILE D 362 -6.47 20.60 39.01
N PHE D 363 -6.87 20.90 40.25
CA PHE D 363 -7.62 22.11 40.56
C PHE D 363 -6.72 23.29 40.91
N ASN D 364 -5.47 23.27 40.47
CA ASN D 364 -4.56 24.38 40.74
C ASN D 364 -4.99 25.62 39.95
N SER D 365 -4.86 26.79 40.59
CA SER D 365 -5.20 28.05 39.95
C SER D 365 -4.04 28.66 39.19
N LYS D 366 -2.82 28.12 39.35
CA LYS D 366 -1.67 28.66 38.62
C LYS D 366 -1.76 28.32 37.13
N TYR D 367 -2.32 27.17 36.79
CA TYR D 367 -2.42 26.72 35.41
C TYR D 367 -3.83 26.20 35.15
N ASP D 368 -4.21 26.22 33.87
CA ASP D 368 -5.53 25.80 33.44
C ASP D 368 -5.46 24.41 32.82
N CYS D 369 -6.26 23.49 33.34
CA CYS D 369 -6.32 22.13 32.85
C CYS D 369 -7.55 21.95 31.95
N LYS D 370 -7.81 20.71 31.56
CA LYS D 370 -8.96 20.41 30.71
C LYS D 370 -9.31 18.94 30.83
N ILE D 371 -10.63 18.67 30.78
CA ILE D 371 -11.14 17.28 30.98
C ILE D 371 -12.39 17.09 30.12
N MET D 372 -12.37 16.15 29.16
CA MET D 372 -13.60 15.83 28.37
C MET D 372 -14.60 15.20 29.31
N THR D 373 -15.81 15.74 29.34
CA THR D 373 -16.85 15.29 30.31
C THR D 373 -17.93 14.56 29.54
N SER D 374 -18.10 13.27 29.80
CA SER D 374 -19.02 12.50 28.98
C SER D 374 -20.01 11.81 29.89
N LYS D 375 -20.86 10.95 29.28
CA LYS D 375 -21.86 10.20 30.04
C LYS D 375 -21.89 8.72 29.65
N THR D 376 -20.88 8.24 28.93
CA THR D 376 -20.86 6.88 28.44
C THR D 376 -19.95 6.02 29.31
N ASP D 377 -20.49 4.90 29.80
CA ASP D 377 -19.77 4.00 30.70
C ASP D 377 -19.23 2.82 29.90
N ILE D 378 -17.96 2.90 29.51
CA ILE D 378 -17.28 1.82 28.80
C ILE D 378 -16.08 1.39 29.62
N SER D 379 -15.97 0.10 29.90
CA SER D 379 -14.79 -0.42 30.58
C SER D 379 -13.63 -0.45 29.61
N SER D 380 -12.52 0.19 29.99
CA SER D 380 -11.36 0.29 29.12
C SER D 380 -10.10 0.13 29.95
N SER D 381 -9.01 -0.21 29.26
CA SER D 381 -7.71 -0.40 29.90
C SER D 381 -6.66 0.29 29.04
N VAL D 382 -6.28 1.51 29.42
CA VAL D 382 -5.23 2.22 28.73
C VAL D 382 -3.87 1.68 29.19
N ILE D 383 -3.22 0.94 28.30
CA ILE D 383 -1.93 0.35 28.64
C ILE D 383 -0.87 1.45 28.69
N THR D 384 -0.11 1.47 29.79
CA THR D 384 0.93 2.46 29.99
C THR D 384 2.31 1.80 29.88
N SER D 385 3.36 2.57 30.16
CA SER D 385 4.72 2.07 29.97
C SER D 385 5.08 1.01 31.01
N LEU D 386 4.77 1.27 32.27
CA LEU D 386 5.11 0.37 33.38
C LEU D 386 3.87 0.06 34.21
N GLY D 387 2.76 -0.23 33.53
CA GLY D 387 1.53 -0.51 34.23
C GLY D 387 0.38 -0.59 33.25
N ALA D 388 -0.83 -0.64 33.80
CA ALA D 388 -2.04 -0.68 32.98
C ALA D 388 -3.21 -0.21 33.82
N ILE D 389 -3.75 0.96 33.47
CA ILE D 389 -4.99 1.42 34.10
C ILE D 389 -6.13 0.53 33.64
N VAL D 390 -7.11 0.32 34.52
CA VAL D 390 -8.28 -0.49 34.19
C VAL D 390 -9.49 0.17 34.83
N SER D 391 -10.41 0.67 34.01
CA SER D 391 -11.64 1.29 34.50
C SER D 391 -12.81 0.30 34.41
N CYS D 392 -12.71 -0.77 35.18
CA CYS D 392 -13.76 -1.78 35.23
C CYS D 392 -15.04 -1.17 35.79
N TYR D 393 -16.08 -1.09 34.97
CA TYR D 393 -17.29 -0.36 35.33
C TYR D 393 -18.52 -1.10 34.83
N GLY D 394 -19.53 -1.22 35.69
CA GLY D 394 -20.80 -1.79 35.29
C GLY D 394 -20.92 -3.29 35.44
N LYS D 395 -21.59 -3.93 34.48
CA LYS D 395 -21.84 -5.37 34.55
C LYS D 395 -20.60 -6.17 34.19
N THR D 396 -19.77 -5.65 33.29
CA THR D 396 -18.63 -6.42 32.78
C THR D 396 -17.64 -6.75 33.90
N LYS D 397 -17.01 -7.91 33.77
CA LYS D 397 -16.06 -8.41 34.75
C LYS D 397 -14.65 -8.32 34.18
N CYS D 398 -13.74 -7.72 34.96
CA CYS D 398 -12.36 -7.54 34.54
C CYS D 398 -11.44 -8.11 35.61
N THR D 399 -10.45 -8.88 35.18
CA THR D 399 -9.53 -9.54 36.09
C THR D 399 -8.12 -9.55 35.51
N ALA D 400 -7.13 -9.30 36.37
CA ALA D 400 -5.75 -9.48 35.99
C ALA D 400 -5.44 -10.95 35.81
N SER D 401 -4.37 -11.25 35.09
CA SER D 401 -4.03 -12.63 34.76
C SER D 401 -2.53 -12.82 34.76
N ASN D 402 -2.13 -14.08 34.91
CA ASN D 402 -0.74 -14.49 34.80
C ASN D 402 -0.70 -15.86 34.13
N LYS D 403 0.28 -16.07 33.26
CA LYS D 403 0.33 -17.31 32.48
C LYS D 403 0.53 -18.52 33.38
N ASN D 404 1.36 -18.40 34.42
CA ASN D 404 1.66 -19.53 35.28
C ASN D 404 0.80 -19.56 36.54
N ARG D 405 0.47 -18.40 37.11
CA ARG D 405 -0.35 -18.34 38.31
C ARG D 405 -1.84 -18.20 38.03
N GLY D 406 -2.24 -18.13 36.76
CA GLY D 406 -3.65 -17.93 36.47
C GLY D 406 -4.12 -16.54 36.88
N ILE D 407 -5.40 -16.44 37.19
CA ILE D 407 -5.98 -15.18 37.64
C ILE D 407 -5.54 -14.94 39.08
N ILE D 408 -4.93 -13.79 39.33
CA ILE D 408 -4.41 -13.45 40.66
C ILE D 408 -5.06 -12.20 41.24
N LYS D 409 -5.83 -11.45 40.47
CA LYS D 409 -6.43 -10.22 40.97
C LYS D 409 -7.79 -10.02 40.31
N THR D 410 -8.72 -9.45 41.06
CA THR D 410 -10.04 -9.11 40.56
C THR D 410 -10.27 -7.62 40.82
N PHE D 411 -10.69 -6.89 39.78
CA PHE D 411 -10.86 -5.46 39.87
C PHE D 411 -12.21 -5.12 40.52
N SER D 412 -12.52 -3.84 40.59
CA SER D 412 -13.77 -3.36 41.18
C SER D 412 -14.29 -2.24 40.30
N ASN D 413 -15.27 -1.50 40.82
CA ASN D 413 -15.90 -0.40 40.06
C ASN D 413 -15.10 0.89 40.28
N GLY D 414 -13.90 0.90 39.70
CA GLY D 414 -13.06 2.08 39.76
C GLY D 414 -11.85 1.89 38.86
N CYS D 415 -11.24 3.03 38.50
CA CYS D 415 -10.08 3.02 37.61
C CYS D 415 -8.85 2.62 38.43
N ASP D 416 -8.68 1.32 38.62
CA ASP D 416 -7.55 0.77 39.35
C ASP D 416 -6.31 0.71 38.45
N TYR D 417 -5.17 0.41 39.07
CA TYR D 417 -3.89 0.38 38.39
C TYR D 417 -3.15 -0.88 38.77
N VAL D 418 -2.51 -1.50 37.79
CA VAL D 418 -1.81 -2.78 37.98
C VAL D 418 -0.37 -2.63 37.49
N SER D 419 0.58 -2.99 38.34
CA SER D 419 1.99 -2.89 37.98
C SER D 419 2.38 -3.99 37.01
N ASN D 420 3.55 -3.83 36.40
CA ASN D 420 4.07 -4.85 35.50
C ASN D 420 4.75 -6.00 36.24
N LYS D 421 5.01 -5.84 37.54
CA LYS D 421 5.63 -6.91 38.32
C LYS D 421 4.57 -7.89 38.79
N GLY D 422 4.75 -9.17 38.46
CA GLY D 422 3.80 -10.20 38.83
C GLY D 422 2.58 -10.30 37.94
N VAL D 423 2.46 -9.45 36.93
CA VAL D 423 1.33 -9.46 36.01
C VAL D 423 1.88 -9.40 34.59
N ASP D 424 1.36 -10.27 33.72
CA ASP D 424 1.77 -10.29 32.32
C ASP D 424 0.62 -10.07 31.35
N THR D 425 -0.62 -10.36 31.74
CA THR D 425 -1.77 -10.18 30.87
C THR D 425 -2.94 -9.65 31.70
N VAL D 426 -3.67 -8.70 31.13
CA VAL D 426 -4.85 -8.13 31.77
C VAL D 426 -6.06 -8.47 30.92
N SER D 427 -7.07 -9.07 31.54
CA SER D 427 -8.30 -9.48 30.85
C SER D 427 -9.43 -8.57 31.31
N VAL D 428 -9.93 -7.76 30.39
CA VAL D 428 -11.02 -6.83 30.66
C VAL D 428 -12.13 -7.08 29.66
N GLY D 429 -13.34 -7.34 30.15
CA GLY D 429 -14.47 -7.61 29.28
C GLY D 429 -14.33 -8.89 28.48
N ASN D 430 -14.13 -8.76 27.18
CA ASN D 430 -13.98 -9.90 26.30
C ASN D 430 -12.62 -9.97 25.62
N THR D 431 -11.74 -9.00 25.86
CA THR D 431 -10.43 -8.94 25.21
C THR D 431 -9.33 -8.92 26.26
N LEU D 432 -8.15 -9.38 25.86
CA LEU D 432 -7.00 -9.50 26.74
C LEU D 432 -5.90 -8.57 26.27
N TYR D 433 -5.42 -7.71 27.17
CA TYR D 433 -4.39 -6.70 26.81
C TYR D 433 -3.07 -7.13 27.44
N CYS D 434 -2.00 -7.21 26.65
CA CYS D 434 -0.67 -7.57 27.19
C CYS D 434 -0.15 -6.42 28.06
N VAL D 435 0.39 -6.72 29.24
CA VAL D 435 1.00 -5.64 30.07
C VAL D 435 2.49 -5.64 29.81
N ASN D 436 3.04 -4.48 29.43
CA ASN D 436 4.46 -4.30 29.12
C ASN D 436 5.32 -5.03 30.14
N LYS D 437 6.43 -5.59 29.65
CA LYS D 437 7.37 -6.32 30.49
C LYS D 437 8.55 -5.47 30.95
N LEU D 438 8.50 -4.17 30.71
CA LEU D 438 9.57 -3.28 31.13
C LEU D 438 9.61 -3.16 32.65
N GLU D 439 10.79 -2.80 33.17
CA GLU D 439 11.01 -2.65 34.60
C GLU D 439 11.35 -1.20 34.91
N GLY D 440 10.67 -0.65 35.92
CA GLY D 440 10.90 0.74 36.30
C GLY D 440 10.35 1.02 37.67
N GLN D 441 10.73 2.18 38.21
CA GLN D 441 10.34 2.59 39.55
C GLN D 441 8.88 3.05 39.53
N ASN D 442 7.98 2.07 39.51
CA ASN D 442 6.55 2.36 39.57
C ASN D 442 6.22 3.01 40.92
N LEU D 443 5.26 3.93 40.89
CA LEU D 443 4.85 4.67 42.10
C LEU D 443 3.35 4.88 42.05
N TYR D 444 2.62 4.15 42.88
CA TYR D 444 1.17 4.27 42.98
C TYR D 444 0.85 5.46 43.87
N VAL D 445 0.81 6.65 43.27
CA VAL D 445 0.52 7.89 44.01
C VAL D 445 -1.00 7.99 44.08
N LYS D 446 -1.58 7.38 45.12
CA LYS D 446 -3.02 7.34 45.25
C LYS D 446 -3.55 8.64 45.83
N GLY D 447 -4.87 8.79 45.78
CA GLY D 447 -5.55 9.95 46.32
C GLY D 447 -7.04 9.71 46.44
N GLU D 448 -7.84 10.70 46.09
CA GLU D 448 -9.29 10.51 46.06
C GLU D 448 -9.83 10.92 44.69
N PRO D 449 -10.87 10.24 44.21
CA PRO D 449 -11.44 10.61 42.91
C PRO D 449 -12.03 12.01 42.93
N ILE D 450 -11.90 12.71 41.80
CA ILE D 450 -12.40 14.07 41.69
C ILE D 450 -13.90 14.13 41.43
N ILE D 451 -14.53 12.99 41.21
CA ILE D 451 -15.96 12.96 40.91
C ILE D 451 -16.79 13.39 42.12
N ASN D 452 -16.35 13.00 43.33
CA ASN D 452 -17.17 13.18 44.51
C ASN D 452 -17.49 14.64 44.79
N TYR D 453 -16.60 15.55 44.37
CA TYR D 453 -16.85 16.96 44.62
C TYR D 453 -17.97 17.52 43.75
N TYR D 454 -18.25 16.87 42.62
CA TYR D 454 -19.28 17.35 41.72
C TYR D 454 -20.67 17.14 42.32
N ASP D 455 -21.60 18.00 41.93
CA ASP D 455 -22.95 17.96 42.48
C ASP D 455 -23.67 16.68 42.05
N PRO D 456 -24.23 15.92 42.99
CA PRO D 456 -24.96 14.69 42.63
C PRO D 456 -26.37 14.92 42.14
N LEU D 457 -26.95 16.12 42.35
CA LEU D 457 -28.32 16.37 41.90
C LEU D 457 -28.42 16.32 40.38
N VAL D 458 -27.41 16.84 39.68
CA VAL D 458 -27.37 16.77 38.23
C VAL D 458 -25.90 16.80 37.82
N PHE D 459 -25.61 16.24 36.65
CA PHE D 459 -24.25 16.15 36.13
C PHE D 459 -24.23 16.73 34.73
N PRO D 460 -24.09 18.05 34.61
CA PRO D 460 -24.19 18.71 33.30
C PRO D 460 -22.94 18.54 32.45
N SER D 461 -22.89 19.28 31.34
CA SER D 461 -21.75 19.30 30.42
C SER D 461 -21.54 17.93 29.77
N ASP D 462 -22.54 17.53 28.99
CA ASP D 462 -22.46 16.31 28.20
C ASP D 462 -21.67 16.56 26.92
N GLU D 463 -20.67 15.72 26.66
CA GLU D 463 -19.86 15.78 25.45
C GLU D 463 -19.21 17.15 25.28
N PHE D 464 -18.34 17.49 26.23
CA PHE D 464 -17.66 18.76 26.25
C PHE D 464 -16.16 18.53 26.25
N ASP D 465 -15.43 19.36 25.49
CA ASP D 465 -14.01 19.17 25.25
C ASP D 465 -13.26 20.48 25.40
N ALA D 466 -13.49 21.18 26.52
CA ALA D 466 -12.87 22.47 26.77
C ALA D 466 -12.04 22.42 28.06
N SER D 467 -11.54 23.58 28.44
CA SER D 467 -10.67 23.71 29.61
C SER D 467 -11.47 23.50 30.90
N ILE D 468 -10.76 23.13 31.96
CA ILE D 468 -11.42 22.84 33.23
C ILE D 468 -12.10 24.08 33.78
N SER D 469 -11.51 25.26 33.58
CA SER D 469 -12.17 26.50 33.97
C SER D 469 -13.47 26.70 33.21
N GLN D 470 -13.47 26.35 31.91
CA GLN D 470 -14.71 26.42 31.15
C GLN D 470 -15.75 25.43 31.66
N VAL D 471 -15.32 24.26 32.13
CA VAL D 471 -16.26 23.31 32.71
C VAL D 471 -16.79 23.82 34.05
N ASN D 472 -15.97 24.54 34.81
CA ASN D 472 -16.47 25.21 36.01
C ASN D 472 -17.52 26.24 35.64
N GLU D 473 -17.27 26.99 34.56
CA GLU D 473 -18.29 27.92 34.07
C GLU D 473 -19.56 27.18 33.66
N LYS D 474 -19.41 26.01 33.05
CA LYS D 474 -20.57 25.24 32.61
C LYS D 474 -21.40 24.74 33.78
N ILE D 475 -20.75 24.20 34.82
CA ILE D 475 -21.50 23.75 35.99
C ILE D 475 -22.12 24.96 36.70
N ASN D 476 -21.41 26.09 36.72
CA ASN D 476 -21.97 27.30 37.32
C ASN D 476 -23.24 27.73 36.59
N GLN D 477 -23.21 27.75 35.26
CA GLN D 477 -24.39 28.21 34.52
C GLN D 477 -25.51 27.17 34.55
N SER D 478 -25.18 25.88 34.64
CA SER D 478 -26.22 24.87 34.78
C SER D 478 -26.91 24.98 36.13
N LEU D 479 -26.14 25.17 37.20
CA LEU D 479 -26.78 25.34 38.50
C LEU D 479 -27.45 26.71 38.60
N ALA D 480 -27.02 27.68 37.77
CA ALA D 480 -27.79 28.91 37.62
C ALA D 480 -29.14 28.64 36.98
N PHE D 481 -29.14 27.80 35.93
CA PHE D 481 -30.40 27.33 35.34
C PHE D 481 -31.31 26.74 36.41
N ILE D 482 -30.76 25.86 37.23
CA ILE D 482 -31.60 25.16 38.20
C ILE D 482 -32.06 26.12 39.30
N ARG D 483 -31.20 27.05 39.75
CA ARG D 483 -31.65 27.96 40.80
C ARG D 483 -32.72 28.90 40.26
N ARG D 484 -32.59 29.37 39.03
CA ARG D 484 -33.64 30.26 38.53
C ARG D 484 -34.93 29.49 38.30
N SER D 485 -34.83 28.21 37.91
CA SER D 485 -36.04 27.40 37.78
C SER D 485 -36.75 27.26 39.12
N ASP D 486 -36.01 26.91 40.18
CA ASP D 486 -36.67 26.71 41.47
C ASP D 486 -37.16 28.03 42.07
N GLU D 487 -36.42 29.13 41.86
CA GLU D 487 -36.90 30.40 42.38
C GLU D 487 -38.12 30.90 41.62
N LEU D 488 -38.19 30.63 40.31
CA LEU D 488 -39.40 30.94 39.57
C LEU D 488 -40.57 30.11 40.06
N LEU D 489 -40.33 28.83 40.37
CA LEU D 489 -41.40 28.00 40.92
C LEU D 489 -41.89 28.54 42.25
N SER D 490 -40.97 28.94 43.13
CA SER D 490 -41.37 29.49 44.42
C SER D 490 -42.11 30.81 44.25
N ALA D 491 -41.67 31.65 43.32
CA ALA D 491 -42.36 32.91 43.05
C ALA D 491 -43.77 32.66 42.54
N ILE D 492 -43.93 31.65 41.68
CA ILE D 492 -45.27 31.25 41.25
C ILE D 492 -46.11 30.82 42.44
N GLN E 1 28.85 15.79 -30.16
CA GLN E 1 28.34 15.61 -31.52
C GLN E 1 27.14 16.51 -31.79
N ILE E 2 26.89 17.44 -30.87
CA ILE E 2 25.77 18.36 -31.00
C ILE E 2 26.15 19.47 -31.97
N GLN E 3 25.36 19.65 -33.02
CA GLN E 3 25.62 20.64 -34.05
C GLN E 3 24.48 21.66 -34.08
N LEU E 4 24.79 22.95 -33.94
CA LEU E 4 23.78 24.05 -34.06
C LEU E 4 24.11 24.80 -35.37
N VAL E 5 23.20 24.92 -36.37
CA VAL E 5 23.38 25.56 -37.67
C VAL E 5 22.46 26.77 -37.75
N GLN E 6 23.04 27.91 -38.13
CA GLN E 6 22.31 29.17 -38.28
C GLN E 6 22.11 29.47 -39.76
N SER E 7 21.47 30.61 -40.03
CA SER E 7 21.17 31.03 -41.39
C SER E 7 22.41 31.69 -42.01
N GLY E 8 22.22 32.34 -43.16
CA GLY E 8 23.31 32.97 -43.86
C GLY E 8 23.39 34.46 -43.63
N PRO E 9 24.46 35.08 -44.13
CA PRO E 9 24.62 36.53 -43.97
C PRO E 9 23.64 37.31 -44.82
N GLU E 10 23.43 38.58 -44.43
CA GLU E 10 22.54 39.47 -45.14
C GLU E 10 23.16 40.86 -45.24
N LEU E 11 22.78 41.57 -46.30
CA LEU E 11 23.18 42.96 -46.51
C LEU E 11 21.95 43.72 -46.97
N LYS E 12 21.45 44.63 -46.14
CA LYS E 12 20.17 45.28 -46.37
C LYS E 12 20.26 46.72 -45.90
N LYS E 13 19.11 47.39 -45.80
CA LYS E 13 19.02 48.81 -45.54
C LYS E 13 18.24 49.06 -44.26
N PRO E 14 18.48 50.20 -43.59
CA PRO E 14 17.77 50.48 -42.34
C PRO E 14 16.27 50.64 -42.56
N GLY E 15 15.51 50.31 -41.52
CA GLY E 15 14.06 50.42 -41.54
C GLY E 15 13.32 49.16 -41.89
N ALA E 16 14.00 48.15 -42.42
CA ALA E 16 13.36 46.89 -42.79
C ALA E 16 13.59 45.84 -41.69
N SER E 17 13.31 44.58 -42.01
CA SER E 17 13.29 43.50 -41.03
C SER E 17 14.28 42.41 -41.43
N VAL E 18 14.99 41.89 -40.44
CA VAL E 18 15.98 40.84 -40.62
C VAL E 18 15.47 39.57 -39.94
N LYS E 19 15.52 38.45 -40.64
CA LYS E 19 15.15 37.15 -40.10
C LYS E 19 16.39 36.26 -40.08
N ILE E 20 16.82 35.89 -38.88
CA ILE E 20 17.97 35.01 -38.68
C ILE E 20 17.51 33.83 -37.84
N SER E 21 17.80 32.62 -38.32
CA SER E 21 17.28 31.40 -37.73
C SER E 21 18.41 30.45 -37.36
N CYS E 22 18.29 29.81 -36.20
CA CYS E 22 19.20 28.76 -35.75
C CYS E 22 18.43 27.46 -35.59
N LYS E 23 18.99 26.38 -36.16
CA LYS E 23 18.40 25.06 -36.08
C LYS E 23 19.27 24.16 -35.23
N ALA E 24 18.67 23.49 -34.25
CA ALA E 24 19.37 22.63 -33.30
C ALA E 24 19.10 21.17 -33.65
N SER E 25 20.16 20.40 -33.85
CA SER E 25 20.05 18.98 -34.15
C SER E 25 21.03 18.20 -33.29
N GLY E 26 20.56 17.08 -32.72
CA GLY E 26 21.39 16.25 -31.89
C GLY E 26 20.77 15.95 -30.54
N TYR E 27 19.70 16.65 -30.21
CA TYR E 27 19.01 16.46 -28.93
C TYR E 27 17.56 16.88 -29.08
N THR E 28 16.74 16.45 -28.13
CA THR E 28 15.35 16.86 -28.11
C THR E 28 15.24 18.34 -27.79
N PHE E 29 14.49 19.07 -28.62
CA PHE E 29 14.46 20.52 -28.57
C PHE E 29 13.63 21.09 -27.43
N THR E 30 12.85 20.25 -26.73
CA THR E 30 11.91 20.77 -25.75
C THR E 30 12.62 21.33 -24.51
N ASP E 31 13.59 20.58 -23.97
CA ASP E 31 14.17 20.93 -22.68
C ASP E 31 15.16 22.09 -22.79
N TYR E 32 16.21 21.91 -23.59
CA TYR E 32 17.26 22.91 -23.68
C TYR E 32 16.72 24.21 -24.27
N SER E 33 17.05 25.32 -23.61
CA SER E 33 16.56 26.63 -24.01
C SER E 33 17.54 27.29 -24.99
N MET E 34 17.02 28.26 -25.74
CA MET E 34 17.80 28.98 -26.74
C MET E 34 18.22 30.33 -26.18
N HIS E 35 19.50 30.66 -26.34
CA HIS E 35 20.06 31.93 -25.86
C HIS E 35 20.70 32.65 -27.03
N TRP E 36 20.54 33.97 -27.06
CA TRP E 36 20.98 34.81 -28.16
C TRP E 36 22.01 35.82 -27.67
N LEU E 37 23.08 36.00 -28.44
CA LEU E 37 24.18 36.87 -28.06
C LEU E 37 24.45 37.90 -29.15
N LYS E 38 24.97 39.05 -28.74
CA LYS E 38 25.38 40.11 -29.64
C LYS E 38 26.90 40.27 -29.64
N GLN E 39 27.46 40.56 -30.81
CA GLN E 39 28.86 40.92 -30.94
C GLN E 39 28.94 42.24 -31.68
N ALA E 40 29.43 43.28 -31.00
CA ALA E 40 29.65 44.56 -31.65
C ALA E 40 30.93 44.50 -32.48
N PRO E 41 31.04 45.30 -33.54
CA PRO E 41 32.24 45.24 -34.39
C PRO E 41 33.47 45.75 -33.66
N GLY E 42 34.36 44.83 -33.29
CA GLY E 42 35.57 45.15 -32.58
C GLY E 42 35.44 45.22 -31.07
N LYS E 43 34.22 45.29 -30.54
CA LYS E 43 33.99 45.38 -29.11
C LYS E 43 33.76 43.98 -28.52
N GLY E 44 33.30 43.93 -27.28
CA GLY E 44 33.04 42.67 -26.61
C GLY E 44 31.75 42.01 -27.05
N LEU E 45 31.27 41.04 -26.29
CA LEU E 45 30.07 40.28 -26.62
C LEU E 45 28.96 40.64 -25.65
N LYS E 46 27.85 41.15 -26.19
CA LYS E 46 26.65 41.43 -25.40
C LYS E 46 25.83 40.16 -25.22
N TRP E 47 24.76 40.27 -24.43
CA TRP E 47 23.85 39.17 -24.17
C TRP E 47 22.42 39.66 -24.32
N MET E 48 21.68 39.11 -25.28
CA MET E 48 20.29 39.50 -25.49
C MET E 48 19.40 39.03 -24.34
N GLY E 49 19.32 37.72 -24.16
CA GLY E 49 18.34 37.14 -23.27
C GLY E 49 18.15 35.68 -23.60
N TRP E 50 16.96 35.16 -23.29
CA TRP E 50 16.65 33.77 -23.57
C TRP E 50 15.21 33.63 -24.04
N ILE E 51 14.99 32.60 -24.87
CA ILE E 51 13.65 32.17 -25.25
C ILE E 51 13.54 30.69 -24.91
N THR E 52 12.50 30.34 -24.17
CA THR E 52 12.33 28.96 -23.73
C THR E 52 11.74 28.11 -24.84
N THR E 53 12.43 27.03 -25.19
CA THR E 53 11.99 26.13 -26.25
C THR E 53 10.97 25.11 -25.79
N GLU E 54 10.33 25.35 -24.63
CA GLU E 54 9.25 24.50 -24.14
C GLU E 54 7.90 25.20 -24.19
N THR E 55 7.83 26.44 -23.70
CA THR E 55 6.59 27.22 -23.72
C THR E 55 6.62 28.32 -24.77
N GLY E 56 7.64 29.18 -24.73
CA GLY E 56 7.75 30.26 -25.70
C GLY E 56 7.68 31.65 -25.10
N GLU E 57 8.10 31.79 -23.85
CA GLU E 57 8.07 33.08 -23.18
C GLU E 57 9.47 33.63 -23.08
N PRO E 58 9.81 34.69 -23.83
CA PRO E 58 11.17 35.25 -23.76
C PRO E 58 11.29 36.35 -22.71
N THR E 59 12.54 36.57 -22.30
CA THR E 59 12.88 37.63 -21.35
C THR E 59 14.06 38.39 -21.92
N TYR E 60 13.99 39.72 -21.88
CA TYR E 60 14.90 40.58 -22.60
C TYR E 60 15.73 41.42 -21.64
N ALA E 61 17.00 41.62 -22.00
CA ALA E 61 17.84 42.54 -21.25
C ALA E 61 17.38 43.98 -21.50
N ASP E 62 17.57 44.83 -20.49
CA ASP E 62 17.07 46.21 -20.58
C ASP E 62 17.66 46.95 -21.76
N ASP E 63 18.88 46.59 -22.18
CA ASP E 63 19.49 47.23 -23.33
C ASP E 63 18.75 46.87 -24.62
N PHE E 64 18.29 45.62 -24.73
CA PHE E 64 17.78 45.08 -25.99
C PHE E 64 16.27 44.88 -25.96
N LYS E 65 15.53 45.83 -25.37
CA LYS E 65 14.08 45.78 -25.35
C LYS E 65 13.50 46.75 -26.36
N GLY E 66 12.43 46.33 -27.03
CA GLY E 66 11.68 47.20 -27.91
C GLY E 66 11.70 46.84 -29.38
N ARG E 67 12.85 46.39 -29.88
CA ARG E 67 13.00 46.14 -31.31
C ARG E 67 13.31 44.70 -31.68
N PHE E 68 13.78 43.87 -30.75
CA PHE E 68 14.18 42.50 -31.03
C PHE E 68 13.17 41.53 -30.43
N ALA E 69 12.92 40.44 -31.16
CA ALA E 69 12.00 39.41 -30.69
C ALA E 69 12.37 38.07 -31.32
N PHE E 70 12.45 37.03 -30.49
CA PHE E 70 12.71 35.68 -30.96
C PHE E 70 11.44 34.87 -30.92
N SER E 71 11.23 34.06 -31.97
CA SER E 71 10.14 33.11 -32.02
C SER E 71 10.69 31.78 -32.54
N LEU E 72 10.04 30.68 -32.14
CA LEU E 72 10.54 29.36 -32.47
C LEU E 72 9.40 28.46 -32.92
N ASP E 73 9.75 27.46 -33.72
CA ASP E 73 8.82 26.43 -34.18
C ASP E 73 9.39 25.09 -33.73
N THR E 74 8.83 24.54 -32.64
CA THR E 74 9.35 23.30 -32.08
C THR E 74 9.17 22.12 -33.03
N SER E 75 8.18 22.19 -33.93
CA SER E 75 7.99 21.11 -34.89
C SER E 75 9.16 21.00 -35.85
N ALA E 76 9.67 22.14 -36.31
CA ALA E 76 10.79 22.17 -37.25
C ALA E 76 12.15 22.19 -36.56
N SER E 77 12.18 22.21 -35.23
CA SER E 77 13.42 22.29 -34.45
C SER E 77 14.27 23.48 -34.90
N THR E 78 13.61 24.62 -35.13
CA THR E 78 14.27 25.85 -35.54
C THR E 78 13.76 27.01 -34.72
N ALA E 79 14.67 27.90 -34.33
CA ALA E 79 14.34 29.13 -33.64
C ALA E 79 14.92 30.30 -34.43
N TYR E 80 14.10 31.31 -34.69
CA TYR E 80 14.51 32.43 -35.52
C TYR E 80 14.25 33.76 -34.81
N LEU E 81 15.09 34.74 -35.12
CA LEU E 81 15.00 36.09 -34.57
C LEU E 81 14.57 37.06 -35.67
N GLN E 82 13.55 37.85 -35.38
CA GLN E 82 13.07 38.89 -36.28
C GLN E 82 13.48 40.25 -35.74
N ILE E 83 14.19 41.02 -36.56
CA ILE E 83 14.78 42.30 -36.15
C ILE E 83 14.11 43.39 -36.97
N SER E 84 13.07 43.99 -36.43
CA SER E 84 12.39 45.10 -37.07
C SER E 84 12.96 46.43 -36.58
N SER E 85 12.70 47.49 -37.35
CA SER E 85 13.19 48.83 -37.07
C SER E 85 14.73 48.83 -36.96
N LEU E 86 15.34 48.51 -38.09
CA LEU E 86 16.79 48.37 -38.16
C LEU E 86 17.48 49.72 -37.97
N LYS E 87 18.49 49.74 -37.11
CA LYS E 87 19.35 50.89 -36.92
C LYS E 87 20.75 50.58 -37.46
N ALA E 88 21.54 51.64 -37.66
CA ALA E 88 22.90 51.47 -38.14
C ALA E 88 23.79 50.74 -37.14
N GLU E 89 23.38 50.69 -35.87
CA GLU E 89 24.13 49.98 -34.84
C GLU E 89 23.96 48.47 -34.94
N ASP E 90 23.08 47.98 -35.81
CA ASP E 90 22.82 46.55 -35.93
C ASP E 90 23.99 45.78 -36.55
N THR E 91 25.00 46.47 -37.08
CA THR E 91 26.15 45.80 -37.66
C THR E 91 26.85 44.95 -36.61
N GLY E 92 27.23 43.75 -37.00
CA GLY E 92 27.90 42.81 -36.11
C GLY E 92 27.57 41.38 -36.50
N VAL E 93 27.65 40.50 -35.49
CA VAL E 93 27.43 39.07 -35.67
C VAL E 93 26.38 38.62 -34.67
N TYR E 94 25.72 37.52 -35.00
CA TYR E 94 24.67 36.94 -34.16
C TYR E 94 25.04 35.50 -33.81
N PHE E 95 24.74 35.11 -32.57
CA PHE E 95 25.09 33.79 -32.07
C PHE E 95 23.92 33.16 -31.35
N CYS E 96 23.71 31.86 -31.61
CA CYS E 96 22.72 31.05 -30.91
C CYS E 96 23.45 30.06 -30.01
N ALA E 97 23.04 29.98 -28.75
CA ALA E 97 23.80 29.25 -27.75
C ALA E 97 22.86 28.52 -26.80
N ARG E 98 23.42 27.51 -26.13
CA ARG E 98 22.71 26.73 -25.13
C ARG E 98 23.65 26.43 -23.97
N TYR E 99 23.08 25.89 -22.90
CA TYR E 99 23.84 25.57 -21.69
C TYR E 99 24.36 24.14 -21.79
N TYR E 100 25.67 23.99 -21.94
CA TYR E 100 26.32 22.68 -22.06
C TYR E 100 27.34 22.52 -20.95
N TYR E 101 26.91 21.97 -19.82
CA TYR E 101 27.79 21.62 -18.70
C TYR E 101 28.61 22.82 -18.23
N GLY E 102 27.89 23.85 -17.75
CA GLY E 102 28.53 25.04 -17.28
C GLY E 102 28.36 26.20 -18.24
N PRO E 103 29.42 26.51 -18.98
CA PRO E 103 29.37 27.65 -19.91
C PRO E 103 28.46 27.42 -21.09
N PHE E 104 28.41 28.40 -21.99
CA PHE E 104 27.58 28.32 -23.18
C PHE E 104 28.27 27.49 -24.27
N TYR E 105 27.53 27.23 -25.35
CA TYR E 105 28.05 26.56 -26.53
C TYR E 105 27.44 27.26 -27.74
N TRP E 106 28.27 28.00 -28.48
CA TRP E 106 27.80 28.81 -29.59
C TRP E 106 28.12 28.14 -30.92
N GLY E 107 27.18 28.30 -31.86
CA GLY E 107 27.41 27.87 -33.23
C GLY E 107 28.14 28.92 -34.05
N GLN E 108 28.22 28.67 -35.35
CA GLN E 108 28.93 29.58 -36.24
C GLN E 108 28.20 30.92 -36.33
N GLY E 109 29.00 31.97 -36.57
CA GLY E 109 28.46 33.31 -36.63
C GLY E 109 27.83 33.64 -37.97
N THR E 110 26.92 34.61 -37.94
CA THR E 110 26.24 35.10 -39.13
C THR E 110 26.46 36.60 -39.22
N LEU E 111 27.33 37.02 -40.14
CA LEU E 111 27.64 38.44 -40.29
C LEU E 111 26.43 39.19 -40.82
N VAL E 112 26.06 40.26 -40.13
CA VAL E 112 24.98 41.15 -40.60
C VAL E 112 25.67 42.49 -40.97
N THR E 113 25.45 43.02 -42.19
CA THR E 113 25.99 44.28 -42.68
C THR E 113 24.85 45.23 -43.04
N VAL E 114 25.02 46.50 -42.67
CA VAL E 114 24.02 47.53 -42.89
C VAL E 114 24.59 48.53 -43.89
N SER E 115 23.90 48.71 -45.01
CA SER E 115 24.30 49.63 -46.06
C SER E 115 23.36 50.83 -46.07
N SER E 116 23.62 51.74 -47.00
CA SER E 116 22.80 52.95 -47.14
C SER E 116 22.57 53.29 -48.61
N ASP F 1 23.54 43.81 -11.61
CA ASP F 1 24.50 43.37 -12.62
C ASP F 1 25.91 43.29 -12.04
N ILE F 2 26.70 42.35 -12.54
CA ILE F 2 28.08 42.16 -12.09
C ILE F 2 28.98 42.46 -13.28
N GLN F 3 29.78 43.51 -13.17
CA GLN F 3 30.68 43.90 -14.24
C GLN F 3 32.01 43.17 -14.10
N MET F 4 32.53 42.68 -15.22
CA MET F 4 33.74 41.88 -15.25
C MET F 4 34.73 42.50 -16.22
N THR F 5 35.95 42.77 -15.74
CA THR F 5 36.99 43.41 -16.53
C THR F 5 38.25 42.57 -16.49
N GLN F 6 39.09 42.76 -17.51
CA GLN F 6 40.37 42.06 -17.63
C GLN F 6 41.51 43.06 -17.63
N SER F 7 42.55 42.76 -16.85
CA SER F 7 43.70 43.67 -16.78
C SER F 7 44.52 43.65 -18.06
N PRO F 8 45.01 42.51 -18.55
CA PRO F 8 45.82 42.55 -19.78
C PRO F 8 44.96 42.62 -21.04
N SER F 9 44.55 43.84 -21.39
CA SER F 9 43.71 44.04 -22.58
C SER F 9 44.45 43.64 -23.85
N SER F 10 45.73 43.98 -23.95
CA SER F 10 46.58 43.60 -25.08
C SER F 10 47.80 42.87 -24.54
N LEU F 11 48.04 41.67 -25.03
CA LEU F 11 49.16 40.85 -24.60
C LEU F 11 49.92 40.32 -25.80
N SER F 12 51.25 40.32 -25.70
CA SER F 12 52.12 39.83 -26.77
C SER F 12 53.26 39.07 -26.11
N ALA F 13 53.32 37.76 -26.34
CA ALA F 13 54.31 36.90 -25.71
C ALA F 13 55.07 36.10 -26.76
N SER F 14 56.16 35.48 -26.34
CA SER F 14 56.99 34.67 -27.21
C SER F 14 56.41 33.25 -27.29
N VAL F 15 57.17 32.34 -27.91
CA VAL F 15 56.71 30.96 -28.07
C VAL F 15 56.88 30.13 -26.81
N GLY F 16 57.75 30.54 -25.90
CA GLY F 16 57.98 29.77 -24.68
C GLY F 16 57.69 30.55 -23.41
N ASP F 17 56.64 31.36 -23.43
CA ASP F 17 56.27 32.17 -22.27
C ASP F 17 55.13 31.54 -21.50
N ARG F 18 55.08 31.83 -20.20
CA ARG F 18 54.01 31.41 -19.32
C ARG F 18 53.17 32.64 -19.02
N VAL F 19 52.06 32.78 -19.73
CA VAL F 19 51.26 34.00 -19.67
C VAL F 19 50.15 33.82 -18.66
N THR F 20 49.71 34.93 -18.08
CA THR F 20 48.74 34.91 -17.00
C THR F 20 47.69 35.97 -17.24
N ILE F 21 46.42 35.58 -17.16
CA ILE F 21 45.30 36.49 -17.41
C ILE F 21 44.39 36.46 -16.18
N THR F 22 44.03 37.65 -15.70
CA THR F 22 43.20 37.80 -14.51
C THR F 22 41.89 38.50 -14.86
N CYS F 23 40.81 38.10 -14.18
CA CYS F 23 39.51 38.74 -14.30
C CYS F 23 38.99 39.11 -12.92
N ARG F 24 38.39 40.28 -12.82
CA ARG F 24 37.78 40.78 -11.60
C ARG F 24 36.28 40.88 -11.75
N SER F 25 35.59 40.92 -10.61
CA SER F 25 34.13 41.00 -10.58
C SER F 25 33.69 42.06 -9.59
N SER F 26 32.62 42.77 -9.94
CA SER F 26 32.06 43.77 -9.02
C SER F 26 31.50 43.09 -7.77
N GLY F 27 30.84 41.95 -7.94
CA GLY F 27 30.30 41.20 -6.83
C GLY F 27 31.09 39.93 -6.55
N ASN F 28 30.56 39.13 -5.64
CA ASN F 28 31.16 37.86 -5.24
C ASN F 28 30.46 36.73 -5.97
N ILE F 29 31.22 35.93 -6.72
CA ILE F 29 30.70 34.78 -7.43
C ILE F 29 31.48 33.55 -7.00
N HIS F 30 30.78 32.55 -6.49
CA HIS F 30 31.40 31.30 -6.07
C HIS F 30 31.75 30.50 -7.32
N ASN F 31 33.00 30.60 -7.76
CA ASN F 31 33.47 29.99 -9.01
C ASN F 31 32.61 30.56 -10.12
N PHE F 32 31.95 29.73 -10.93
CA PHE F 32 30.99 30.19 -11.95
C PHE F 32 31.64 31.12 -12.96
N LEU F 33 32.90 30.86 -13.31
CA LEU F 33 33.63 31.67 -14.28
C LEU F 33 34.22 30.77 -15.35
N THR F 34 34.20 31.25 -16.59
CA THR F 34 34.73 30.50 -17.72
C THR F 34 35.41 31.46 -18.69
N TRP F 35 36.16 30.90 -19.62
CA TRP F 35 36.87 31.67 -20.64
C TRP F 35 36.52 31.12 -22.02
N TYR F 36 36.77 31.95 -23.04
CA TYR F 36 36.53 31.57 -24.42
C TYR F 36 37.73 31.97 -25.27
N GLN F 37 37.98 31.19 -26.32
CA GLN F 37 39.11 31.38 -27.22
C GLN F 37 38.55 31.78 -28.59
N GLN F 38 38.45 33.08 -28.82
CA GLN F 38 37.90 33.61 -30.07
C GLN F 38 38.97 33.60 -31.14
N LYS F 39 38.76 32.79 -32.18
CA LYS F 39 39.59 32.85 -33.38
C LYS F 39 39.03 33.93 -34.32
N PRO F 40 39.92 34.63 -35.03
CA PRO F 40 39.43 35.67 -35.95
C PRO F 40 38.59 35.07 -37.07
N GLY F 41 37.39 35.63 -37.24
CA GLY F 41 36.49 35.14 -38.28
C GLY F 41 36.00 33.73 -38.05
N LYS F 42 35.67 33.38 -36.82
CA LYS F 42 35.18 32.04 -36.49
C LYS F 42 34.34 32.14 -35.22
N SER F 43 33.90 30.99 -34.72
CA SER F 43 33.07 30.92 -33.53
C SER F 43 33.87 30.37 -32.35
N PRO F 44 33.98 31.12 -31.26
CA PRO F 44 34.77 30.66 -30.12
C PRO F 44 34.10 29.51 -29.39
N GLN F 45 34.92 28.77 -28.65
CA GLN F 45 34.47 27.64 -27.85
C GLN F 45 35.07 27.74 -26.46
N PHE F 46 34.39 27.13 -25.49
CA PHE F 46 34.88 27.13 -24.12
C PHE F 46 36.11 26.21 -23.99
N LEU F 47 36.90 26.45 -22.95
CA LEU F 47 38.05 25.61 -22.65
C LEU F 47 38.17 25.23 -21.18
N VAL F 48 37.52 25.96 -20.26
CA VAL F 48 37.55 25.64 -18.84
C VAL F 48 36.11 25.63 -18.35
N TYR F 49 35.66 24.50 -17.82
CA TYR F 49 34.26 24.37 -17.40
C TYR F 49 33.93 25.33 -16.27
N ASN F 50 34.71 25.29 -15.20
CA ASN F 50 34.56 26.20 -14.07
C ASN F 50 35.90 26.86 -13.78
N ALA F 51 36.02 27.51 -12.62
CA ALA F 51 37.27 28.21 -12.31
C ALA F 51 38.48 27.29 -12.34
N LYS F 52 38.30 25.99 -12.06
CA LYS F 52 39.45 25.09 -11.98
C LYS F 52 39.18 23.73 -12.61
N THR F 53 38.37 23.67 -13.67
CA THR F 53 38.09 22.42 -14.38
C THR F 53 38.23 22.66 -15.88
N LEU F 54 39.34 22.21 -16.46
CA LEU F 54 39.54 22.35 -17.89
C LEU F 54 38.56 21.49 -18.68
N ALA F 55 38.23 21.95 -19.88
CA ALA F 55 37.29 21.23 -20.72
C ALA F 55 37.97 20.09 -21.47
N ASP F 56 37.15 19.14 -21.91
CA ASP F 56 37.67 18.01 -22.68
C ASP F 56 38.14 18.47 -24.05
N GLY F 57 39.24 17.89 -24.51
CA GLY F 57 39.82 18.26 -25.80
C GLY F 57 40.74 19.45 -25.76
N VAL F 58 40.89 20.11 -24.61
CA VAL F 58 41.78 21.26 -24.46
C VAL F 58 43.13 20.75 -23.98
N PRO F 59 44.25 21.25 -24.52
CA PRO F 59 45.57 20.82 -24.04
C PRO F 59 45.74 21.11 -22.56
N SER F 60 46.50 20.23 -21.89
CA SER F 60 46.69 20.33 -20.45
C SER F 60 47.45 21.58 -20.03
N ARG F 61 48.07 22.29 -20.98
CA ARG F 61 48.75 23.54 -20.65
C ARG F 61 47.79 24.57 -20.04
N PHE F 62 46.54 24.48 -20.48
CA PHE F 62 45.52 25.42 -19.94
C PHE F 62 45.04 24.87 -18.60
N SER F 63 44.67 25.77 -17.69
CA SER F 63 44.18 25.38 -16.35
C SER F 63 43.85 26.67 -15.61
N GLY F 64 43.07 26.59 -14.54
CA GLY F 64 42.66 27.83 -13.89
C GLY F 64 42.56 27.68 -12.39
N SER F 65 42.49 28.81 -11.68
CA SER F 65 42.37 28.78 -10.23
C SER F 65 41.76 30.09 -9.77
N GLY F 66 41.19 30.06 -8.57
CA GLY F 66 40.60 31.25 -7.98
C GLY F 66 39.14 31.06 -7.62
N SER F 67 38.70 31.79 -6.59
CA SER F 67 37.31 31.74 -6.15
C SER F 67 36.94 33.10 -5.55
N GLY F 68 35.65 33.39 -5.54
CA GLY F 68 35.17 34.63 -4.97
C GLY F 68 35.12 35.76 -5.98
N THR F 69 36.15 36.61 -5.98
CA THR F 69 36.23 37.74 -6.89
C THR F 69 37.40 37.66 -7.86
N GLN F 70 38.56 37.21 -7.41
CA GLN F 70 39.76 37.13 -8.24
C GLN F 70 39.84 35.75 -8.87
N PHE F 71 39.95 35.72 -10.20
CA PHE F 71 40.11 34.48 -10.94
C PHE F 71 41.20 34.67 -11.98
N THR F 72 41.91 33.58 -12.29
CA THR F 72 43.13 33.69 -13.07
C THR F 72 43.41 32.37 -13.77
N LEU F 73 43.82 32.44 -15.03
CA LEU F 73 44.21 31.26 -15.78
C LEU F 73 45.70 30.95 -15.60
N THR F 74 46.07 29.73 -15.97
CA THR F 74 47.46 29.28 -15.98
C THR F 74 47.71 28.59 -17.32
N ILE F 75 48.71 29.09 -18.05
CA ILE F 75 49.13 28.48 -19.31
C ILE F 75 50.57 27.99 -19.12
N SER F 76 50.77 26.68 -19.21
CA SER F 76 52.09 26.11 -18.98
C SER F 76 53.08 26.56 -20.06
N SER F 77 52.66 26.55 -21.32
CA SER F 77 53.55 26.90 -22.42
C SER F 77 52.72 27.37 -23.61
N LEU F 78 53.11 28.51 -24.18
CA LEU F 78 52.45 29.02 -25.38
C LEU F 78 52.79 28.13 -26.57
N GLN F 79 51.79 27.90 -27.42
CA GLN F 79 51.98 27.10 -28.61
C GLN F 79 51.41 27.88 -29.77
N PRO F 80 52.17 28.06 -30.86
CA PRO F 80 51.72 28.94 -31.95
C PRO F 80 50.37 28.58 -32.55
N GLU F 81 49.90 27.34 -32.41
CA GLU F 81 48.54 27.03 -32.87
C GLU F 81 47.47 27.71 -32.02
N ASP F 82 47.84 28.25 -30.85
CA ASP F 82 46.90 28.90 -29.95
C ASP F 82 47.12 30.41 -30.03
N PHE F 83 46.16 31.11 -30.63
CA PHE F 83 46.24 32.56 -30.76
C PHE F 83 44.85 33.09 -31.06
N GLY F 84 44.53 34.26 -30.52
CA GLY F 84 43.22 34.84 -30.75
C GLY F 84 42.88 35.88 -29.68
N ILE F 85 41.59 36.00 -29.39
CA ILE F 85 41.09 36.92 -28.38
C ILE F 85 40.42 36.09 -27.29
N TYR F 86 40.79 36.36 -26.03
CA TYR F 86 40.29 35.64 -24.88
C TYR F 86 39.33 36.53 -24.10
N TYR F 87 38.16 36.00 -23.77
CA TYR F 87 37.17 36.71 -22.97
C TYR F 87 36.76 35.83 -21.79
N CYS F 88 36.36 36.49 -20.70
CA CYS F 88 35.89 35.81 -19.51
C CYS F 88 34.48 36.28 -19.18
N GLN F 89 33.65 35.34 -18.73
CA GLN F 89 32.22 35.59 -18.55
C GLN F 89 31.69 34.73 -17.41
N HIS F 90 30.95 35.35 -16.50
CA HIS F 90 30.34 34.62 -15.41
C HIS F 90 28.95 34.13 -15.80
N PHE F 91 28.43 33.19 -15.01
CA PHE F 91 27.07 32.70 -15.17
C PHE F 91 26.40 32.55 -13.81
N TRP F 92 26.64 33.50 -12.91
CA TRP F 92 25.99 33.46 -11.60
C TRP F 92 24.49 33.74 -11.71
N THR F 93 24.13 34.76 -12.49
CA THR F 93 22.73 35.11 -12.67
C THR F 93 22.59 36.02 -13.88
N THR F 94 21.37 36.13 -14.38
CA THR F 94 21.09 37.06 -15.45
C THR F 94 21.08 38.49 -14.93
N PRO F 95 21.56 39.46 -15.70
CA PRO F 95 22.07 39.36 -17.07
C PRO F 95 23.50 38.85 -17.12
N TYR F 96 23.98 38.46 -18.30
CA TYR F 96 25.27 37.84 -18.47
C TYR F 96 26.23 38.84 -19.09
N THR F 97 27.40 39.01 -18.45
CA THR F 97 28.37 40.03 -18.84
C THR F 97 29.70 39.40 -19.18
N PHE F 98 30.33 39.91 -20.23
CA PHE F 98 31.65 39.47 -20.66
C PHE F 98 32.71 40.50 -20.28
N GLY F 99 33.96 40.15 -20.56
CA GLY F 99 35.08 41.03 -20.31
C GLY F 99 35.39 41.92 -21.49
N GLY F 100 36.57 42.54 -21.44
CA GLY F 100 37.03 43.42 -22.49
C GLY F 100 37.75 42.75 -23.65
N GLY F 101 38.14 41.48 -23.49
CA GLY F 101 38.82 40.77 -24.55
C GLY F 101 40.33 40.79 -24.42
N THR F 102 40.93 39.63 -24.17
CA THR F 102 42.38 39.50 -24.06
C THR F 102 42.92 39.17 -25.45
N LYS F 103 43.43 40.18 -26.15
CA LYS F 103 43.98 40.00 -27.50
C LYS F 103 45.43 39.55 -27.36
N VAL F 104 45.63 38.24 -27.27
CA VAL F 104 46.98 37.69 -27.16
C VAL F 104 47.64 37.73 -28.52
N GLU F 105 48.93 38.04 -28.54
CA GLU F 105 49.71 38.18 -29.77
C GLU F 105 50.99 37.35 -29.65
N ILE F 106 51.86 37.51 -30.66
CA ILE F 106 53.14 36.83 -30.71
C ILE F 106 54.24 37.89 -30.68
N LYS F 107 55.21 37.72 -29.78
CA LYS F 107 56.30 38.67 -29.65
C LYS F 107 57.20 38.66 -30.88
N SER G 1 -24.13 -28.51 0.88
CA SER G 1 -24.66 -27.35 1.58
C SER G 1 -25.32 -26.37 0.61
N SER G 2 -26.59 -26.61 0.30
CA SER G 2 -27.33 -25.73 -0.58
C SER G 2 -27.51 -24.35 0.06
N GLN G 3 -27.40 -23.30 -0.75
CA GLN G 3 -27.51 -21.94 -0.26
C GLN G 3 -28.99 -21.55 -0.18
N ASN G 4 -29.61 -21.97 0.92
CA ASN G 4 -31.02 -21.68 1.17
C ASN G 4 -31.16 -20.44 2.06
N ILE G 5 -30.72 -19.31 1.54
CA ILE G 5 -30.80 -18.04 2.26
C ILE G 5 -32.23 -17.52 2.17
N THR G 6 -32.81 -17.20 3.33
CA THR G 6 -34.19 -16.71 3.41
C THR G 6 -34.18 -15.37 4.13
N GLU G 7 -34.35 -14.29 3.38
CA GLU G 7 -34.41 -12.95 3.94
C GLU G 7 -35.86 -12.55 4.17
N GLU G 8 -36.12 -11.93 5.32
CA GLU G 8 -37.46 -11.45 5.67
C GLU G 8 -37.38 -9.96 5.94
N PHE G 9 -37.89 -9.16 5.00
CA PHE G 9 -37.97 -7.72 5.19
C PHE G 9 -39.14 -7.36 6.10
N TYR G 10 -38.95 -6.37 6.94
CA TYR G 10 -39.98 -5.90 7.87
C TYR G 10 -40.35 -4.47 7.52
N GLN G 11 -41.63 -4.13 7.67
CA GLN G 11 -42.08 -2.76 7.55
C GLN G 11 -42.23 -2.06 8.88
N SER G 12 -42.09 -2.77 9.99
CA SER G 12 -42.17 -2.14 11.31
C SER G 12 -40.95 -1.25 11.55
N THR G 13 -39.76 -1.84 11.55
CA THR G 13 -38.52 -1.09 11.71
C THR G 13 -37.74 -0.96 10.41
N CYS G 14 -38.29 -1.45 9.30
CA CYS G 14 -37.64 -1.37 7.99
C CYS G 14 -36.20 -1.90 8.05
N SER G 15 -36.03 -3.01 8.75
CA SER G 15 -34.76 -3.71 8.85
C SER G 15 -34.94 -5.13 8.31
N ALA G 16 -34.10 -5.51 7.37
CA ALA G 16 -34.20 -6.79 6.67
C ALA G 16 -33.13 -7.73 7.22
N VAL G 17 -33.56 -8.83 7.80
CA VAL G 17 -32.66 -9.80 8.42
C VAL G 17 -32.54 -11.04 7.54
N SER G 18 -31.33 -11.31 7.08
CA SER G 18 -31.07 -12.53 6.33
C SER G 18 -31.06 -13.73 7.28
N ARG G 19 -31.06 -14.93 6.69
CA ARG G 19 -31.04 -16.16 7.47
C ARG G 19 -30.33 -17.24 6.66
N GLY G 20 -30.18 -18.41 7.27
CA GLY G 20 -29.59 -19.55 6.59
C GLY G 20 -28.08 -19.55 6.52
N TYR G 21 -27.41 -18.61 7.17
CA TYR G 21 -25.95 -18.53 7.15
C TYR G 21 -25.39 -19.30 8.33
N PHE G 22 -24.53 -20.28 8.05
CA PHE G 22 -23.91 -21.10 9.08
C PHE G 22 -22.53 -20.55 9.37
N GLY G 23 -22.40 -19.84 10.50
CA GLY G 23 -21.17 -19.19 10.85
C GLY G 23 -20.17 -20.09 11.54
N ALA G 24 -19.01 -19.50 11.86
CA ALA G 24 -17.94 -20.21 12.54
C ALA G 24 -17.13 -19.18 13.33
N LEU G 25 -17.40 -19.11 14.63
CA LEU G 25 -16.74 -18.12 15.48
C LEU G 25 -15.36 -18.61 15.91
N ARG G 26 -14.46 -17.65 16.11
CA ARG G 26 -13.11 -17.93 16.58
C ARG G 26 -12.98 -17.46 18.03
N THR G 27 -12.54 -18.35 18.91
CA THR G 27 -12.43 -18.04 20.32
C THR G 27 -11.00 -17.98 20.83
N GLY G 28 -10.01 -18.33 20.02
CA GLY G 28 -8.64 -18.30 20.47
C GLY G 28 -7.67 -18.38 19.31
N TRP G 29 -6.38 -18.28 19.64
CA TRP G 29 -5.30 -18.33 18.68
C TRP G 29 -4.49 -19.60 18.86
N TYR G 30 -3.56 -19.83 17.93
CA TYR G 30 -2.62 -20.95 17.99
C TYR G 30 -1.27 -20.42 17.51
N THR G 31 -0.45 -19.99 18.45
CA THR G 31 0.84 -19.40 18.12
C THR G 31 1.84 -20.50 17.74
N SER G 32 2.43 -20.37 16.56
CA SER G 32 3.47 -21.27 16.10
C SER G 32 4.68 -20.46 15.68
N VAL G 33 5.87 -21.03 15.91
CA VAL G 33 7.13 -20.33 15.69
C VAL G 33 7.67 -20.72 14.32
N ILE G 34 7.95 -19.72 13.49
CA ILE G 34 8.51 -19.92 12.16
C ILE G 34 9.88 -19.24 12.14
N THR G 35 10.92 -20.02 11.86
CA THR G 35 12.30 -19.55 11.96
C THR G 35 12.95 -19.52 10.59
N ILE G 36 13.65 -18.43 10.29
CA ILE G 36 14.47 -18.30 9.10
C ILE G 36 15.93 -18.26 9.56
N GLU G 37 16.73 -19.22 9.08
CA GLU G 37 18.12 -19.35 9.53
C GLU G 37 18.98 -18.36 8.76
N LEU G 38 19.17 -17.18 9.34
CA LEU G 38 20.03 -16.18 8.74
C LEU G 38 21.50 -16.56 8.92
N SER G 39 22.36 -15.90 8.15
CA SER G 39 23.80 -16.09 8.25
C SER G 39 24.46 -14.74 8.43
N ASN G 40 25.31 -14.62 9.45
CA ASN G 40 26.03 -13.38 9.72
C ASN G 40 27.36 -13.46 9.00
N ILE G 41 27.38 -12.99 7.76
CA ILE G 41 28.55 -13.04 6.90
C ILE G 41 29.27 -11.69 6.97
N LYS G 42 30.57 -11.72 7.24
CA LYS G 42 31.35 -10.50 7.31
C LYS G 42 31.60 -9.96 5.90
N GLU G 43 31.94 -8.67 5.84
CA GLU G 43 32.22 -8.01 4.57
C GLU G 43 33.36 -8.70 3.85
N ILE G 44 33.07 -9.29 2.69
CA ILE G 44 34.07 -10.07 1.96
C ILE G 44 35.15 -9.14 1.41
N LYS G 45 36.37 -9.67 1.30
CA LYS G 45 37.49 -8.93 0.75
C LYS G 45 37.68 -9.30 -0.71
N CYS G 46 36.69 -8.94 -1.51
CA CYS G 46 36.67 -9.22 -2.94
C CYS G 46 36.90 -7.94 -3.72
N ASN G 47 37.81 -8.00 -4.69
CA ASN G 47 38.16 -6.84 -5.51
C ASN G 47 37.88 -7.07 -6.99
N GLY G 48 37.01 -8.03 -7.31
CA GLY G 48 36.68 -8.27 -8.71
C GLY G 48 35.86 -7.13 -9.30
N THR G 49 35.97 -6.99 -10.62
CA THR G 49 35.27 -5.93 -11.34
C THR G 49 34.24 -6.46 -12.33
N ASP G 50 33.99 -7.77 -12.33
CA ASP G 50 33.03 -8.34 -13.25
C ASP G 50 31.60 -7.96 -12.86
N THR G 51 30.71 -8.01 -13.84
CA THR G 51 29.31 -7.63 -13.60
C THR G 51 28.63 -8.60 -12.64
N LYS G 52 28.88 -9.90 -12.81
CA LYS G 52 28.22 -10.89 -11.95
C LYS G 52 28.71 -10.80 -10.51
N VAL G 53 30.02 -10.66 -10.33
CA VAL G 53 30.56 -10.50 -8.98
C VAL G 53 30.02 -9.24 -8.33
N LYS G 54 29.97 -8.14 -9.08
CA LYS G 54 29.41 -6.92 -8.54
C LYS G 54 27.95 -7.10 -8.13
N LEU G 55 27.16 -7.74 -8.99
CA LEU G 55 25.74 -7.94 -8.71
C LEU G 55 25.56 -8.77 -7.44
N ILE G 56 26.36 -9.82 -7.29
CA ILE G 56 26.36 -10.59 -6.05
C ILE G 56 26.73 -9.69 -4.88
N LYS G 57 27.62 -8.71 -5.12
CA LYS G 57 28.02 -7.81 -4.04
C LYS G 57 26.88 -6.93 -3.58
N GLN G 58 26.15 -6.27 -4.51
CA GLN G 58 25.02 -5.50 -3.98
C GLN G 58 23.91 -6.39 -3.46
N GLU G 59 23.76 -7.61 -3.95
CA GLU G 59 22.74 -8.48 -3.35
C GLU G 59 23.10 -8.85 -1.91
N LEU G 60 24.36 -9.16 -1.66
CA LEU G 60 24.81 -9.41 -0.29
C LEU G 60 24.69 -8.15 0.57
N ASP G 61 24.94 -6.98 -0.02
CA ASP G 61 24.76 -5.74 0.72
C ASP G 61 23.29 -5.53 1.09
N LYS G 62 22.38 -5.85 0.17
CA LYS G 62 20.95 -5.79 0.47
C LYS G 62 20.59 -6.75 1.59
N TYR G 63 21.14 -7.97 1.55
CA TYR G 63 20.87 -8.93 2.62
C TYR G 63 21.37 -8.42 3.97
N LYS G 64 22.58 -7.86 4.00
CA LYS G 64 23.12 -7.33 5.24
C LYS G 64 22.30 -6.15 5.75
N ASN G 65 21.87 -5.27 4.84
CA ASN G 65 21.02 -4.15 5.24
C ASN G 65 19.69 -4.64 5.80
N ALA G 66 19.12 -5.68 5.20
CA ALA G 66 17.88 -6.26 5.71
C ALA G 66 18.09 -6.82 7.11
N VAL G 67 19.20 -7.53 7.33
CA VAL G 67 19.48 -8.08 8.65
C VAL G 67 19.64 -6.96 9.68
N THR G 68 20.38 -5.91 9.32
CA THR G 68 20.57 -4.79 10.23
C THR G 68 19.25 -4.10 10.54
N ASP G 69 18.39 -3.94 9.54
CA ASP G 69 17.08 -3.34 9.76
C ASP G 69 16.25 -4.21 10.70
N LEU G 70 16.31 -5.53 10.52
CA LEU G 70 15.60 -6.43 11.42
C LEU G 70 16.08 -6.30 12.85
N GLN G 71 17.40 -6.21 13.04
CA GLN G 71 17.92 -5.95 14.38
C GLN G 71 17.44 -4.60 14.90
N LEU G 72 17.31 -3.62 14.01
CA LEU G 72 16.84 -2.30 14.43
C LEU G 72 15.42 -2.36 14.97
N LEU G 73 14.52 -3.10 14.31
CA LEU G 73 13.20 -3.25 14.90
C LEU G 73 13.23 -4.11 16.15
N MET G 74 14.15 -5.08 16.22
CA MET G 74 14.29 -5.87 17.44
C MET G 74 14.79 -5.04 18.61
N GLN G 75 15.41 -3.89 18.34
CA GLN G 75 15.90 -3.05 19.43
C GLN G 75 14.77 -2.59 20.35
N ASN G 76 13.66 -2.16 19.77
CA ASN G 76 12.52 -1.71 20.57
C ASN G 76 11.39 -2.74 20.55
N GLY G 121 -3.75 -5.42 22.16
CA GLY G 121 -4.97 -6.16 22.48
C GLY G 121 -4.67 -7.63 22.52
N SER G 122 -5.67 -8.52 22.57
CA SER G 122 -5.46 -9.99 22.51
C SER G 122 -5.08 -10.30 21.07
N ALA G 123 -5.10 -9.27 20.22
CA ALA G 123 -4.61 -9.37 18.85
C ALA G 123 -3.17 -9.80 18.87
N ILE G 124 -2.43 -9.46 19.90
CA ILE G 124 -0.98 -9.75 19.93
C ILE G 124 -0.48 -10.14 21.34
N CYS G 125 -1.25 -10.41 22.40
CA CYS G 125 -0.61 -10.75 23.66
C CYS G 125 -0.03 -12.15 23.66
N SER G 126 -0.70 -13.10 22.99
CA SER G 126 -0.16 -14.46 22.94
C SER G 126 1.18 -14.49 22.21
N GLY G 127 1.26 -13.83 21.06
CA GLY G 127 2.53 -13.75 20.35
C GLY G 127 3.59 -13.02 21.14
N ILE G 128 3.20 -11.95 21.84
CA ILE G 128 4.16 -11.21 22.67
C ILE G 128 4.70 -12.09 23.77
N ALA G 129 3.83 -12.88 24.43
CA ALA G 129 4.27 -13.78 25.47
C ALA G 129 5.20 -14.85 24.91
N VAL G 130 4.89 -15.37 23.73
CA VAL G 130 5.76 -16.39 23.12
C VAL G 130 7.13 -15.78 22.81
N CYS G 131 7.14 -14.54 22.29
CA CYS G 131 8.42 -13.87 22.01
C CYS G 131 9.22 -13.68 23.29
N LYS G 132 8.55 -13.25 24.37
CA LYS G 132 9.25 -13.03 25.63
C LYS G 132 9.81 -14.34 26.19
N VAL G 133 9.03 -15.43 26.10
CA VAL G 133 9.52 -16.73 26.54
C VAL G 133 10.72 -17.17 25.72
N LEU G 134 10.66 -16.96 24.40
CA LEU G 134 11.76 -17.33 23.53
C LEU G 134 12.98 -16.43 23.75
N HIS G 135 12.78 -15.25 24.35
CA HIS G 135 13.90 -14.38 24.70
C HIS G 135 14.74 -14.95 25.84
N LEU G 136 14.20 -15.90 26.60
CA LEU G 136 14.98 -16.57 27.63
C LEU G 136 16.15 -17.31 27.00
N GLU G 137 17.29 -17.32 27.68
CA GLU G 137 18.48 -17.94 27.13
C GLU G 137 18.37 -19.45 27.20
N GLY G 138 18.56 -20.10 26.05
CA GLY G 138 18.47 -21.53 25.93
C GLY G 138 17.28 -22.02 25.11
N GLU G 139 16.23 -21.21 25.00
CA GLU G 139 15.07 -21.63 24.22
C GLU G 139 15.39 -21.70 22.73
N VAL G 140 16.15 -20.71 22.22
CA VAL G 140 16.60 -20.76 20.84
C VAL G 140 17.47 -21.99 20.61
N ASN G 141 18.29 -22.34 21.61
CA ASN G 141 19.13 -23.53 21.49
C ASN G 141 18.27 -24.78 21.34
N LYS G 142 17.21 -24.90 22.13
CA LYS G 142 16.32 -26.06 22.03
C LYS G 142 15.60 -26.08 20.70
N ILE G 143 15.17 -24.91 20.21
CA ILE G 143 14.47 -24.84 18.93
C ILE G 143 15.40 -25.33 17.81
N LYS G 144 16.64 -24.83 17.79
CA LYS G 144 17.59 -25.27 16.78
C LYS G 144 17.93 -26.75 16.92
N ASN G 145 18.05 -27.25 18.15
CA ASN G 145 18.32 -28.66 18.36
C ASN G 145 17.19 -29.52 17.79
N ALA G 146 15.95 -29.12 18.04
CA ALA G 146 14.80 -29.87 17.52
C ALA G 146 14.76 -29.82 16.00
N LEU G 147 15.01 -28.64 15.42
CA LEU G 147 14.95 -28.46 13.97
C LEU G 147 16.28 -28.76 13.29
N LEU G 148 17.20 -29.44 13.98
CA LEU G 148 18.49 -29.76 13.39
C LEU G 148 18.33 -30.66 12.16
N SER G 149 17.43 -31.64 12.22
CA SER G 149 17.30 -32.62 11.15
C SER G 149 15.95 -32.61 10.45
N THR G 150 14.92 -31.99 11.02
CA THR G 150 13.58 -32.00 10.45
C THR G 150 13.08 -30.58 10.27
N ASN G 151 12.43 -30.33 9.13
CA ASN G 151 11.85 -29.02 8.86
C ASN G 151 10.65 -28.72 9.76
N LYS G 152 10.08 -29.73 10.41
CA LYS G 152 8.95 -29.55 11.31
C LYS G 152 9.21 -30.31 12.59
N ALA G 153 8.79 -29.72 13.71
CA ALA G 153 8.97 -30.34 15.02
C ALA G 153 8.07 -29.65 16.02
N VAL G 154 7.89 -30.29 17.17
CA VAL G 154 7.10 -29.75 18.27
C VAL G 154 8.03 -29.54 19.45
N VAL G 155 8.05 -28.32 19.98
CA VAL G 155 8.95 -27.93 21.06
C VAL G 155 8.10 -27.46 22.24
N SER G 156 8.41 -27.98 23.43
CA SER G 156 7.76 -27.54 24.65
C SER G 156 8.58 -26.43 25.29
N LEU G 157 7.93 -25.31 25.57
CA LEU G 157 8.62 -24.16 26.13
C LEU G 157 8.89 -24.37 27.62
N SER G 158 9.64 -23.42 28.20
CA SER G 158 9.97 -23.51 29.62
C SER G 158 8.73 -23.40 30.49
N ASN G 159 7.80 -22.52 30.14
CA ASN G 159 6.63 -22.29 30.98
C ASN G 159 5.55 -23.34 30.79
N GLY G 160 5.65 -24.19 29.77
CA GLY G 160 4.72 -25.30 29.56
C GLY G 160 4.05 -25.32 28.22
N VAL G 161 4.03 -24.21 27.48
CA VAL G 161 3.35 -24.18 26.18
C VAL G 161 4.17 -24.96 25.16
N SER G 162 3.48 -25.80 24.38
CA SER G 162 4.09 -26.54 23.29
C SER G 162 3.68 -25.89 21.98
N VAL G 163 4.66 -25.51 21.16
CA VAL G 163 4.41 -24.77 19.93
C VAL G 163 5.01 -25.55 18.76
N LEU G 164 4.23 -25.66 17.68
CA LEU G 164 4.74 -26.22 16.44
C LEU G 164 5.76 -25.28 15.83
N THR G 165 6.73 -25.85 15.12
CA THR G 165 7.84 -25.08 14.58
C THR G 165 8.03 -25.41 13.10
N PHE G 166 8.59 -24.45 12.37
CA PHE G 166 8.82 -24.56 10.94
C PHE G 166 10.19 -24.02 10.59
N LYS G 167 10.66 -24.38 9.38
CA LYS G 167 11.86 -23.79 8.80
C LYS G 167 11.52 -23.47 7.35
N VAL G 168 10.96 -22.28 7.12
CA VAL G 168 10.49 -21.91 5.79
C VAL G 168 11.65 -21.67 4.85
N LEU G 169 12.66 -20.94 5.30
CA LEU G 169 13.76 -20.53 4.45
C LEU G 169 15.08 -20.93 5.08
N ASP G 170 16.01 -21.38 4.25
CA ASP G 170 17.36 -21.76 4.68
C ASP G 170 18.34 -20.87 3.93
N LEU G 171 18.58 -19.67 4.47
CA LEU G 171 19.52 -18.75 3.85
C LEU G 171 20.95 -19.04 4.29
N LYS G 172 21.14 -19.44 5.55
CA LYS G 172 22.47 -19.72 6.04
C LYS G 172 23.12 -20.85 5.26
N ASN G 173 22.38 -21.94 5.02
CA ASN G 173 22.93 -23.08 4.29
C ASN G 173 23.35 -22.67 2.88
N TYR G 174 22.45 -22.04 2.14
CA TYR G 174 22.75 -21.65 0.77
C TYR G 174 23.94 -20.69 0.72
N ILE G 175 23.94 -19.69 1.59
CA ILE G 175 25.04 -18.72 1.61
C ILE G 175 26.36 -19.43 1.89
N ASN G 176 26.46 -20.08 3.05
CA ASN G 176 27.72 -20.69 3.46
C ASN G 176 28.17 -21.80 2.52
N ASN G 177 27.28 -22.38 1.71
CA ASN G 177 27.68 -23.47 0.83
C ASN G 177 27.90 -23.05 -0.62
N ARG G 178 27.38 -21.89 -1.05
CA ARG G 178 27.56 -21.46 -2.42
C ARG G 178 28.29 -20.13 -2.54
N LEU G 179 27.89 -19.11 -1.78
CA LEU G 179 28.46 -17.78 -1.96
C LEU G 179 29.80 -17.66 -1.27
N LEU G 180 29.89 -18.15 -0.04
CA LEU G 180 31.14 -18.08 0.72
C LEU G 180 32.29 -18.83 0.05
N PRO G 181 32.13 -20.10 -0.40
CA PRO G 181 33.31 -20.85 -0.88
C PRO G 181 34.04 -20.21 -2.04
N ILE G 182 33.36 -19.99 -3.16
CA ILE G 182 34.01 -19.44 -4.34
C ILE G 182 34.42 -17.99 -4.09
N LEU G 183 33.54 -17.21 -3.46
CA LEU G 183 33.79 -15.81 -3.17
C LEU G 183 34.35 -15.65 -1.75
N ASN G 184 35.53 -16.25 -1.54
CA ASN G 184 36.20 -16.20 -0.25
C ASN G 184 37.55 -15.51 -0.32
N GLN G 185 38.42 -15.95 -1.22
CA GLN G 185 39.78 -15.44 -1.28
C GLN G 185 39.83 -14.10 -2.01
N GLN G 186 41.05 -13.59 -2.22
CA GLN G 186 41.21 -12.35 -2.95
C GLN G 186 40.75 -12.48 -4.39
N SER G 187 40.80 -13.68 -4.96
CA SER G 187 40.30 -13.92 -6.30
C SER G 187 38.80 -14.20 -6.25
N CYS G 188 38.04 -13.50 -7.08
CA CYS G 188 36.59 -13.61 -7.12
C CYS G 188 36.17 -14.30 -8.41
N ARG G 189 35.19 -15.20 -8.30
CA ARG G 189 34.76 -16.00 -9.44
C ARG G 189 33.32 -16.46 -9.22
N ILE G 190 32.43 -16.04 -10.12
CA ILE G 190 31.07 -16.57 -10.17
C ILE G 190 30.74 -16.82 -11.64
N PRO G 191 30.81 -18.07 -12.12
CA PRO G 191 30.57 -18.35 -13.53
C PRO G 191 29.15 -18.74 -13.89
N ASN G 192 28.25 -18.84 -12.91
CA ASN G 192 26.89 -19.31 -13.14
C ASN G 192 25.91 -18.16 -12.94
N ILE G 193 25.26 -17.74 -14.02
CA ILE G 193 24.17 -16.77 -13.90
C ILE G 193 22.98 -17.40 -13.19
N GLU G 194 22.83 -18.73 -13.32
CA GLU G 194 21.76 -19.42 -12.60
C GLU G 194 21.91 -19.24 -11.09
N THR G 195 23.15 -19.25 -10.60
CA THR G 195 23.39 -19.09 -9.17
C THR G 195 22.92 -17.73 -8.68
N VAL G 196 23.29 -16.66 -9.39
CA VAL G 196 22.91 -15.33 -8.94
C VAL G 196 21.41 -15.11 -9.09
N ILE G 197 20.80 -15.66 -10.15
CA ILE G 197 19.35 -15.53 -10.31
C ILE G 197 18.63 -16.26 -9.17
N GLU G 198 19.10 -17.46 -8.83
CA GLU G 198 18.49 -18.22 -7.75
C GLU G 198 18.65 -17.48 -6.42
N PHE G 199 19.83 -16.90 -6.19
CA PHE G 199 20.03 -16.12 -4.97
C PHE G 199 19.11 -14.92 -4.91
N GLN G 200 18.93 -14.22 -6.04
CA GLN G 200 17.99 -13.10 -6.06
C GLN G 200 16.59 -13.57 -5.72
N GLN G 201 16.15 -14.67 -6.34
CA GLN G 201 14.80 -15.15 -6.11
C GLN G 201 14.59 -15.56 -4.65
N MET G 202 15.58 -16.22 -4.05
CA MET G 202 15.42 -16.68 -2.67
C MET G 202 15.51 -15.53 -1.68
N ASN G 203 16.46 -14.61 -1.86
CA ASN G 203 16.58 -13.45 -0.99
C ASN G 203 15.42 -12.49 -1.16
N SER G 204 14.66 -12.60 -2.26
CA SER G 204 13.51 -11.73 -2.45
C SER G 204 12.50 -11.89 -1.33
N ARG G 205 12.24 -13.13 -0.90
CA ARG G 205 11.27 -13.35 0.16
C ARG G 205 11.69 -12.66 1.45
N LEU G 206 12.97 -12.78 1.82
CA LEU G 206 13.45 -12.09 3.01
C LEU G 206 13.33 -10.58 2.84
N LEU G 207 13.59 -10.07 1.64
CA LEU G 207 13.49 -8.63 1.41
C LEU G 207 12.05 -8.15 1.62
N GLU G 208 11.07 -8.88 1.07
CA GLU G 208 9.68 -8.49 1.28
C GLU G 208 9.27 -8.62 2.74
N ILE G 209 9.75 -9.65 3.43
CA ILE G 209 9.43 -9.79 4.86
C ILE G 209 9.95 -8.58 5.63
N THR G 210 11.20 -8.20 5.37
CA THR G 210 11.77 -7.03 6.03
C THR G 210 10.99 -5.77 5.71
N ARG G 211 10.59 -5.60 4.44
CA ARG G 211 9.84 -4.42 4.04
C ARG G 211 8.49 -4.36 4.76
N GLU G 212 7.76 -5.47 4.78
CA GLU G 212 6.45 -5.48 5.41
C GLU G 212 6.56 -5.21 6.91
N PHE G 213 7.56 -5.81 7.56
CA PHE G 213 7.72 -5.58 8.99
C PHE G 213 8.18 -4.16 9.29
N SER G 214 8.99 -3.57 8.41
CA SER G 214 9.42 -2.19 8.61
C SER G 214 8.25 -1.22 8.47
N VAL G 215 7.42 -1.39 7.44
CA VAL G 215 6.27 -0.51 7.28
C VAL G 215 5.25 -0.73 8.39
N ASN G 216 5.02 -1.98 8.77
CA ASN G 216 4.01 -2.31 9.76
C ASN G 216 4.55 -2.27 11.20
N ALA G 217 5.84 -1.99 11.38
CA ALA G 217 6.44 -1.77 12.69
C ALA G 217 6.35 -3.03 13.57
N GLY G 218 6.77 -4.16 13.01
CA GLY G 218 6.97 -5.38 13.77
C GLY G 218 5.79 -6.32 13.80
N VAL G 219 4.58 -5.85 13.50
CA VAL G 219 3.38 -6.70 13.52
C VAL G 219 2.61 -6.44 12.24
N THR G 220 2.34 -7.49 11.46
CA THR G 220 1.67 -7.38 10.18
C THR G 220 0.33 -8.10 10.20
N THR G 221 -0.61 -7.59 9.43
CA THR G 221 -1.91 -8.21 9.25
C THR G 221 -2.55 -7.62 8.00
N PRO G 222 -3.17 -8.43 7.13
CA PRO G 222 -3.34 -9.90 7.21
C PRO G 222 -2.04 -10.64 6.89
N LEU G 223 -2.02 -11.95 7.10
CA LEU G 223 -0.83 -12.75 6.84
C LEU G 223 -0.54 -12.81 5.35
N SER G 224 0.47 -12.09 4.90
CA SER G 224 0.79 -12.04 3.48
C SER G 224 1.32 -13.40 3.00
N THR G 225 1.32 -13.56 1.68
CA THR G 225 1.83 -14.79 1.08
C THR G 225 3.31 -14.98 1.36
N TYR G 226 4.07 -13.88 1.43
CA TYR G 226 5.51 -13.98 1.63
C TYR G 226 5.84 -14.57 3.00
N MET G 227 5.10 -14.18 4.03
CA MET G 227 5.38 -14.68 5.38
C MET G 227 5.11 -16.17 5.49
N LEU G 228 4.01 -16.65 4.90
CA LEU G 228 3.67 -18.07 4.92
C LEU G 228 3.02 -18.44 3.60
N THR G 229 3.62 -19.39 2.89
CA THR G 229 3.09 -19.82 1.61
C THR G 229 1.80 -20.61 1.81
N ASN G 230 1.03 -20.73 0.73
CA ASN G 230 -0.23 -21.47 0.80
C ASN G 230 0.01 -22.94 1.15
N SER G 231 1.03 -23.55 0.55
CA SER G 231 1.33 -24.95 0.86
C SER G 231 1.76 -25.11 2.31
N GLU G 232 2.63 -24.23 2.80
CA GLU G 232 3.06 -24.29 4.19
C GLU G 232 1.89 -24.02 5.13
N LEU G 233 1.02 -23.08 4.77
CA LEU G 233 -0.16 -22.81 5.59
C LEU G 233 -1.05 -24.04 5.66
N LEU G 234 -1.27 -24.71 4.53
CA LEU G 234 -2.07 -25.93 4.52
C LEU G 234 -1.42 -27.02 5.38
N SER G 235 -0.10 -27.16 5.25
CA SER G 235 0.61 -28.18 6.04
C SER G 235 0.46 -27.92 7.53
N LEU G 236 0.56 -26.66 7.96
CA LEU G 236 0.37 -26.35 9.36
C LEU G 236 -1.08 -26.57 9.77
N ILE G 237 -2.01 -26.33 8.85
CA ILE G 237 -3.42 -26.57 9.13
C ILE G 237 -3.65 -28.05 9.42
N ASN G 238 -3.02 -28.93 8.64
CA ASN G 238 -3.22 -30.36 8.82
C ASN G 238 -2.70 -30.85 10.18
N ASP G 239 -1.78 -30.11 10.79
CA ASP G 239 -1.18 -30.50 12.07
C ASP G 239 -1.82 -29.80 13.25
N MET G 240 -2.96 -29.14 13.04
CA MET G 240 -3.62 -28.40 14.11
C MET G 240 -4.25 -29.35 15.12
N PRO G 241 -4.25 -28.99 16.40
CA PRO G 241 -4.86 -29.84 17.44
C PRO G 241 -6.37 -29.63 17.57
N ILE G 242 -7.10 -30.00 16.52
CA ILE G 242 -8.56 -29.88 16.48
C ILE G 242 -9.12 -31.09 15.74
N THR G 243 -10.44 -31.21 15.77
CA THR G 243 -11.12 -32.31 15.11
C THR G 243 -11.05 -32.15 13.60
N ASN G 244 -11.58 -33.13 12.88
CA ASN G 244 -11.55 -33.08 11.42
C ASN G 244 -12.56 -32.12 10.83
N ASP G 245 -13.63 -31.79 11.56
CA ASP G 245 -14.62 -30.85 11.04
C ASP G 245 -14.04 -29.45 10.93
N GLN G 246 -13.41 -28.96 12.00
CA GLN G 246 -12.78 -27.64 11.95
C GLN G 246 -11.63 -27.61 10.96
N LYS G 247 -10.85 -28.69 10.90
CA LYS G 247 -9.75 -28.75 9.93
C LYS G 247 -10.28 -28.68 8.50
N LYS G 248 -11.35 -29.42 8.20
CA LYS G 248 -11.92 -29.37 6.87
C LYS G 248 -12.48 -28.00 6.54
N LEU G 249 -13.18 -27.38 7.49
CA LEU G 249 -13.74 -26.06 7.25
C LEU G 249 -12.65 -25.03 7.00
N MET G 250 -11.59 -25.07 7.79
CA MET G 250 -10.50 -24.11 7.63
C MET G 250 -9.63 -24.42 6.42
N SER G 251 -9.65 -25.67 5.93
CA SER G 251 -8.98 -26.01 4.70
C SER G 251 -9.77 -25.57 3.47
N SER G 252 -11.09 -25.60 3.55
CA SER G 252 -11.91 -25.26 2.39
C SER G 252 -11.72 -23.80 1.99
N ASN G 253 -11.66 -22.91 2.98
CA ASN G 253 -11.48 -21.47 2.74
C ASN G 253 -10.22 -21.03 3.47
N VAL G 254 -9.16 -20.73 2.72
CA VAL G 254 -7.86 -20.43 3.30
C VAL G 254 -7.60 -18.93 3.26
N GLN G 255 -8.22 -18.24 2.30
CA GLN G 255 -8.07 -16.78 2.24
C GLN G 255 -8.74 -16.12 3.45
N ILE G 256 -9.84 -16.70 3.94
CA ILE G 256 -10.48 -16.19 5.13
C ILE G 256 -9.53 -16.30 6.32
N VAL G 257 -8.86 -17.45 6.45
CA VAL G 257 -7.90 -17.65 7.53
C VAL G 257 -6.75 -16.66 7.41
N ARG G 258 -6.25 -16.44 6.19
CA ARG G 258 -5.20 -15.45 5.99
C ARG G 258 -5.65 -14.06 6.41
N GLN G 259 -6.91 -13.72 6.11
CA GLN G 259 -7.43 -12.41 6.51
C GLN G 259 -7.50 -12.30 8.03
N GLN G 260 -7.92 -13.36 8.71
CA GLN G 260 -8.15 -13.29 10.15
C GLN G 260 -6.92 -13.60 11.00
N SER G 261 -5.82 -14.05 10.39
CA SER G 261 -4.63 -14.42 11.15
C SER G 261 -3.75 -13.19 11.37
N TYR G 262 -2.53 -13.41 11.87
CA TYR G 262 -1.62 -12.32 12.21
C TYR G 262 -0.18 -12.78 11.98
N SER G 263 0.75 -11.92 12.37
CA SER G 263 2.18 -12.23 12.33
C SER G 263 2.91 -11.24 13.22
N ILE G 264 3.93 -11.72 13.93
CA ILE G 264 4.65 -10.94 14.93
C ILE G 264 6.14 -11.04 14.65
N MET G 265 6.93 -10.28 15.40
CA MET G 265 8.38 -10.39 15.46
C MET G 265 8.81 -10.65 16.89
N CYS G 266 9.75 -11.58 17.06
CA CYS G 266 10.25 -11.93 18.39
C CYS G 266 11.72 -11.57 18.58
N ILE G 267 12.62 -12.12 17.77
CA ILE G 267 14.04 -12.15 18.15
C ILE G 267 14.86 -12.45 16.90
N ILE G 268 16.01 -11.78 16.80
CA ILE G 268 17.04 -12.12 15.82
C ILE G 268 18.35 -12.27 16.59
N LYS G 269 18.65 -13.49 17.03
CA LYS G 269 19.91 -13.79 17.68
C LYS G 269 20.25 -15.25 17.46
N GLU G 270 21.52 -15.58 17.66
CA GLU G 270 22.04 -16.93 17.44
C GLU G 270 21.77 -17.39 16.00
N GLU G 271 21.89 -16.46 15.06
CA GLU G 271 21.72 -16.74 13.63
C GLU G 271 20.36 -17.37 13.35
N VAL G 272 19.32 -16.78 13.91
CA VAL G 272 17.94 -17.27 13.71
C VAL G 272 17.00 -16.08 13.73
N LEU G 273 16.10 -16.03 12.76
CA LEU G 273 15.06 -15.02 12.68
C LEU G 273 13.73 -15.74 12.89
N ALA G 274 13.14 -15.58 14.07
CA ALA G 274 11.93 -16.29 14.43
C ALA G 274 10.77 -15.31 14.53
N TYR G 275 9.73 -15.53 13.74
CA TYR G 275 8.51 -14.74 13.80
C TYR G 275 7.33 -15.67 14.03
N VAL G 276 6.47 -15.30 14.96
CA VAL G 276 5.36 -16.16 15.40
C VAL G 276 4.12 -15.82 14.59
N VAL G 277 3.51 -16.84 14.00
CA VAL G 277 2.30 -16.69 13.18
C VAL G 277 1.12 -17.14 14.03
N GLN G 278 0.14 -16.25 14.20
CA GLN G 278 -1.01 -16.49 15.08
C GLN G 278 -2.20 -16.94 14.24
N LEU G 279 -2.17 -18.19 13.81
CA LEU G 279 -3.31 -18.76 13.10
C LEU G 279 -4.44 -19.06 14.08
N PRO G 280 -5.69 -18.88 13.67
CA PRO G 280 -6.82 -19.04 14.60
C PRO G 280 -7.42 -20.43 14.58
N ILE G 281 -8.20 -20.71 15.62
CA ILE G 281 -9.03 -21.90 15.68
C ILE G 281 -10.48 -21.47 15.84
N TYR G 282 -11.39 -22.35 15.43
CA TYR G 282 -12.82 -22.07 15.47
C TYR G 282 -13.47 -23.09 16.40
N GLY G 283 -13.73 -22.68 17.65
CA GLY G 283 -14.30 -23.60 18.62
C GLY G 283 -15.70 -24.06 18.27
N VAL G 284 -16.55 -23.14 17.82
CA VAL G 284 -17.92 -23.45 17.44
C VAL G 284 -18.00 -23.46 15.92
N ILE G 285 -18.75 -24.43 15.38
CA ILE G 285 -18.82 -24.68 13.95
C ILE G 285 -20.28 -24.73 13.53
N ASP G 286 -20.59 -24.05 12.42
CA ASP G 286 -21.90 -24.15 11.77
C ASP G 286 -23.04 -23.68 12.66
N THR G 287 -22.79 -22.70 13.52
CA THR G 287 -23.86 -22.12 14.31
C THR G 287 -24.77 -21.27 13.40
N PRO G 288 -26.07 -21.24 13.69
CA PRO G 288 -26.97 -20.40 12.89
C PRO G 288 -26.65 -18.92 13.07
N CYS G 289 -26.32 -18.27 11.96
CA CYS G 289 -25.91 -16.87 11.97
C CYS G 289 -26.74 -16.09 10.96
N TRP G 290 -27.08 -14.85 11.32
CA TRP G 290 -27.96 -14.02 10.51
C TRP G 290 -27.48 -12.58 10.47
N LYS G 291 -27.44 -12.01 9.26
CA LYS G 291 -27.17 -10.60 9.09
C LYS G 291 -28.42 -9.79 9.44
N LEU G 292 -28.22 -8.52 9.78
CA LEU G 292 -29.29 -7.70 10.34
C LEU G 292 -29.27 -6.32 9.67
N HIS G 293 -29.34 -6.32 8.33
CA HIS G 293 -29.33 -5.07 7.57
C HIS G 293 -30.43 -4.14 8.07
N THR G 294 -30.08 -2.87 8.26
CA THR G 294 -31.02 -1.86 8.72
C THR G 294 -31.04 -0.69 7.76
N SER G 295 -32.00 0.21 7.95
CA SER G 295 -32.18 1.34 7.05
C SER G 295 -32.92 2.44 7.81
N PRO G 296 -32.59 3.71 7.55
CA PRO G 296 -33.30 4.79 8.24
C PRO G 296 -34.72 4.96 7.70
N LEU G 297 -35.68 4.84 8.61
CA LEU G 297 -37.07 5.09 8.27
C LEU G 297 -37.46 6.44 8.85
N CYS G 298 -37.98 7.31 8.00
CA CYS G 298 -38.34 8.65 8.45
C CYS G 298 -39.86 8.78 8.49
N THR G 299 -40.36 9.99 8.76
CA THR G 299 -41.74 10.20 9.16
C THR G 299 -42.72 9.77 8.08
N THR G 300 -44.00 9.74 8.46
CA THR G 300 -45.07 9.37 7.55
C THR G 300 -45.08 10.29 6.34
N ASN G 301 -44.86 9.70 5.16
CA ASN G 301 -44.63 10.46 3.92
C ASN G 301 -43.47 11.41 4.21
N ILE G 302 -43.62 12.71 3.99
CA ILE G 302 -42.62 13.70 4.39
C ILE G 302 -43.36 14.95 4.84
N LYS G 303 -43.24 15.27 6.12
CA LYS G 303 -43.79 16.53 6.60
C LYS G 303 -42.88 17.67 6.16
N GLU G 304 -43.46 18.66 5.50
CA GLU G 304 -42.68 19.65 4.79
C GLU G 304 -41.86 20.51 5.75
N GLY G 305 -40.53 20.36 5.68
CA GLY G 305 -39.62 21.21 6.39
C GLY G 305 -38.71 20.52 7.39
N SER G 306 -39.25 19.66 8.25
CA SER G 306 -38.44 18.99 9.26
C SER G 306 -39.30 17.95 9.99
N ASN G 307 -38.64 16.87 10.42
CA ASN G 307 -39.28 15.85 11.23
C ASN G 307 -38.24 14.85 11.74
N ILE G 308 -38.63 13.73 12.42
CA ILE G 308 -37.75 12.65 12.98
C ILE G 308 -37.36 11.51 12.06
N CYS G 309 -36.54 10.58 12.52
CA CYS G 309 -36.17 9.33 11.83
C CYS G 309 -35.67 8.28 12.85
N LEU G 310 -35.63 6.94 12.60
CA LEU G 310 -35.17 5.94 13.64
C LEU G 310 -34.37 4.75 13.13
N THR G 311 -33.19 4.91 12.67
CA THR G 311 -32.50 3.71 12.18
C THR G 311 -32.03 2.79 13.29
N ARG G 312 -31.74 1.51 13.07
CA ARG G 312 -31.37 0.52 14.12
C ARG G 312 -29.89 0.45 14.45
N THR G 313 -29.44 0.95 15.60
CA THR G 313 -28.02 1.02 15.94
C THR G 313 -27.27 -0.22 15.47
N ASP G 314 -27.77 -1.40 15.84
CA ASP G 314 -27.02 -2.63 15.64
C ASP G 314 -27.15 -3.11 14.20
N ARG G 315 -26.02 -3.38 13.56
CA ARG G 315 -25.96 -4.00 12.25
C ARG G 315 -24.89 -5.07 12.29
N GLY G 316 -24.53 -5.60 11.12
CA GLY G 316 -23.53 -6.65 11.05
C GLY G 316 -24.09 -8.00 11.46
N TRP G 317 -23.21 -8.98 11.46
CA TRP G 317 -23.62 -10.36 11.67
C TRP G 317 -23.98 -10.62 13.13
N TYR G 318 -24.81 -11.65 13.32
CA TYR G 318 -25.14 -12.20 14.62
C TYR G 318 -24.88 -13.70 14.60
N CYS G 319 -24.57 -14.27 15.75
CA CYS G 319 -24.32 -15.71 15.83
C CYS G 319 -24.71 -16.21 17.22
N ASP G 320 -24.98 -17.51 17.28
CA ASP G 320 -25.35 -18.18 18.53
C ASP G 320 -24.13 -18.88 19.10
N ASN G 321 -23.84 -18.61 20.38
CA ASN G 321 -22.66 -19.16 21.04
C ASN G 321 -23.07 -19.76 22.38
N ALA G 322 -23.17 -21.09 22.42
CA ALA G 322 -23.43 -21.84 23.66
C ALA G 322 -24.70 -21.34 24.36
N GLY G 323 -25.75 -21.10 23.57
CA GLY G 323 -27.01 -20.65 24.10
C GLY G 323 -27.12 -19.15 24.30
N SER G 324 -26.05 -18.40 24.06
CA SER G 324 -26.06 -16.94 24.14
C SER G 324 -25.65 -16.38 22.79
N VAL G 325 -26.42 -15.41 22.29
CA VAL G 325 -26.19 -14.88 20.96
C VAL G 325 -25.02 -13.91 20.99
N SER G 326 -24.07 -14.11 20.08
CA SER G 326 -22.97 -13.18 19.93
C SER G 326 -23.34 -12.09 18.94
N PHE G 327 -22.76 -10.90 19.13
CA PHE G 327 -23.06 -9.74 18.32
C PHE G 327 -21.77 -9.09 17.87
N PHE G 328 -21.70 -8.73 16.60
CA PHE G 328 -20.50 -8.11 16.03
C PHE G 328 -20.86 -6.74 15.47
N PRO G 329 -20.42 -5.65 16.09
CA PRO G 329 -20.80 -4.32 15.60
C PRO G 329 -20.00 -3.85 14.39
N GLN G 330 -18.73 -4.24 14.34
CA GLN G 330 -17.83 -3.73 13.30
C GLN G 330 -17.97 -4.55 12.02
N ALA G 331 -17.79 -3.87 10.89
CA ALA G 331 -17.91 -4.52 9.59
C ALA G 331 -16.70 -5.37 9.24
N ASP G 332 -15.52 -5.01 9.75
CA ASP G 332 -14.29 -5.71 9.39
C ASP G 332 -14.05 -6.97 10.21
N THR G 333 -14.91 -7.27 11.18
CA THR G 333 -14.73 -8.48 11.98
C THR G 333 -15.19 -9.72 11.21
N CYS G 334 -16.46 -9.75 10.80
CA CYS G 334 -17.04 -10.91 10.15
C CYS G 334 -16.94 -10.78 8.64
N LYS G 335 -16.46 -11.84 7.98
CA LYS G 335 -16.30 -11.87 6.54
C LYS G 335 -17.17 -12.98 5.97
N VAL G 336 -17.74 -12.72 4.78
CA VAL G 336 -18.68 -13.64 4.15
C VAL G 336 -17.98 -14.39 3.04
N GLN G 337 -18.32 -15.67 2.89
CA GLN G 337 -17.79 -16.50 1.82
C GLN G 337 -18.83 -17.57 1.50
N SER G 338 -19.44 -17.47 0.32
CA SER G 338 -20.50 -18.39 -0.14
C SER G 338 -21.66 -18.25 0.83
N ASN G 339 -22.21 -19.35 1.36
CA ASN G 339 -23.35 -19.29 2.25
C ASN G 339 -22.97 -19.34 3.73
N ARG G 340 -21.68 -19.31 4.04
CA ARG G 340 -21.20 -19.39 5.42
C ARG G 340 -20.37 -18.15 5.74
N VAL G 341 -20.58 -17.61 6.94
CA VAL G 341 -19.87 -16.42 7.40
C VAL G 341 -18.80 -16.85 8.39
N PHE G 342 -17.69 -16.12 8.39
CA PHE G 342 -16.61 -16.33 9.35
C PHE G 342 -16.48 -15.07 10.20
N CYS G 343 -16.37 -15.26 11.51
CA CYS G 343 -16.39 -14.11 12.43
C CYS G 343 -15.16 -14.13 13.34
N ASP G 344 -15.16 -13.25 14.34
CA ASP G 344 -14.01 -13.11 15.23
C ASP G 344 -14.49 -12.54 16.55
N THR G 345 -14.30 -13.29 17.64
CA THR G 345 -14.74 -12.88 18.96
C THR G 345 -13.74 -11.98 19.68
N MET G 346 -12.85 -11.33 18.94
CA MET G 346 -11.88 -10.44 19.57
C MET G 346 -12.57 -9.28 20.29
N ASN G 347 -13.61 -8.72 19.69
CA ASN G 347 -14.36 -7.63 20.29
C ASN G 347 -15.87 -7.83 20.15
N SER G 348 -16.30 -9.09 20.00
CA SER G 348 -17.73 -9.37 19.86
C SER G 348 -18.46 -9.07 21.16
N LEU G 349 -19.57 -8.34 21.06
CA LEU G 349 -20.38 -7.97 22.22
C LEU G 349 -21.35 -9.10 22.48
N THR G 350 -21.02 -9.96 23.44
CA THR G 350 -21.88 -11.09 23.78
C THR G 350 -23.21 -10.59 24.34
N LEU G 351 -24.30 -11.19 23.88
CA LEU G 351 -25.66 -10.79 24.23
C LEU G 351 -26.45 -12.01 24.68
N PRO G 352 -27.51 -11.80 25.47
CA PRO G 352 -28.36 -12.94 25.87
C PRO G 352 -29.13 -13.54 24.70
N SER G 353 -29.93 -14.57 24.99
CA SER G 353 -30.64 -15.31 23.94
C SER G 353 -31.87 -14.59 23.40
N GLU G 354 -32.31 -13.52 24.05
CA GLU G 354 -33.54 -12.83 23.67
C GLU G 354 -33.34 -11.80 22.57
N VAL G 355 -32.19 -11.82 21.88
CA VAL G 355 -31.93 -10.82 20.86
C VAL G 355 -32.91 -10.95 19.69
N SER G 356 -33.34 -12.17 19.38
CA SER G 356 -34.27 -12.37 18.27
C SER G 356 -35.61 -11.70 18.50
N LEU G 357 -35.94 -11.36 19.75
CA LEU G 357 -37.17 -10.64 20.05
C LEU G 357 -37.15 -9.22 19.46
N CYS G 358 -35.97 -8.65 19.25
CA CYS G 358 -35.89 -7.31 18.69
C CYS G 358 -36.47 -7.26 17.28
N ASN G 359 -36.20 -8.29 16.47
CA ASN G 359 -36.64 -8.27 15.08
C ASN G 359 -38.15 -8.37 14.95
N THR G 360 -38.74 -9.39 15.57
CA THR G 360 -40.17 -9.65 15.37
C THR G 360 -41.04 -8.60 16.03
N ASP G 361 -40.69 -8.20 17.25
CA ASP G 361 -41.46 -7.18 17.99
C ASP G 361 -40.46 -6.24 18.65
N ILE G 362 -40.31 -5.04 18.08
CA ILE G 362 -39.34 -4.08 18.59
C ILE G 362 -39.68 -3.64 20.01
N PHE G 363 -40.97 -3.52 20.32
CA PHE G 363 -41.43 -3.02 21.61
C PHE G 363 -41.62 -4.13 22.63
N ASN G 364 -40.96 -5.27 22.45
CA ASN G 364 -41.06 -6.36 23.41
C ASN G 364 -40.38 -5.99 24.73
N SER G 365 -40.99 -6.39 25.84
CA SER G 365 -40.43 -6.13 27.16
C SER G 365 -39.48 -7.23 27.63
N LYS G 366 -39.41 -8.36 26.91
CA LYS G 366 -38.49 -9.42 27.30
C LYS G 366 -37.04 -9.04 27.03
N TYR G 367 -36.80 -8.25 25.98
CA TYR G 367 -35.45 -7.84 25.60
C TYR G 367 -35.45 -6.35 25.29
N ASP G 368 -34.26 -5.76 25.41
CA ASP G 368 -34.07 -4.33 25.20
C ASP G 368 -33.44 -4.09 23.83
N CYS G 369 -34.09 -3.27 23.02
CA CYS G 369 -33.61 -2.92 21.69
C CYS G 369 -32.94 -1.54 21.73
N LYS G 370 -32.59 -1.03 20.56
CA LYS G 370 -31.95 0.28 20.46
C LYS G 370 -32.13 0.82 19.04
N ILE G 371 -32.32 2.15 18.96
CA ILE G 371 -32.59 2.81 17.66
C ILE G 371 -31.98 4.21 17.67
N MET G 372 -31.03 4.50 16.77
CA MET G 372 -30.47 5.88 16.66
C MET G 372 -31.57 6.78 16.14
N THR G 373 -31.82 7.88 16.87
CA THR G 373 -32.95 8.78 16.52
C THR G 373 -32.39 10.08 15.98
N SER G 374 -32.67 10.38 14.72
CA SER G 374 -32.01 11.54 14.12
C SER G 374 -33.09 12.44 13.54
N LYS G 375 -32.64 13.49 12.85
CA LYS G 375 -33.55 14.46 12.22
C LYS G 375 -33.18 14.76 10.78
N THR G 376 -32.27 13.98 10.18
CA THR G 376 -31.78 14.26 8.84
C THR G 376 -32.47 13.34 7.83
N ASP G 377 -33.03 13.94 6.79
CA ASP G 377 -33.79 13.21 5.76
C ASP G 377 -32.89 13.01 4.55
N ILE G 378 -32.28 11.82 4.45
CA ILE G 378 -31.46 11.45 3.31
C ILE G 378 -32.04 10.20 2.69
N SER G 379 -32.29 10.23 1.39
CA SER G 379 -32.74 9.04 0.68
C SER G 379 -31.58 8.08 0.52
N SER G 380 -31.76 6.85 0.98
CA SER G 380 -30.69 5.85 0.94
C SER G 380 -31.27 4.50 0.58
N SER G 381 -30.40 3.62 0.10
CA SER G 381 -30.79 2.27 -0.29
C SER G 381 -29.77 1.29 0.27
N VAL G 382 -30.09 0.67 1.41
CA VAL G 382 -29.22 -0.33 1.99
C VAL G 382 -29.42 -1.65 1.24
N ILE G 383 -28.42 -2.03 0.45
CA ILE G 383 -28.52 -3.25 -0.33
C ILE G 383 -28.39 -4.45 0.60
N THR G 384 -29.33 -5.39 0.48
CA THR G 384 -29.35 -6.59 1.31
C THR G 384 -28.99 -7.80 0.45
N SER G 385 -29.08 -8.99 1.05
CA SER G 385 -28.65 -10.20 0.37
C SER G 385 -29.59 -10.59 -0.76
N LEU G 386 -30.90 -10.55 -0.50
CA LEU G 386 -31.91 -10.94 -1.48
C LEU G 386 -32.95 -9.84 -1.63
N GLY G 387 -32.49 -8.60 -1.73
CA GLY G 387 -33.39 -7.47 -1.87
C GLY G 387 -32.63 -6.18 -1.74
N ALA G 388 -33.39 -5.09 -1.63
CA ALA G 388 -32.80 -3.77 -1.48
C ALA G 388 -33.84 -2.83 -0.87
N ILE G 389 -33.61 -2.42 0.37
CA ILE G 389 -34.45 -1.40 0.98
C ILE G 389 -34.20 -0.08 0.27
N VAL G 390 -35.24 0.76 0.18
CA VAL G 390 -35.13 2.07 -0.44
C VAL G 390 -35.98 3.04 0.37
N SER G 391 -35.34 4.00 1.02
CA SER G 391 -36.04 5.03 1.79
C SER G 391 -36.16 6.32 0.99
N CYS G 392 -36.89 6.25 -0.12
CA CYS G 392 -37.12 7.41 -0.96
C CYS G 392 -37.91 8.47 -0.19
N TYR G 393 -37.29 9.62 0.05
CA TYR G 393 -37.87 10.61 0.94
C TYR G 393 -37.58 12.01 0.41
N GLY G 394 -38.61 12.86 0.40
CA GLY G 394 -38.45 14.25 0.04
C GLY G 394 -38.60 14.56 -1.44
N LYS G 395 -37.78 15.47 -1.94
CA LYS G 395 -37.88 15.92 -3.33
C LYS G 395 -37.30 14.89 -4.30
N THR G 396 -36.27 14.17 -3.87
CA THR G 396 -35.55 13.26 -4.77
C THR G 396 -36.47 12.16 -5.28
N LYS G 397 -36.23 11.73 -6.52
CA LYS G 397 -37.02 10.70 -7.18
C LYS G 397 -36.21 9.42 -7.28
N CYS G 398 -36.81 8.31 -6.83
CA CYS G 398 -36.15 7.01 -6.83
C CYS G 398 -37.03 6.02 -7.57
N THR G 399 -36.42 5.24 -8.46
CA THR G 399 -37.15 4.27 -9.27
C THR G 399 -36.32 3.02 -9.46
N ALA G 400 -36.99 1.86 -9.39
CA ALA G 400 -36.36 0.61 -9.75
C ALA G 400 -36.14 0.55 -11.25
N SER G 401 -35.22 -0.32 -11.67
CA SER G 401 -34.83 -0.38 -13.07
C SER G 401 -34.54 -1.81 -13.48
N ASN G 402 -34.63 -2.05 -14.79
CA ASN G 402 -34.26 -3.32 -15.39
C ASN G 402 -33.59 -3.04 -16.72
N LYS G 403 -32.55 -3.81 -17.04
CA LYS G 403 -31.77 -3.54 -18.25
C LYS G 403 -32.61 -3.71 -19.50
N ASN G 404 -33.48 -4.73 -19.54
CA ASN G 404 -34.27 -5.01 -20.72
C ASN G 404 -35.66 -4.38 -20.68
N ARG G 405 -36.29 -4.33 -19.51
CA ARG G 405 -37.62 -3.76 -19.37
C ARG G 405 -37.61 -2.28 -19.01
N GLY G 406 -36.44 -1.67 -18.84
CA GLY G 406 -36.40 -0.28 -18.44
C GLY G 406 -36.90 -0.10 -17.00
N ILE G 407 -37.44 1.08 -16.73
CA ILE G 407 -37.99 1.38 -15.42
C ILE G 407 -39.34 0.66 -15.28
N ILE G 408 -39.48 -0.16 -14.24
CA ILE G 408 -40.69 -0.93 -14.02
C ILE G 408 -41.39 -0.60 -12.72
N LYS G 409 -40.77 0.18 -11.83
CA LYS G 409 -41.39 0.50 -10.56
C LYS G 409 -40.98 1.91 -10.14
N THR G 410 -41.89 2.60 -9.48
CA THR G 410 -41.64 3.92 -8.92
C THR G 410 -41.94 3.88 -7.42
N PHE G 411 -41.01 4.37 -6.61
CA PHE G 411 -41.14 4.30 -5.17
C PHE G 411 -42.02 5.45 -4.68
N SER G 412 -42.15 5.56 -3.36
CA SER G 412 -42.96 6.59 -2.73
C SER G 412 -42.19 7.09 -1.50
N ASN G 413 -42.89 7.86 -0.65
CA ASN G 413 -42.27 8.43 0.54
C ASN G 413 -42.34 7.43 1.70
N GLY G 414 -41.56 6.36 1.56
CA GLY G 414 -41.48 5.35 2.60
C GLY G 414 -40.38 4.37 2.27
N CYS G 415 -39.92 3.68 3.32
CA CYS G 415 -38.84 2.70 3.18
C CYS G 415 -39.41 1.42 2.58
N ASP G 416 -39.56 1.42 1.25
CA ASP G 416 -40.07 0.26 0.54
C ASP G 416 -38.96 -0.77 0.33
N TYR G 417 -39.36 -1.95 -0.15
CA TYR G 417 -38.46 -3.08 -0.34
C TYR G 417 -38.69 -3.68 -1.71
N VAL G 418 -37.61 -4.04 -2.39
CA VAL G 418 -37.67 -4.57 -3.75
C VAL G 418 -36.92 -5.89 -3.79
N SER G 419 -37.59 -6.92 -4.32
CA SER G 419 -36.98 -8.24 -4.41
C SER G 419 -35.95 -8.29 -5.52
N ASN G 420 -35.13 -9.34 -5.51
CA ASN G 420 -34.15 -9.54 -6.56
C ASN G 420 -34.75 -10.16 -7.82
N LYS G 421 -35.98 -10.68 -7.75
CA LYS G 421 -36.63 -11.26 -8.92
C LYS G 421 -37.27 -10.17 -9.75
N GLY G 422 -36.90 -10.09 -11.02
CA GLY G 422 -37.44 -9.09 -11.93
C GLY G 422 -36.78 -7.73 -11.82
N VAL G 423 -35.82 -7.55 -10.93
CA VAL G 423 -35.11 -6.29 -10.76
C VAL G 423 -33.62 -6.58 -10.72
N ASP G 424 -32.84 -5.80 -11.47
CA ASP G 424 -31.39 -5.94 -11.50
C ASP G 424 -30.65 -4.67 -11.09
N THR G 425 -31.26 -3.50 -11.22
CA THR G 425 -30.62 -2.25 -10.84
C THR G 425 -31.64 -1.34 -10.18
N VAL G 426 -31.22 -0.67 -9.11
CA VAL G 426 -32.06 0.29 -8.40
C VAL G 426 -31.44 1.66 -8.54
N SER G 427 -32.23 2.63 -9.00
CA SER G 427 -31.77 4.00 -9.21
C SER G 427 -32.43 4.89 -8.17
N VAL G 428 -31.63 5.41 -7.26
CA VAL G 428 -32.10 6.30 -6.19
C VAL G 428 -31.31 7.59 -6.26
N GLY G 429 -32.01 8.72 -6.36
CA GLY G 429 -31.36 10.01 -6.43
C GLY G 429 -30.54 10.20 -7.69
N ASN G 430 -29.21 10.22 -7.55
CA ASN G 430 -28.31 10.40 -8.67
C ASN G 430 -27.40 9.20 -8.91
N THR G 431 -27.48 8.17 -8.08
CA THR G 431 -26.61 7.00 -8.19
C THR G 431 -27.44 5.73 -8.37
N LEU G 432 -26.83 4.73 -8.97
CA LEU G 432 -27.49 3.47 -9.28
C LEU G 432 -26.83 2.34 -8.50
N TYR G 433 -27.65 1.59 -7.75
CA TYR G 433 -27.12 0.50 -6.90
C TYR G 433 -27.50 -0.84 -7.53
N CYS G 434 -26.52 -1.72 -7.73
CA CYS G 434 -26.81 -3.06 -8.29
C CYS G 434 -27.58 -3.88 -7.27
N VAL G 435 -28.64 -4.58 -7.68
CA VAL G 435 -29.36 -5.47 -6.73
C VAL G 435 -28.83 -6.88 -6.92
N ASN G 436 -28.37 -7.52 -5.85
CA ASN G 436 -27.81 -8.86 -5.86
C ASN G 436 -28.65 -9.78 -6.74
N LYS G 437 -27.97 -10.69 -7.44
CA LYS G 437 -28.62 -11.64 -8.33
C LYS G 437 -28.86 -12.99 -7.67
N LEU G 438 -28.64 -13.10 -6.36
CA LEU G 438 -28.87 -14.35 -5.65
C LEU G 438 -30.36 -14.68 -5.59
N GLU G 439 -30.66 -15.96 -5.42
CA GLU G 439 -32.03 -16.45 -5.36
C GLU G 439 -32.28 -17.05 -3.98
N GLY G 440 -33.40 -16.65 -3.36
CA GLY G 440 -33.75 -17.14 -2.05
C GLY G 440 -35.20 -16.90 -1.74
N GLN G 441 -35.66 -17.53 -0.65
CA GLN G 441 -37.06 -17.45 -0.24
C GLN G 441 -37.30 -16.10 0.43
N ASN G 442 -37.44 -15.07 -0.41
CA ASN G 442 -37.76 -13.74 0.08
C ASN G 442 -39.15 -13.74 0.72
N LEU G 443 -39.30 -12.94 1.78
CA LEU G 443 -40.56 -12.88 2.53
C LEU G 443 -40.79 -11.43 2.95
N TYR G 444 -41.74 -10.76 2.30
CA TYR G 444 -42.09 -9.38 2.63
C TYR G 444 -43.04 -9.41 3.82
N VAL G 445 -42.46 -9.43 5.01
CA VAL G 445 -43.25 -9.46 6.26
C VAL G 445 -43.60 -8.02 6.58
N LYS G 446 -44.71 -7.54 6.02
CA LYS G 446 -45.10 -6.16 6.19
C LYS G 446 -45.78 -5.94 7.53
N GLY G 447 -45.97 -4.66 7.86
CA GLY G 447 -46.63 -4.27 9.10
C GLY G 447 -47.02 -2.80 9.06
N GLU G 448 -46.83 -2.10 10.17
CA GLU G 448 -47.06 -0.68 10.19
C GLU G 448 -45.81 0.04 10.72
N PRO G 449 -45.51 1.24 10.21
CA PRO G 449 -44.34 1.97 10.70
C PRO G 449 -44.48 2.34 12.17
N ILE G 450 -43.36 2.30 12.88
CA ILE G 450 -43.34 2.62 14.31
C ILE G 450 -43.35 4.10 14.59
N ILE G 451 -43.24 4.94 13.55
CA ILE G 451 -43.20 6.38 13.74
C ILE G 451 -44.55 6.90 14.24
N ASN G 452 -45.66 6.33 13.75
CA ASN G 452 -46.97 6.89 14.01
C ASN G 452 -47.31 6.94 15.49
N TYR G 453 -46.75 6.01 16.28
CA TYR G 453 -47.05 5.99 17.71
C TYR G 453 -46.40 7.17 18.44
N TYR G 454 -45.33 7.73 17.88
CA TYR G 454 -44.63 8.83 18.53
C TYR G 454 -45.47 10.10 18.51
N ASP G 455 -45.25 10.95 19.50
CA ASP G 455 -46.05 12.17 19.63
C ASP G 455 -45.74 13.13 18.49
N PRO G 456 -46.76 13.63 17.78
CA PRO G 456 -46.53 14.57 16.69
C PRO G 456 -46.30 16.01 17.14
N LEU G 457 -46.62 16.35 18.39
CA LEU G 457 -46.43 17.73 18.85
C LEU G 457 -44.95 18.10 18.86
N VAL G 458 -44.09 17.18 19.26
CA VAL G 458 -42.65 17.39 19.23
C VAL G 458 -41.98 16.04 19.07
N PHE G 459 -40.77 16.04 18.51
CA PHE G 459 -40.03 14.82 18.24
C PHE G 459 -38.65 14.96 18.86
N PRO G 460 -38.51 14.66 20.15
CA PRO G 460 -37.24 14.88 20.86
C PRO G 460 -36.18 13.85 20.55
N SER G 461 -35.08 13.89 21.31
CA SER G 461 -33.97 12.94 21.19
C SER G 461 -33.29 13.05 19.83
N ASP G 462 -32.70 14.23 19.60
CA ASP G 462 -31.90 14.46 18.41
C ASP G 462 -30.50 13.89 18.59
N GLU G 463 -30.06 13.08 17.62
CA GLU G 463 -28.73 12.50 17.60
C GLU G 463 -28.45 11.69 18.87
N PHE G 464 -29.23 10.63 19.05
CA PHE G 464 -29.13 9.77 20.22
C PHE G 464 -28.87 8.34 19.78
N ASP G 465 -27.99 7.66 20.50
CA ASP G 465 -27.49 6.35 20.13
C ASP G 465 -27.52 5.39 21.32
N ALA G 466 -28.66 5.33 22.00
CA ALA G 466 -28.81 4.49 23.17
C ALA G 466 -29.92 3.45 22.97
N SER G 467 -30.22 2.72 24.03
CA SER G 467 -31.21 1.66 23.99
C SER G 467 -32.62 2.24 23.86
N ILE G 468 -33.54 1.40 23.36
CA ILE G 468 -34.90 1.87 23.12
C ILE G 468 -35.58 2.25 24.43
N SER G 469 -35.28 1.54 25.52
CA SER G 469 -35.80 1.93 26.82
C SER G 469 -35.27 3.31 27.23
N GLN G 470 -34.00 3.59 26.92
CA GLN G 470 -33.47 4.92 27.20
C GLN G 470 -34.16 5.98 26.35
N VAL G 471 -34.54 5.64 25.11
CA VAL G 471 -35.27 6.61 24.29
C VAL G 471 -36.68 6.81 24.83
N ASN G 472 -37.29 5.76 25.40
CA ASN G 472 -38.56 5.95 26.09
C ASN G 472 -38.39 6.87 27.28
N GLU G 473 -37.30 6.73 28.02
CA GLU G 473 -37.00 7.66 29.10
C GLU G 473 -36.82 9.08 28.57
N LYS G 474 -36.19 9.21 27.41
CA LYS G 474 -35.95 10.54 26.82
C LYS G 474 -37.26 11.20 26.41
N ILE G 475 -38.16 10.46 25.75
CA ILE G 475 -39.44 11.05 25.38
C ILE G 475 -40.26 11.36 26.63
N ASN G 476 -40.16 10.50 27.64
CA ASN G 476 -40.86 10.76 28.90
C ASN G 476 -40.37 12.05 29.55
N GLN G 477 -39.06 12.27 29.60
CA GLN G 477 -38.55 13.47 30.24
C GLN G 477 -38.77 14.72 29.38
N SER G 478 -38.79 14.56 28.06
CA SER G 478 -39.11 15.70 27.20
C SER G 478 -40.56 16.12 27.36
N LEU G 479 -41.48 15.15 27.41
CA LEU G 479 -42.87 15.53 27.62
C LEU G 479 -43.10 15.95 29.07
N ALA G 480 -42.22 15.54 29.99
CA ALA G 480 -42.22 16.13 31.32
C ALA G 480 -41.82 17.61 31.27
N PHE G 481 -40.79 17.91 30.47
CA PHE G 481 -40.43 19.30 30.21
C PHE G 481 -41.64 20.08 29.72
N ILE G 482 -42.35 19.54 28.74
CA ILE G 482 -43.45 20.28 28.14
C ILE G 482 -44.62 20.40 29.12
N ARG G 483 -44.91 19.34 29.90
CA ARG G 483 -46.03 19.47 30.83
C ARG G 483 -45.70 20.47 31.93
N ARG G 484 -44.46 20.49 32.42
CA ARG G 484 -44.17 21.46 33.47
C ARG G 484 -44.18 22.87 32.90
N SER G 485 -43.76 23.03 31.63
CA SER G 485 -43.85 24.35 31.00
C SER G 485 -45.29 24.82 30.93
N ASP G 486 -46.20 23.97 30.44
CA ASP G 486 -47.58 24.42 30.29
C ASP G 486 -48.27 24.59 31.64
N GLU G 487 -47.94 23.74 32.63
CA GLU G 487 -48.55 23.93 33.94
C GLU G 487 -48.02 25.18 34.64
N LEU G 488 -46.75 25.52 34.43
CA LEU G 488 -46.23 26.80 34.93
C LEU G 488 -46.92 27.97 34.26
N LEU G 489 -47.18 27.87 32.94
CA LEU G 489 -47.90 28.92 32.26
C LEU G 489 -49.30 29.09 32.82
N SER G 490 -50.01 27.98 33.05
CA SER G 490 -51.35 28.06 33.61
C SER G 490 -51.33 28.62 35.03
N ALA G 491 -50.34 28.22 35.83
CA ALA G 491 -50.21 28.75 37.18
C ALA G 491 -49.96 30.26 37.15
N ILE G 492 -49.14 30.72 36.20
CA ILE G 492 -48.95 32.16 36.02
C ILE G 492 -50.27 32.82 35.68
N GLN H 1 34.76 -25.04 12.50
CA GLN H 1 36.00 -24.29 12.43
C GLN H 1 36.04 -23.20 13.50
N ILE H 2 35.08 -23.26 14.43
CA ILE H 2 35.01 -22.28 15.50
C ILE H 2 36.02 -22.65 16.58
N GLN H 3 36.90 -21.71 16.91
CA GLN H 3 37.96 -21.93 17.89
C GLN H 3 37.78 -20.96 19.05
N LEU H 4 37.69 -21.48 20.29
CA LEU H 4 37.62 -20.64 21.52
C LEU H 4 38.97 -20.84 22.26
N VAL H 5 39.78 -19.79 22.55
CA VAL H 5 41.09 -19.82 23.19
C VAL H 5 40.99 -19.10 24.52
N GLN H 6 41.47 -19.76 25.58
CA GLN H 6 41.46 -19.22 26.93
C GLN H 6 42.89 -18.80 27.31
N SER H 7 43.02 -18.30 28.53
CA SER H 7 44.31 -17.83 29.05
C SER H 7 45.14 -19.01 29.53
N GLY H 8 46.23 -18.72 30.24
CA GLY H 8 47.11 -19.75 30.74
C GLY H 8 46.89 -20.09 32.19
N PRO H 9 47.57 -21.13 32.67
CA PRO H 9 47.42 -21.54 34.08
C PRO H 9 48.08 -20.55 35.02
N GLU H 10 47.65 -20.60 36.28
CA GLU H 10 48.18 -19.73 37.32
C GLU H 10 48.39 -20.51 38.60
N LEU H 11 49.36 -20.07 39.40
CA LEU H 11 49.62 -20.62 40.72
C LEU H 11 49.85 -19.45 41.67
N LYS H 12 48.93 -19.25 42.61
CA LYS H 12 48.92 -18.06 43.44
C LYS H 12 48.47 -18.45 44.85
N LYS H 13 48.16 -17.43 45.66
CA LYS H 13 47.88 -17.61 47.08
C LYS H 13 46.47 -17.11 47.38
N PRO H 14 45.85 -17.63 48.46
CA PRO H 14 44.49 -17.20 48.80
C PRO H 14 44.44 -15.73 49.18
N GLY H 15 43.28 -15.12 48.93
CA GLY H 15 43.04 -13.73 49.25
C GLY H 15 43.26 -12.76 48.11
N ALA H 16 43.90 -13.18 47.03
CA ALA H 16 44.16 -12.31 45.89
C ALA H 16 43.14 -12.57 44.79
N SER H 17 43.41 -12.06 43.60
CA SER H 17 42.45 -12.04 42.50
C SER H 17 43.02 -12.78 41.28
N VAL H 18 42.18 -13.57 40.64
CA VAL H 18 42.55 -14.35 39.45
C VAL H 18 41.79 -13.79 38.26
N LYS H 19 42.50 -13.55 37.17
CA LYS H 19 41.91 -13.09 35.91
C LYS H 19 42.12 -14.17 34.86
N ILE H 20 41.02 -14.76 34.40
CA ILE H 20 41.03 -15.78 33.35
C ILE H 20 40.13 -15.31 32.21
N SER H 21 40.67 -15.32 30.99
CA SER H 21 40.00 -14.74 29.84
C SER H 21 39.86 -15.77 28.73
N CYS H 22 38.70 -15.75 28.07
CA CYS H 22 38.42 -16.57 26.89
C CYS H 22 38.14 -15.67 25.71
N LYS H 23 38.80 -15.95 24.58
CA LYS H 23 38.63 -15.19 23.35
C LYS H 23 37.95 -16.06 22.31
N ALA H 24 36.89 -15.54 21.70
CA ALA H 24 36.09 -16.28 20.72
C ALA H 24 36.39 -15.73 19.33
N SER H 25 36.78 -16.62 18.42
CA SER H 25 37.07 -16.25 17.04
C SER H 25 36.40 -17.24 16.10
N GLY H 26 35.77 -16.72 15.05
CA GLY H 26 35.10 -17.55 14.07
C GLY H 26 33.67 -17.14 13.81
N TYR H 27 33.15 -16.25 14.65
CA TYR H 27 31.76 -15.80 14.52
C TYR H 27 31.65 -14.41 15.15
N THR H 28 30.57 -13.73 14.81
CA THR H 28 30.30 -12.43 15.41
C THR H 28 29.95 -12.60 16.88
N PHE H 29 30.62 -11.83 17.74
CA PHE H 29 30.56 -12.03 19.18
C PHE H 29 29.28 -11.51 19.82
N THR H 30 28.46 -10.74 19.08
CA THR H 30 27.32 -10.09 19.70
C THR H 30 26.23 -11.08 20.11
N ASP H 31 25.88 -12.00 19.21
CA ASP H 31 24.71 -12.85 19.43
C ASP H 31 24.99 -13.96 20.44
N TYR H 32 25.97 -14.81 20.13
CA TYR H 32 26.24 -15.97 20.98
C TYR H 32 26.71 -15.53 22.37
N SER H 33 26.12 -16.12 23.39
CA SER H 33 26.42 -15.77 24.77
C SER H 33 27.54 -16.64 25.31
N MET H 34 28.18 -16.15 26.37
CA MET H 34 29.29 -16.84 27.01
C MET H 34 28.82 -17.54 28.27
N HIS H 35 29.20 -18.81 28.41
CA HIS H 35 28.83 -19.62 29.56
C HIS H 35 30.09 -20.16 30.24
N TRP H 36 30.08 -20.18 31.56
CA TRP H 36 31.24 -20.53 32.37
C TRP H 36 30.93 -21.77 33.20
N LEU H 37 31.88 -22.70 33.25
CA LEU H 37 31.70 -23.97 33.94
C LEU H 37 32.81 -24.20 34.95
N LYS H 38 32.50 -24.95 36.01
CA LYS H 38 33.45 -25.34 37.03
C LYS H 38 33.71 -26.84 36.97
N GLN H 39 34.96 -27.22 37.21
CA GLN H 39 35.34 -28.61 37.38
C GLN H 39 36.08 -28.76 38.70
N ALA H 40 35.49 -29.50 39.63
CA ALA H 40 36.15 -29.79 40.88
C ALA H 40 37.21 -30.88 40.67
N PRO H 41 38.26 -30.91 41.49
CA PRO H 41 39.31 -31.92 41.28
C PRO H 41 38.81 -33.33 41.58
N GLY H 42 38.62 -34.12 40.53
CA GLY H 42 38.14 -35.47 40.66
C GLY H 42 36.63 -35.62 40.69
N LYS H 43 35.89 -34.53 40.91
CA LYS H 43 34.44 -34.58 40.99
C LYS H 43 33.83 -34.26 39.62
N GLY H 44 32.52 -34.02 39.59
CA GLY H 44 31.82 -33.70 38.36
C GLY H 44 32.04 -32.27 37.91
N LEU H 45 31.20 -31.80 36.99
CA LEU H 45 31.32 -30.47 36.42
C LEU H 45 30.16 -29.60 36.91
N LYS H 46 30.49 -28.50 37.59
CA LYS H 46 29.49 -27.53 38.01
C LYS H 46 29.18 -26.56 36.86
N TRP H 47 28.21 -25.68 37.10
CA TRP H 47 27.80 -24.67 36.14
C TRP H 47 27.68 -23.33 36.83
N MET H 48 28.50 -22.36 36.43
CA MET H 48 28.45 -21.03 37.02
C MET H 48 27.16 -20.30 36.64
N GLY H 49 26.97 -20.06 35.34
CA GLY H 49 25.93 -19.18 34.89
C GLY H 49 26.23 -18.72 33.48
N TRP H 50 25.72 -17.55 33.13
CA TRP H 50 25.94 -16.99 31.80
C TRP H 50 26.15 -15.48 31.89
N ILE H 51 26.93 -14.97 30.93
CA ILE H 51 27.07 -13.53 30.71
C ILE H 51 26.73 -13.27 29.25
N THR H 52 25.81 -12.33 29.02
CA THR H 52 25.35 -12.05 27.67
C THR H 52 26.36 -11.16 26.96
N THR H 53 26.82 -11.60 25.79
CA THR H 53 27.79 -10.86 25.01
C THR H 53 27.16 -9.79 24.13
N GLU H 54 25.91 -9.40 24.42
CA GLU H 54 25.23 -8.32 23.71
C GLU H 54 25.03 -7.10 24.59
N THR H 55 24.54 -7.30 25.82
CA THR H 55 24.33 -6.21 26.77
C THR H 55 25.36 -6.22 27.89
N GLY H 56 25.49 -7.34 28.60
CA GLY H 56 26.46 -7.44 29.68
C GLY H 56 25.85 -7.67 31.04
N GLU H 57 24.70 -8.32 31.08
CA GLU H 57 24.02 -8.60 32.33
C GLU H 57 24.18 -10.07 32.68
N PRO H 58 24.96 -10.42 33.70
CA PRO H 58 25.13 -11.83 34.06
C PRO H 58 24.12 -12.30 35.10
N THR H 59 23.93 -13.62 35.12
CA THR H 59 23.05 -14.28 36.09
C THR H 59 23.82 -15.45 36.70
N TYR H 60 23.75 -15.57 38.01
CA TYR H 60 24.63 -16.45 38.76
C TYR H 60 23.83 -17.56 39.44
N ALA H 61 24.40 -18.77 39.46
CA ALA H 61 23.82 -19.84 40.24
C ALA H 61 23.97 -19.56 41.73
N ASP H 62 23.01 -20.05 42.52
CA ASP H 62 22.99 -19.75 43.95
C ASP H 62 24.26 -20.23 44.64
N ASP H 63 24.88 -21.29 44.12
CA ASP H 63 26.13 -21.77 44.70
C ASP H 63 27.26 -20.77 44.50
N PHE H 64 27.30 -20.12 43.33
CA PHE H 64 28.45 -19.32 42.91
C PHE H 64 28.14 -17.82 42.92
N LYS H 65 27.43 -17.35 43.95
CA LYS H 65 27.14 -15.94 44.11
C LYS H 65 28.03 -15.33 45.19
N GLY H 66 28.49 -14.11 44.94
CA GLY H 66 29.23 -13.36 45.95
C GLY H 66 30.67 -13.06 45.64
N ARG H 67 31.38 -14.02 45.04
CA ARG H 67 32.81 -13.89 44.82
C ARG H 67 33.24 -13.90 43.36
N PHE H 68 32.42 -14.41 42.45
CA PHE H 68 32.78 -14.54 41.04
C PHE H 68 32.02 -13.52 40.20
N ALA H 69 32.69 -12.98 39.18
CA ALA H 69 32.07 -12.02 38.29
C ALA H 69 32.77 -12.08 36.94
N PHE H 70 31.97 -12.16 35.87
CA PHE H 70 32.49 -12.13 34.51
C PHE H 70 32.23 -10.77 33.87
N SER H 71 33.23 -10.27 33.15
CA SER H 71 33.09 -9.05 32.36
C SER H 71 33.71 -9.30 30.99
N LEU H 72 33.21 -8.58 29.98
CA LEU H 72 33.63 -8.81 28.61
C LEU H 72 33.88 -7.49 27.90
N ASP H 73 34.73 -7.55 26.89
CA ASP H 73 35.02 -6.41 26.02
C ASP H 73 34.69 -6.84 24.59
N THR H 74 33.52 -6.41 24.10
CA THR H 74 33.08 -6.83 22.78
C THR H 74 33.99 -6.32 21.67
N SER H 75 34.69 -5.21 21.91
CA SER H 75 35.61 -4.69 20.90
C SER H 75 36.77 -5.65 20.66
N ALA H 76 37.30 -6.23 21.73
CA ALA H 76 38.43 -7.16 21.63
C ALA H 76 38.00 -8.60 21.43
N SER H 77 36.69 -8.87 21.40
CA SER H 77 36.15 -10.23 21.28
C SER H 77 36.73 -11.15 22.34
N THR H 78 36.83 -10.64 23.57
CA THR H 78 37.35 -11.38 24.70
C THR H 78 36.44 -11.20 25.91
N ALA H 79 36.22 -12.29 26.64
CA ALA H 79 35.47 -12.27 27.88
C ALA H 79 36.33 -12.87 28.98
N TYR H 80 36.45 -12.17 30.11
CA TYR H 80 37.32 -12.59 31.19
C TYR H 80 36.57 -12.66 32.51
N LEU H 81 37.02 -13.57 33.37
CA LEU H 81 36.46 -13.76 34.70
C LEU H 81 37.45 -13.30 35.76
N GLN H 82 36.98 -12.48 36.68
CA GLN H 82 37.77 -12.00 37.81
C GLN H 82 37.30 -12.70 39.07
N ILE H 83 38.23 -13.35 39.76
CA ILE H 83 37.92 -14.19 40.92
C ILE H 83 38.60 -13.55 42.12
N SER H 84 37.88 -12.72 42.85
CA SER H 84 38.37 -12.11 44.07
C SER H 84 37.99 -12.95 45.29
N SER H 85 38.69 -12.71 46.39
CA SER H 85 38.49 -13.44 47.65
C SER H 85 38.67 -14.95 47.42
N LEU H 86 39.89 -15.30 47.05
CA LEU H 86 40.23 -16.68 46.71
C LEU H 86 40.15 -17.58 47.94
N LYS H 87 39.48 -18.72 47.79
CA LYS H 87 39.44 -19.77 48.80
C LYS H 87 40.22 -20.99 48.30
N ALA H 88 40.56 -21.87 49.24
CA ALA H 88 41.28 -23.08 48.90
C ALA H 88 40.46 -24.02 48.02
N GLU H 89 39.14 -23.84 47.98
CA GLU H 89 38.27 -24.65 47.14
C GLU H 89 38.34 -24.25 45.68
N ASP H 90 39.05 -23.16 45.35
CA ASP H 90 39.12 -22.69 43.97
C ASP H 90 39.95 -23.59 43.07
N THR H 91 40.65 -24.58 43.62
CA THR H 91 41.43 -25.50 42.80
C THR H 91 40.53 -26.25 41.83
N GLY H 92 40.99 -26.36 40.60
CA GLY H 92 40.24 -27.04 39.56
C GLY H 92 40.57 -26.45 38.20
N VAL H 93 39.61 -26.57 37.28
CA VAL H 93 39.75 -26.11 35.91
C VAL H 93 38.59 -25.19 35.58
N TYR H 94 38.79 -24.33 34.59
CA TYR H 94 37.79 -23.38 34.14
C TYR H 94 37.52 -23.59 32.66
N PHE H 95 36.25 -23.46 32.27
CA PHE H 95 35.82 -23.71 30.89
C PHE H 95 34.91 -22.59 30.41
N CYS H 96 35.14 -22.14 29.17
CA CYS H 96 34.28 -21.19 28.49
C CYS H 96 33.54 -21.92 27.38
N ALA H 97 32.22 -21.73 27.32
CA ALA H 97 31.38 -22.53 26.45
C ALA H 97 30.28 -21.69 25.83
N ARG H 98 29.73 -22.19 24.73
CA ARG H 98 28.62 -21.56 24.03
C ARG H 98 27.66 -22.65 23.55
N TYR H 99 26.50 -22.21 23.06
CA TYR H 99 25.44 -23.12 22.60
C TYR H 99 25.65 -23.39 21.12
N TYR H 100 26.03 -24.62 20.78
CA TYR H 100 26.29 -25.03 19.40
C TYR H 100 25.38 -26.21 19.06
N TYR H 101 24.19 -25.90 18.54
CA TYR H 101 23.25 -26.90 18.03
C TYR H 101 22.92 -27.96 19.09
N GLY H 102 22.32 -27.50 20.18
CA GLY H 102 21.96 -28.38 21.27
C GLY H 102 22.86 -28.22 22.47
N PRO H 103 23.78 -29.16 22.64
CA PRO H 103 24.67 -29.12 23.81
C PRO H 103 25.69 -27.98 23.75
N PHE H 104 26.55 -27.91 24.76
CA PHE H 104 27.57 -26.89 24.83
C PHE H 104 28.77 -27.25 23.95
N TYR H 105 29.71 -26.30 23.84
CA TYR H 105 30.96 -26.49 23.14
C TYR H 105 32.03 -25.79 23.96
N TRP H 106 32.90 -26.58 24.59
CA TRP H 106 33.91 -26.05 25.50
C TRP H 106 35.28 -26.02 24.84
N GLY H 107 36.04 -24.96 25.17
CA GLY H 107 37.42 -24.87 24.75
C GLY H 107 38.36 -25.59 25.71
N GLN H 108 39.65 -25.41 25.49
CA GLN H 108 40.64 -26.08 26.31
C GLN H 108 40.60 -25.55 27.76
N GLY H 109 40.97 -26.43 28.69
CA GLY H 109 40.92 -26.10 30.09
C GLY H 109 42.13 -25.29 30.56
N THR H 110 41.92 -24.55 31.64
CA THR H 110 42.97 -23.75 32.27
C THR H 110 43.08 -24.18 33.72
N LEU H 111 44.15 -24.92 34.04
CA LEU H 111 44.34 -25.40 35.40
C LEU H 111 44.63 -24.25 36.35
N VAL H 112 43.88 -24.16 37.43
CA VAL H 112 44.16 -23.16 38.48
C VAL H 112 44.62 -23.95 39.71
N THR H 113 45.78 -23.61 40.32
CA THR H 113 46.36 -24.23 41.51
C THR H 113 46.49 -23.21 42.61
N VAL H 114 46.15 -23.62 43.84
CA VAL H 114 46.19 -22.75 45.01
C VAL H 114 47.26 -23.28 45.95
N SER H 115 48.24 -22.43 46.25
CA SER H 115 49.33 -22.77 47.14
C SER H 115 49.17 -22.03 48.47
N SER H 116 50.13 -22.24 49.37
CA SER H 116 50.10 -21.61 50.68
C SER H 116 51.50 -21.18 51.10
N ASP I 1 15.35 -27.29 40.34
CA ASP I 1 16.52 -27.98 39.82
C ASP I 1 16.20 -29.45 39.52
N ILE I 2 16.84 -29.99 38.48
CA ILE I 2 16.65 -31.37 38.09
C ILE I 2 17.99 -32.09 38.29
N GLN I 3 18.01 -33.04 39.22
CA GLN I 3 19.22 -33.78 39.50
C GLN I 3 19.33 -34.99 38.58
N MET I 4 20.53 -35.22 38.07
CA MET I 4 20.78 -36.29 37.10
C MET I 4 21.91 -37.17 37.61
N THR I 5 21.66 -38.48 37.68
CA THR I 5 22.61 -39.44 38.19
C THR I 5 22.81 -40.56 37.18
N GLN I 6 23.96 -41.22 37.27
CA GLN I 6 24.32 -42.34 36.41
C GLN I 6 24.51 -43.60 37.23
N SER I 7 23.94 -44.71 36.77
CA SER I 7 24.07 -45.97 37.50
C SER I 7 25.47 -46.54 37.40
N PRO I 8 26.05 -46.76 36.22
CA PRO I 8 27.42 -47.33 36.19
C PRO I 8 28.50 -46.28 36.42
N SER I 9 28.76 -46.00 37.70
CA SER I 9 29.77 -45.00 38.05
C SER I 9 31.16 -45.44 37.59
N SER I 10 31.48 -46.73 37.75
CA SER I 10 32.75 -47.28 37.29
C SER I 10 32.45 -48.47 36.39
N LEU I 11 32.99 -48.44 35.18
CA LEU I 11 32.77 -49.48 34.18
C LEU I 11 34.09 -49.93 33.59
N SER I 12 34.24 -51.24 33.40
CA SER I 12 35.44 -51.82 32.82
C SER I 12 35.00 -52.94 31.88
N ALA I 13 35.24 -52.77 30.59
CA ALA I 13 34.82 -53.71 29.57
C ALA I 13 35.99 -54.14 28.71
N SER I 14 35.77 -55.20 27.93
CA SER I 14 36.78 -55.73 27.03
C SER I 14 36.77 -54.95 25.72
N VAL I 15 37.52 -55.44 24.73
CA VAL I 15 37.61 -54.76 23.44
C VAL I 15 36.40 -55.03 22.55
N GLY I 16 35.66 -56.10 22.80
CA GLY I 16 34.52 -56.42 21.97
C GLY I 16 33.21 -56.48 22.73
N ASP I 17 33.02 -55.58 23.68
CA ASP I 17 31.82 -55.54 24.51
C ASP I 17 30.85 -54.47 24.01
N ARG I 18 29.57 -54.70 24.27
CA ARG I 18 28.51 -53.75 23.97
C ARG I 18 28.05 -53.17 25.31
N VAL I 19 28.56 -51.98 25.63
CA VAL I 19 28.35 -51.39 26.95
C VAL I 19 27.14 -50.46 26.89
N THR I 20 26.49 -50.31 28.03
CA THR I 20 25.25 -49.55 28.11
C THR I 20 25.29 -48.64 29.33
N ILE I 21 24.99 -47.37 29.12
CA ILE I 21 25.03 -46.35 30.18
C ILE I 21 23.66 -45.68 30.25
N THR I 22 23.11 -45.58 31.46
CA THR I 22 21.80 -45.02 31.69
C THR I 22 21.89 -43.79 32.58
N CYS I 23 21.04 -42.79 32.32
CA CYS I 23 20.91 -41.60 33.14
C CYS I 23 19.45 -41.40 33.53
N ARG I 24 19.25 -41.00 34.78
CA ARG I 24 17.92 -40.70 35.30
C ARG I 24 17.81 -39.22 35.63
N SER I 25 16.56 -38.76 35.73
CA SER I 25 16.27 -37.36 36.02
C SER I 25 15.20 -37.26 37.10
N SER I 26 15.35 -36.27 37.97
CA SER I 26 14.34 -36.03 39.00
C SER I 26 13.01 -35.61 38.37
N GLY I 27 13.06 -34.76 37.34
CA GLY I 27 11.88 -34.33 36.64
C GLY I 27 11.76 -34.96 35.27
N ASN I 28 10.78 -34.48 34.51
CA ASN I 28 10.50 -34.96 33.17
C ASN I 28 11.10 -33.98 32.17
N ILE I 29 11.98 -34.47 31.30
CA ILE I 29 12.59 -33.67 30.25
C ILE I 29 12.31 -34.33 28.91
N HIS I 30 11.70 -33.58 28.00
CA HIS I 30 11.40 -34.08 26.66
C HIS I 30 12.71 -34.08 25.87
N ASN I 31 13.36 -35.23 25.80
CA ASN I 31 14.68 -35.39 25.17
C ASN I 31 15.62 -34.42 25.90
N PHE I 32 16.30 -33.51 25.19
CA PHE I 32 17.12 -32.47 25.82
C PHE I 32 18.23 -33.06 26.69
N LEU I 33 18.81 -34.19 26.26
CA LEU I 33 19.88 -34.85 26.99
C LEU I 33 21.05 -35.09 26.04
N THR I 34 22.26 -34.93 26.57
CA THR I 34 23.48 -35.14 25.79
C THR I 34 24.54 -35.76 26.67
N TRP I 35 25.60 -36.25 26.04
CA TRP I 35 26.72 -36.87 26.73
C TRP I 35 28.02 -36.21 26.29
N TYR I 36 29.06 -36.39 27.10
CA TYR I 36 30.38 -35.86 26.81
C TYR I 36 31.43 -36.93 27.06
N GLN I 37 32.51 -36.88 26.29
CA GLN I 37 33.60 -37.85 26.35
C GLN I 37 34.84 -37.12 26.87
N GLN I 38 35.04 -37.17 28.18
CA GLN I 38 36.17 -36.49 28.82
C GLN I 38 37.42 -37.34 28.69
N LYS I 39 38.41 -36.83 27.95
CA LYS I 39 39.73 -37.43 27.94
C LYS I 39 40.54 -36.89 29.11
N PRO I 40 41.40 -37.72 29.71
CA PRO I 40 42.22 -37.24 30.84
C PRO I 40 43.17 -36.14 30.40
N GLY I 41 43.12 -35.02 31.13
CA GLY I 41 43.98 -33.89 30.81
C GLY I 41 43.68 -33.25 29.48
N LYS I 42 42.41 -33.10 29.14
CA LYS I 42 42.01 -32.47 27.88
C LYS I 42 40.61 -31.89 28.05
N SER I 43 40.04 -31.39 26.96
CA SER I 43 38.71 -30.78 26.96
C SER I 43 37.71 -31.69 26.27
N PRO I 44 36.65 -32.09 26.96
CA PRO I 44 35.67 -33.00 26.35
C PRO I 44 34.84 -32.31 25.28
N GLN I 45 34.26 -33.13 24.41
CA GLN I 45 33.41 -32.67 23.33
C GLN I 45 32.14 -33.51 23.29
N PHE I 46 31.08 -32.94 22.76
CA PHE I 46 29.82 -33.66 22.64
C PHE I 46 29.93 -34.74 21.55
N LEU I 47 29.04 -35.73 21.65
CA LEU I 47 28.95 -36.78 20.64
C LEU I 47 27.53 -37.10 20.20
N VAL I 48 26.50 -36.74 20.98
CA VAL I 48 25.12 -36.97 20.61
C VAL I 48 24.38 -35.65 20.79
N TYR I 49 23.78 -35.13 19.71
CA TYR I 49 23.12 -33.83 19.77
C TYR I 49 21.94 -33.86 20.74
N ASN I 50 21.03 -34.81 20.55
CA ASN I 50 19.88 -34.98 21.43
C ASN I 50 19.84 -36.43 21.89
N ALA I 51 18.71 -36.85 22.48
CA ALA I 51 18.62 -38.23 22.98
C ALA I 51 18.88 -39.26 21.89
N LYS I 52 18.57 -38.96 20.62
CA LYS I 52 18.72 -39.95 19.57
C LYS I 52 19.30 -39.38 18.28
N THR I 53 20.19 -38.39 18.38
CA THR I 53 20.85 -37.82 17.20
C THR I 53 22.35 -37.71 17.47
N LEU I 54 23.13 -38.62 16.88
CA LEU I 54 24.57 -38.60 17.05
C LEU I 54 25.17 -37.37 16.36
N ALA I 55 26.29 -36.91 16.90
CA ALA I 55 26.95 -35.73 16.35
C ALA I 55 27.82 -36.10 15.15
N ASP I 56 28.11 -35.09 14.34
CA ASP I 56 28.97 -35.28 13.18
C ASP I 56 30.40 -35.56 13.61
N GLY I 57 31.05 -36.47 12.90
CA GLY I 57 32.42 -36.87 13.22
C GLY I 57 32.54 -37.94 14.26
N VAL I 58 31.43 -38.39 14.85
CA VAL I 58 31.44 -39.45 15.86
C VAL I 58 31.21 -40.77 15.14
N PRO I 59 31.94 -41.84 15.50
CA PRO I 59 31.71 -43.14 14.86
C PRO I 59 30.28 -43.62 15.08
N SER I 60 29.77 -44.34 14.09
CA SER I 60 28.38 -44.80 14.10
C SER I 60 28.11 -45.80 15.23
N ARG I 61 29.14 -46.33 15.87
CA ARG I 61 28.93 -47.24 16.99
C ARG I 61 28.15 -46.56 18.12
N PHE I 62 28.33 -45.25 18.22
CA PHE I 62 27.61 -44.50 19.28
C PHE I 62 26.20 -44.20 18.76
N SER I 63 25.24 -44.11 19.67
CA SER I 63 23.83 -43.82 19.31
C SER I 63 23.03 -43.80 20.61
N GLY I 64 21.85 -43.20 20.61
CA GLY I 64 21.14 -43.08 21.88
C GLY I 64 19.65 -43.27 21.70
N SER I 65 18.95 -43.50 22.80
CA SER I 65 17.50 -43.64 22.74
C SER I 65 16.92 -43.33 24.10
N GLY I 66 15.64 -42.98 24.12
CA GLY I 66 14.94 -42.68 25.36
C GLY I 66 14.32 -41.30 25.37
N SER I 67 13.23 -41.16 26.12
CA SER I 67 12.55 -39.88 26.26
C SER I 67 11.88 -39.83 27.63
N GLY I 68 11.63 -38.61 28.10
CA GLY I 68 10.99 -38.43 29.38
C GLY I 68 11.96 -38.37 30.54
N THR I 69 12.14 -39.49 31.23
CA THR I 69 13.04 -39.58 32.37
C THR I 69 14.20 -40.54 32.16
N GLN I 70 13.97 -41.68 31.53
CA GLN I 70 15.01 -42.68 31.31
C GLN I 70 15.66 -42.45 29.95
N PHE I 71 16.98 -42.32 29.94
CA PHE I 71 17.75 -42.15 28.73
C PHE I 71 18.96 -43.07 28.79
N THR I 72 19.41 -43.53 27.62
CA THR I 72 20.39 -44.60 27.59
C THR I 72 21.13 -44.55 26.25
N LEU I 73 22.45 -44.75 26.31
CA LEU I 73 23.27 -44.82 25.12
C LEU I 73 23.36 -46.25 24.59
N THR I 74 23.80 -46.36 23.34
CA THR I 74 24.06 -47.65 22.70
C THR I 74 25.43 -47.56 22.03
N ILE I 75 26.33 -48.47 22.40
CA ILE I 75 27.64 -48.57 21.78
C ILE I 75 27.72 -49.93 21.09
N SER I 76 27.86 -49.92 19.76
CA SER I 76 27.88 -51.16 19.01
C SER I 76 29.11 -51.99 19.33
N SER I 77 30.28 -51.36 19.42
CA SER I 77 31.52 -52.09 19.69
C SER I 77 32.53 -51.15 20.31
N LEU I 78 33.15 -51.58 21.40
CA LEU I 78 34.21 -50.81 22.04
C LEU I 78 35.44 -50.79 21.15
N GLN I 79 36.11 -49.64 21.09
CA GLN I 79 37.31 -49.50 20.31
C GLN I 79 38.35 -48.84 21.21
N PRO I 80 39.56 -49.43 21.31
CA PRO I 80 40.54 -48.92 22.29
C PRO I 80 40.89 -47.44 22.14
N GLU I 81 40.68 -46.82 20.97
CA GLU I 81 40.88 -45.38 20.88
C GLU I 81 39.86 -44.60 21.68
N ASP I 82 38.77 -45.23 22.12
CA ASP I 82 37.71 -44.58 22.87
C ASP I 82 37.81 -45.00 24.33
N PHE I 83 38.22 -44.07 25.18
CA PHE I 83 38.35 -44.33 26.61
C PHE I 83 38.40 -43.00 27.34
N GLY I 84 37.80 -42.95 28.53
CA GLY I 84 37.78 -41.72 29.30
C GLY I 84 36.67 -41.74 30.34
N ILE I 85 36.15 -40.55 30.63
CA ILE I 85 35.06 -40.37 31.58
C ILE I 85 33.86 -39.80 30.82
N TYR I 86 32.70 -40.42 31.00
CA TYR I 86 31.48 -40.03 30.31
C TYR I 86 30.54 -39.37 31.30
N TYR I 87 30.00 -38.21 30.94
CA TYR I 87 29.03 -37.50 31.75
C TYR I 87 27.81 -37.18 30.91
N CYS I 88 26.66 -37.07 31.58
CA CYS I 88 25.41 -36.73 30.93
C CYS I 88 24.82 -35.48 31.58
N GLN I 89 24.23 -34.61 30.76
CA GLN I 89 23.80 -33.30 31.21
C GLN I 89 22.60 -32.86 30.39
N HIS I 90 21.56 -32.39 31.08
CA HIS I 90 20.38 -31.88 30.42
C HIS I 90 20.51 -30.38 30.13
N PHE I 91 19.65 -29.89 29.25
CA PHE I 91 19.57 -28.46 28.98
C PHE I 91 18.11 -28.02 28.88
N TRP I 92 17.26 -28.55 29.75
CA TRP I 92 15.86 -28.15 29.77
C TRP I 92 15.70 -26.72 30.27
N THR I 93 16.39 -26.37 31.35
CA THR I 93 16.31 -25.03 31.90
C THR I 93 17.47 -24.81 32.85
N THR I 94 17.74 -23.55 33.16
CA THR I 94 18.74 -23.21 34.15
C THR I 94 18.21 -23.52 35.55
N PRO I 95 19.05 -23.99 36.47
CA PRO I 95 20.49 -24.23 36.34
C PRO I 95 20.80 -25.54 35.63
N TYR I 96 22.05 -25.74 35.22
CA TYR I 96 22.46 -26.87 34.42
C TYR I 96 23.22 -27.86 35.30
N THR I 97 22.81 -29.13 35.28
CA THR I 97 23.36 -30.14 36.16
C THR I 97 23.94 -31.29 35.36
N PHE I 98 25.08 -31.80 35.81
CA PHE I 98 25.74 -32.94 35.19
C PHE I 98 25.55 -34.18 36.05
N GLY I 99 26.05 -35.31 35.54
CA GLY I 99 26.01 -36.57 36.23
C GLY I 99 27.22 -36.79 37.12
N GLY I 100 27.37 -38.04 37.56
CA GLY I 100 28.49 -38.43 38.40
C GLY I 100 29.76 -38.82 37.67
N GLY I 101 29.68 -39.04 36.35
CA GLY I 101 30.85 -39.41 35.58
C GLY I 101 31.00 -40.91 35.38
N THR I 102 30.87 -41.37 34.15
CA THR I 102 31.03 -42.78 33.81
C THR I 102 32.49 -43.01 33.44
N LYS I 103 33.26 -43.53 34.39
CA LYS I 103 34.69 -43.80 34.18
C LYS I 103 34.82 -45.17 33.53
N VAL I 104 34.78 -45.19 32.20
CA VAL I 104 34.91 -46.44 31.46
C VAL I 104 36.37 -46.85 31.45
N GLU I 105 36.62 -48.15 31.57
CA GLU I 105 37.97 -48.71 31.64
C GLU I 105 38.10 -49.85 30.64
N ILE I 106 39.24 -50.54 30.69
CA ILE I 106 39.52 -51.68 29.84
C ILE I 106 39.68 -52.91 30.73
N LYS I 107 38.97 -53.98 30.39
CA LYS I 107 39.03 -55.22 31.18
C LYS I 107 40.41 -55.87 31.08
#